data_5XXO
#
_entry.id   5XXO
#
_cell.length_a   82.062
_cell.length_b   167.887
_cell.length_c   225.450
_cell.angle_alpha   90.00
_cell.angle_beta   90.00
_cell.angle_gamma   90.00
#
_symmetry.space_group_name_H-M   'C 2 2 21'
#
loop_
_entity.id
_entity.type
_entity.pdbx_description
1 polymer 'Periplasmic beta-glucosidase'
2 branched beta-D-glucopyranose-(1-2)-beta-D-glucopyranose-(1-2)-beta-D-glucopyranose
3 non-polymer 'MAGNESIUM ION'
4 non-polymer beta-D-glucopyranose
5 non-polymer DI(HYDROXYETHYL)ETHER
6 non-polymer 'TETRAETHYLENE GLYCOL'
7 water water
#
_entity_poly.entity_id   1
_entity_poly.type   'polypeptide(L)'
_entity_poly.pdbx_seq_one_letter_code
;MAAQKSPQDMDRFIDALMKKMTVEEKIGQLNLPVTGEITTGQAKSSDIAAKIKRGEVGGLFNLKGVEKIRDVQKQAVEQS
RLGIPLLFGMDVIHGYETMFPIPLGLSCTWDMTAIEESARIAAIEASADGISWTFSPMVDISRDPRWGRVSEGSGEDPFL
GAMIAEAMVLGYQGKDMQRNDEIMACVKHFALYGAGEGGRDYNTVDMSRQRMFNEYMLPYEAAVEAGVGSVMASFNEVDG
VPATANKWLMTDVLRGQWGFNGFVVTNYTGISEMIDHGIGDLQTVSARAINAGVDMDMVSEGFVSTLKKSIQEGKVSMET
LNTACRRILEAKYKLGLFDNPYKYCDLKRPARDIFTKAHRDAARRIAAESFVLLKNDNVTLRPGTPAEPLLPFNPKGNIA
VIGPLADSRTNMPGTWSVAAVLDRCPSLVEGLKEMTAGKANILYAKGSNLISDASYEERATMFGRSLNRDNRTDEQLLNE
ALTVANQSDIIIAALGESSEMSGESSSRTDLNIPDVQQNLLKELLKTGKPVVLVLFTGRPLTLTWEQEHVPAILNVWFGG
SEAAYAIGDALFGYVNPGGKLTMSFPKNVGQIPLYYAHKNTGRPLAQGKWFEKFRSNYLDVDNEPLYPFGYGLSYTTFSY
GDIDLSRSTIDMTGELTAAVMVTNTGTWPGSEVVQLYIRDLVGSTTRPVKELKGFQKIFLEPGQSEIVRFKIAPEMLRYY
NYDLQLVAEPGEFEVMIGTNSRDVKSARFTLKLEHHHHHH
;
_entity_poly.pdbx_strand_id   A,B
#
loop_
_chem_comp.id
_chem_comp.type
_chem_comp.name
_chem_comp.formula
BGC D-saccharide, beta linking beta-D-glucopyranose 'C6 H12 O6'
MG non-polymer 'MAGNESIUM ION' 'Mg 2'
PEG non-polymer DI(HYDROXYETHYL)ETHER 'C4 H10 O3'
PG4 non-polymer 'TETRAETHYLENE GLYCOL' 'C8 H18 O5'
#
# COMPACT_ATOMS: atom_id res chain seq x y z
N ASP A 9 46.33 -12.88 20.73
CA ASP A 9 45.18 -12.65 19.78
C ASP A 9 43.80 -13.05 20.33
N MET A 10 42.80 -12.56 19.62
CA MET A 10 41.43 -12.60 20.07
C MET A 10 40.94 -14.05 20.17
N ASP A 11 41.24 -14.85 19.16
CA ASP A 11 40.76 -16.25 19.12
C ASP A 11 41.27 -17.03 20.34
N ARG A 12 42.57 -16.94 20.64
CA ARG A 12 43.11 -17.60 21.86
C ARG A 12 42.42 -17.15 23.14
N PHE A 13 42.35 -15.83 23.30
CA PHE A 13 41.76 -15.25 24.49
C PHE A 13 40.31 -15.72 24.67
N ILE A 14 39.54 -15.68 23.58
CA ILE A 14 38.12 -16.06 23.65
C ILE A 14 37.91 -17.58 23.88
N ASP A 15 38.72 -18.43 23.23
CA ASP A 15 38.69 -19.90 23.51
C ASP A 15 38.89 -20.12 24.98
N ALA A 16 39.96 -19.51 25.51
CA ALA A 16 40.31 -19.66 26.91
C ALA A 16 39.16 -19.28 27.84
N LEU A 17 38.55 -18.13 27.55
CA LEU A 17 37.47 -17.64 28.39
C LEU A 17 36.28 -18.57 28.27
N MET A 18 35.98 -19.02 27.06
CA MET A 18 34.85 -19.93 26.86
C MET A 18 35.04 -21.32 27.48
N LYS A 19 36.29 -21.77 27.63
CA LYS A 19 36.55 -23.02 28.35
C LYS A 19 36.20 -22.96 29.85
N LYS A 20 36.16 -21.76 30.44
CA LYS A 20 35.77 -21.61 31.86
C LYS A 20 34.27 -21.52 32.12
N MET A 21 33.50 -21.24 31.08
N MET A 21 33.50 -21.24 31.08
CA MET A 21 32.12 -20.80 31.22
CA MET A 21 32.11 -20.87 31.24
C MET A 21 31.15 -21.98 31.33
C MET A 21 31.18 -22.04 31.37
N THR A 22 30.25 -21.92 32.30
CA THR A 22 29.13 -22.86 32.38
C THR A 22 28.16 -22.56 31.21
N VAL A 23 27.27 -23.49 30.93
CA VAL A 23 26.25 -23.27 29.91
C VAL A 23 25.46 -21.99 30.27
N GLU A 24 25.08 -21.87 31.54
CA GLU A 24 24.35 -20.71 32.07
C GLU A 24 25.05 -19.38 31.81
N GLU A 25 26.38 -19.40 31.94
CA GLU A 25 27.24 -18.24 31.70
C GLU A 25 27.33 -17.88 30.21
N LYS A 26 27.34 -18.89 29.35
CA LYS A 26 27.30 -18.67 27.89
C LYS A 26 25.96 -18.06 27.47
N ILE A 27 24.87 -18.60 28.00
CA ILE A 27 23.52 -18.09 27.76
C ILE A 27 23.40 -16.66 28.31
N GLY A 28 24.05 -16.39 29.45
CA GLY A 28 24.04 -15.07 30.07
C GLY A 28 24.59 -13.94 29.22
N GLN A 29 25.62 -14.23 28.44
CA GLN A 29 26.15 -13.27 27.47
C GLN A 29 25.15 -12.81 26.41
N LEU A 30 24.17 -13.66 26.12
CA LEU A 30 23.14 -13.39 25.14
C LEU A 30 21.96 -12.58 25.70
N ASN A 31 22.01 -12.22 26.98
CA ASN A 31 20.88 -11.60 27.66
C ASN A 31 21.07 -10.10 27.80
N LEU A 32 20.07 -9.33 27.37
CA LEU A 32 20.11 -7.86 27.36
C LEU A 32 18.86 -7.32 28.01
N PRO A 33 18.85 -7.25 29.35
CA PRO A 33 17.71 -6.64 30.05
C PRO A 33 17.70 -5.10 29.91
N VAL A 34 16.56 -4.49 30.19
CA VAL A 34 16.46 -3.02 30.12
C VAL A 34 16.46 -2.45 31.53
N THR A 35 16.98 -1.24 31.68
CA THR A 35 16.97 -0.53 32.95
C THR A 35 17.04 0.99 32.71
N GLY A 36 17.23 1.75 33.77
CA GLY A 36 17.40 3.21 33.69
C GLY A 36 16.10 3.99 33.74
N GLU A 37 16.19 5.28 33.43
CA GLU A 37 15.03 6.20 33.37
C GLU A 37 14.38 6.31 31.99
N ILE A 38 15.11 5.96 30.93
CA ILE A 38 14.59 6.03 29.56
C ILE A 38 13.53 4.93 29.27
N THR A 39 12.42 5.36 28.67
CA THR A 39 11.34 4.48 28.16
C THR A 39 11.35 4.41 26.62
N THR A 40 11.62 3.23 26.07
CA THR A 40 11.47 2.98 24.60
C THR A 40 10.60 1.73 24.27
N GLY A 41 9.80 1.29 25.22
CA GLY A 41 8.89 0.15 25.04
C GLY A 41 8.11 -0.12 26.32
N GLN A 42 7.28 -1.17 26.30
CA GLN A 42 6.34 -1.45 27.41
C GLN A 42 6.96 -2.32 28.53
N ALA A 43 7.56 -3.46 28.16
CA ALA A 43 8.07 -4.44 29.14
C ALA A 43 9.35 -3.97 29.86
N LYS A 44 9.45 -4.32 31.15
CA LYS A 44 10.55 -3.85 32.02
C LYS A 44 11.23 -5.03 32.75
N SER A 45 12.52 -4.88 33.05
CA SER A 45 13.35 -5.94 33.67
C SER A 45 13.44 -5.82 35.19
N SER A 46 13.56 -6.98 35.85
CA SER A 46 13.63 -7.08 37.31
C SER A 46 14.91 -7.82 37.76
N ASP A 47 15.38 -7.51 38.97
CA ASP A 47 16.40 -8.31 39.68
C ASP A 47 17.80 -8.27 39.02
N ILE A 48 18.21 -7.09 38.53
CA ILE A 48 19.36 -6.98 37.65
C ILE A 48 20.72 -7.17 38.36
N ALA A 49 20.87 -6.60 39.54
CA ALA A 49 22.10 -6.77 40.34
C ALA A 49 22.43 -8.24 40.61
N ALA A 50 21.43 -9.01 41.03
CA ALA A 50 21.62 -10.43 41.29
C ALA A 50 21.93 -11.20 40.00
N LYS A 51 21.22 -10.88 38.90
CA LYS A 51 21.53 -11.46 37.59
C LYS A 51 22.97 -11.21 37.13
N ILE A 52 23.46 -10.00 37.33
CA ILE A 52 24.87 -9.67 36.99
C ILE A 52 25.87 -10.50 37.83
N LYS A 53 25.64 -10.60 39.13
CA LYS A 53 26.45 -11.45 40.03
C LYS A 53 26.53 -12.91 39.56
N ARG A 54 25.41 -13.46 39.07
CA ARG A 54 25.38 -14.83 38.55
C ARG A 54 25.85 -14.97 37.10
N GLY A 55 26.39 -13.90 36.52
CA GLY A 55 26.84 -13.93 35.12
C GLY A 55 25.72 -14.05 34.08
N GLU A 56 24.49 -13.64 34.42
CA GLU A 56 23.34 -13.79 33.52
C GLU A 56 23.04 -12.56 32.63
N VAL A 57 23.98 -11.65 32.46
CA VAL A 57 23.73 -10.39 31.76
C VAL A 57 24.90 -10.07 30.87
N GLY A 58 24.63 -9.90 29.58
CA GLY A 58 25.67 -9.53 28.62
C GLY A 58 25.78 -8.04 28.34
N GLY A 59 24.68 -7.34 28.52
CA GLY A 59 24.67 -5.90 28.38
C GLY A 59 23.43 -5.33 29.02
N LEU A 60 23.39 -4.01 29.07
CA LEU A 60 22.21 -3.26 29.45
C LEU A 60 22.03 -2.12 28.45
N PHE A 61 20.81 -1.60 28.38
CA PHE A 61 20.55 -0.41 27.60
C PHE A 61 19.55 0.46 28.35
N ASN A 62 19.46 1.70 27.90
CA ASN A 62 18.61 2.76 28.48
C ASN A 62 19.06 3.31 29.84
N LEU A 63 20.25 2.92 30.31
CA LEU A 63 20.87 3.54 31.49
C LEU A 63 21.69 4.78 31.07
N LYS A 64 21.33 5.94 31.62
CA LYS A 64 22.01 7.21 31.33
C LYS A 64 22.88 7.64 32.52
N GLY A 65 24.13 7.96 32.24
CA GLY A 65 25.00 8.67 33.19
C GLY A 65 26.22 7.85 33.58
N VAL A 66 27.41 8.40 33.34
CA VAL A 66 28.69 7.70 33.54
C VAL A 66 28.86 7.13 34.97
N GLU A 67 28.33 7.84 35.95
CA GLU A 67 28.43 7.41 37.34
C GLU A 67 27.64 6.11 37.55
N LYS A 68 26.40 6.06 37.07
CA LYS A 68 25.58 4.84 37.19
C LYS A 68 26.15 3.68 36.39
N ILE A 69 26.62 3.99 35.19
CA ILE A 69 27.22 2.99 34.31
C ILE A 69 28.50 2.40 34.93
N ARG A 70 29.36 3.27 35.45
CA ARG A 70 30.57 2.81 36.16
C ARG A 70 30.24 1.83 37.30
N ASP A 71 29.26 2.17 38.14
CA ASP A 71 28.81 1.30 39.25
C ASP A 71 28.40 -0.09 38.80
N VAL A 72 27.63 -0.13 37.71
CA VAL A 72 27.13 -1.40 37.19
C VAL A 72 28.27 -2.20 36.57
N GLN A 73 29.16 -1.52 35.86
CA GLN A 73 30.31 -2.16 35.24
C GLN A 73 31.20 -2.78 36.31
N LYS A 74 31.43 -2.02 37.38
CA LYS A 74 32.12 -2.52 38.58
C LYS A 74 31.46 -3.74 39.21
N GLN A 75 30.13 -3.79 39.28
CA GLN A 75 29.45 -5.02 39.73
C GLN A 75 29.79 -6.22 38.84
N ALA A 76 29.75 -6.01 37.52
CA ALA A 76 30.05 -7.06 36.54
C ALA A 76 31.51 -7.53 36.58
N VAL A 77 32.44 -6.58 36.60
CA VAL A 77 33.87 -6.89 36.61
C VAL A 77 34.36 -7.51 37.93
N GLU A 78 33.90 -6.98 39.06
CA GLU A 78 34.43 -7.35 40.38
C GLU A 78 33.55 -8.32 41.19
N GLN A 79 32.26 -8.40 40.90
CA GLN A 79 31.33 -9.19 41.71
C GLN A 79 30.68 -10.38 40.98
N SER A 80 31.06 -10.63 39.73
CA SER A 80 30.68 -11.88 39.04
C SER A 80 31.89 -12.83 39.04
N ARG A 81 31.62 -14.11 38.83
CA ARG A 81 32.66 -15.15 38.86
C ARG A 81 33.77 -14.87 37.86
N LEU A 82 33.39 -14.61 36.61
CA LEU A 82 34.36 -14.41 35.53
C LEU A 82 34.66 -12.97 35.16
N GLY A 83 33.90 -12.02 35.72
CA GLY A 83 34.18 -10.60 35.54
C GLY A 83 33.99 -10.08 34.12
N ILE A 84 33.12 -10.72 33.34
CA ILE A 84 32.95 -10.31 31.92
C ILE A 84 32.21 -8.97 31.89
N PRO A 85 32.82 -7.95 31.26
CA PRO A 85 32.23 -6.63 31.26
C PRO A 85 30.99 -6.53 30.37
N LEU A 86 30.13 -5.56 30.69
CA LEU A 86 28.90 -5.31 29.95
C LEU A 86 29.08 -4.32 28.80
N LEU A 87 28.28 -4.52 27.75
CA LEU A 87 27.93 -3.46 26.82
C LEU A 87 26.88 -2.56 27.44
N PHE A 88 26.98 -1.27 27.13
CA PHE A 88 25.97 -0.31 27.54
C PHE A 88 25.40 0.42 26.32
N GLY A 89 24.14 0.12 26.03
CA GLY A 89 23.45 0.63 24.83
C GLY A 89 22.49 1.79 25.06
N MET A 90 22.32 2.59 24.02
CA MET A 90 21.32 3.66 23.99
C MET A 90 20.98 3.97 22.55
N ASP A 91 19.76 4.46 22.34
CA ASP A 91 19.38 5.04 21.07
C ASP A 91 20.01 6.42 20.93
N VAL A 92 21.22 6.45 20.38
CA VAL A 92 21.89 7.70 20.02
C VAL A 92 21.70 7.81 18.51
N ILE A 93 20.66 8.57 18.14
CA ILE A 93 20.03 8.50 16.82
C ILE A 93 20.43 9.73 16.00
N HIS A 94 20.30 10.91 16.59
CA HIS A 94 20.77 12.14 15.95
C HIS A 94 21.29 13.10 16.99
N GLY A 95 22.06 12.54 17.93
CA GLY A 95 22.72 13.31 18.97
C GLY A 95 22.51 12.75 20.37
N TYR A 96 23.45 13.08 21.25
CA TYR A 96 23.40 12.66 22.64
C TYR A 96 22.72 13.80 23.42
N GLU A 97 23.45 14.89 23.68
CA GLU A 97 22.85 16.10 24.28
C GLU A 97 22.75 17.23 23.26
N THR A 98 23.83 17.46 22.53
CA THR A 98 23.80 18.32 21.37
C THR A 98 22.99 17.58 20.30
N MET A 99 21.81 18.11 19.97
CA MET A 99 20.91 17.45 19.03
C MET A 99 21.04 18.06 17.64
N PHE A 100 21.28 17.17 16.69
CA PHE A 100 21.28 17.51 15.28
C PHE A 100 19.86 17.32 14.76
N PRO A 101 19.61 17.64 13.49
CA PRO A 101 18.27 17.36 12.98
C PRO A 101 17.91 15.87 13.05
N ILE A 102 16.62 15.59 13.12
CA ILE A 102 16.13 14.23 12.93
C ILE A 102 16.72 13.67 11.63
N PRO A 103 17.02 12.36 11.59
CA PRO A 103 17.71 11.82 10.42
C PRO A 103 17.07 12.15 9.08
N LEU A 104 15.74 12.16 8.99
CA LEU A 104 15.11 12.46 7.68
C LEU A 104 15.50 13.89 7.22
N GLY A 105 15.50 14.81 8.15
CA GLY A 105 15.89 16.19 7.89
C GLY A 105 17.37 16.27 7.56
N LEU A 106 18.19 15.60 8.36
CA LEU A 106 19.63 15.56 8.14
C LEU A 106 19.99 15.04 6.74
N SER A 107 19.25 14.05 6.25
CA SER A 107 19.49 13.48 4.91
C SER A 107 19.36 14.52 3.80
N CYS A 108 18.54 15.54 4.02
CA CYS A 108 18.36 16.62 3.05
C CYS A 108 19.56 17.55 2.88
N THR A 109 20.57 17.45 3.77
CA THR A 109 21.87 18.10 3.53
C THR A 109 22.57 17.55 2.29
N TRP A 110 22.33 16.29 1.96
CA TRP A 110 23.05 15.59 0.89
C TRP A 110 24.57 15.77 1.06
N ASP A 111 25.04 15.73 2.31
CA ASP A 111 26.41 16.12 2.67
C ASP A 111 26.93 15.07 3.61
N MET A 112 27.65 14.09 3.06
CA MET A 112 28.13 12.96 3.86
C MET A 112 29.16 13.36 4.93
N THR A 113 29.92 14.41 4.67
CA THR A 113 30.92 14.91 5.61
C THR A 113 30.27 15.44 6.89
N ALA A 114 29.26 16.28 6.71
CA ALA A 114 28.45 16.81 7.80
C ALA A 114 27.72 15.70 8.55
N ILE A 115 27.23 14.73 7.79
CA ILE A 115 26.54 13.59 8.40
C ILE A 115 27.52 12.79 9.26
N GLU A 116 28.69 12.49 8.70
CA GLU A 116 29.72 11.79 9.47
C GLU A 116 30.13 12.59 10.73
N GLU A 117 30.27 13.90 10.55
CA GLU A 117 30.58 14.82 11.66
C GLU A 117 29.57 14.75 12.79
N SER A 118 28.28 14.73 12.44
CA SER A 118 27.20 14.66 13.44
C SER A 118 27.28 13.36 14.25
N ALA A 119 27.58 12.25 13.55
CA ALA A 119 27.77 10.96 14.22
C ALA A 119 29.02 10.99 15.12
N ARG A 120 30.12 11.57 14.62
CA ARG A 120 31.35 11.73 15.42
C ARG A 120 31.06 12.43 16.75
N ILE A 121 30.40 13.59 16.67
CA ILE A 121 30.05 14.36 17.87
C ILE A 121 29.15 13.59 18.84
N ALA A 122 28.16 12.88 18.31
CA ALA A 122 27.28 12.08 19.17
C ALA A 122 28.06 11.00 19.93
N ALA A 123 28.98 10.34 19.23
CA ALA A 123 29.86 9.31 19.82
C ALA A 123 30.78 9.90 20.88
N ILE A 124 31.37 11.06 20.59
CA ILE A 124 32.19 11.79 21.58
C ILE A 124 31.38 12.04 22.85
N GLU A 125 30.14 12.49 22.71
CA GLU A 125 29.30 12.79 23.88
C GLU A 125 28.81 11.55 24.61
N ALA A 126 28.30 10.57 23.85
CA ALA A 126 27.78 9.33 24.45
C ALA A 126 28.90 8.55 25.18
N SER A 127 30.05 8.40 24.53
CA SER A 127 31.21 7.73 25.13
C SER A 127 31.71 8.41 26.42
N ALA A 128 31.68 9.75 26.44
CA ALA A 128 32.03 10.51 27.65
C ALA A 128 31.14 10.15 28.81
N ASP A 129 29.89 9.80 28.51
CA ASP A 129 28.89 9.46 29.52
C ASP A 129 28.66 7.95 29.70
N GLY A 130 29.62 7.13 29.27
CA GLY A 130 29.57 5.69 29.57
C GLY A 130 29.05 4.75 28.52
N ILE A 131 28.52 5.29 27.41
CA ILE A 131 27.83 4.47 26.42
C ILE A 131 28.85 3.91 25.44
N SER A 132 28.76 2.61 25.16
CA SER A 132 29.68 1.88 24.23
C SER A 132 29.01 1.37 22.96
N TRP A 133 27.70 1.58 22.83
CA TRP A 133 26.91 0.96 21.77
C TRP A 133 25.69 1.81 21.48
N THR A 134 25.55 2.24 20.23
CA THR A 134 24.34 2.96 19.81
C THR A 134 23.55 2.14 18.80
N PHE A 135 22.23 2.14 18.99
CA PHE A 135 21.29 1.47 18.12
C PHE A 135 21.00 2.39 16.95
N SER A 136 22.03 2.56 16.12
CA SER A 136 22.03 3.52 15.04
C SER A 136 23.16 3.11 14.08
N PRO A 137 22.99 3.25 12.75
CA PRO A 137 21.91 3.99 12.10
C PRO A 137 20.64 3.18 11.77
N MET A 138 19.50 3.88 11.69
CA MET A 138 18.25 3.31 11.18
C MET A 138 18.28 3.62 9.67
N VAL A 139 18.25 2.58 8.83
CA VAL A 139 18.46 2.73 7.36
C VAL A 139 17.29 2.14 6.54
N ASP A 140 16.15 1.97 7.18
CA ASP A 140 15.00 1.36 6.55
C ASP A 140 14.49 2.25 5.43
N ILE A 141 14.49 1.73 4.20
CA ILE A 141 13.86 2.40 3.07
C ILE A 141 12.34 2.44 3.30
N SER A 142 11.72 3.60 3.04
CA SER A 142 10.26 3.67 3.02
C SER A 142 9.74 4.56 1.91
N ARG A 143 8.65 4.09 1.32
CA ARG A 143 7.89 4.83 0.34
C ARG A 143 6.54 5.27 0.90
N ASP A 144 6.37 5.17 2.22
CA ASP A 144 5.08 5.35 2.83
C ASP A 144 5.15 6.37 3.99
N PRO A 145 4.79 7.64 3.71
CA PRO A 145 4.88 8.70 4.71
C PRO A 145 3.86 8.65 5.84
N ARG A 146 2.92 7.71 5.80
CA ARG A 146 2.08 7.40 6.97
C ARG A 146 2.91 6.88 8.14
N TRP A 147 3.96 6.11 7.84
CA TRP A 147 4.81 5.51 8.87
C TRP A 147 5.63 6.56 9.62
N GLY A 148 5.46 6.62 10.93
CA GLY A 148 6.17 7.63 11.74
C GLY A 148 7.69 7.53 11.79
N ARG A 149 8.21 6.34 11.56
CA ARG A 149 9.64 6.11 11.62
C ARG A 149 10.38 6.55 10.38
N VAL A 150 9.71 7.11 9.37
CA VAL A 150 10.41 7.80 8.28
C VAL A 150 11.32 8.92 8.83
N SER A 151 10.94 9.52 9.95
CA SER A 151 11.75 10.54 10.62
C SER A 151 13.15 10.07 11.00
N GLU A 152 13.30 8.77 11.28
CA GLU A 152 14.55 8.12 11.69
C GLU A 152 15.46 7.65 10.58
N GLY A 153 14.97 7.64 9.35
CA GLY A 153 15.75 7.15 8.21
C GLY A 153 16.23 8.28 7.34
N SER A 154 16.65 7.95 6.13
CA SER A 154 17.15 8.94 5.18
C SER A 154 16.40 8.94 3.86
N GLY A 155 15.11 8.58 3.91
CA GLY A 155 14.20 8.64 2.76
C GLY A 155 13.99 7.39 1.92
N GLU A 156 13.56 7.60 0.67
CA GLU A 156 13.06 6.53 -0.18
C GLU A 156 14.14 5.85 -1.03
N ASP A 157 15.30 6.49 -1.14
CA ASP A 157 16.30 6.07 -2.13
C ASP A 157 17.42 5.22 -1.50
N PRO A 158 17.67 4.01 -2.04
CA PRO A 158 18.75 3.14 -1.54
C PRO A 158 20.17 3.60 -1.80
N PHE A 159 20.44 4.27 -2.92
CA PHE A 159 21.78 4.80 -3.17
C PHE A 159 22.18 5.83 -2.12
N LEU A 160 21.37 6.87 -1.96
CA LEU A 160 21.68 7.92 -0.96
C LEU A 160 21.67 7.31 0.44
N GLY A 161 20.70 6.44 0.69
CA GLY A 161 20.59 5.71 1.95
C GLY A 161 21.83 4.88 2.28
N ALA A 162 22.40 4.22 1.27
CA ALA A 162 23.67 3.48 1.41
C ALA A 162 24.81 4.40 1.81
N MET A 163 24.95 5.53 1.12
N MET A 163 24.95 5.52 1.10
CA MET A 163 25.99 6.50 1.43
CA MET A 163 25.97 6.53 1.39
C MET A 163 25.87 7.07 2.84
C MET A 163 25.86 7.07 2.83
N ILE A 164 24.65 7.33 3.29
CA ILE A 164 24.43 7.83 4.65
C ILE A 164 24.72 6.76 5.69
N ALA A 165 24.35 5.51 5.40
CA ALA A 165 24.64 4.38 6.31
C ALA A 165 26.14 4.27 6.60
N GLU A 166 26.95 4.29 5.53
CA GLU A 166 28.43 4.29 5.63
C GLU A 166 28.96 5.46 6.45
N ALA A 167 28.47 6.66 6.13
CA ALA A 167 28.87 7.89 6.82
C ALA A 167 28.58 7.83 8.31
N MET A 168 27.44 7.25 8.68
CA MET A 168 27.02 7.15 10.07
C MET A 168 27.86 6.14 10.85
N VAL A 169 28.07 4.96 10.24
CA VAL A 169 28.90 3.92 10.86
C VAL A 169 30.33 4.43 11.06
N LEU A 170 30.94 4.98 10.01
CA LEU A 170 32.29 5.56 10.07
C LEU A 170 32.40 6.63 11.17
N GLY A 171 31.37 7.49 11.28
CA GLY A 171 31.32 8.52 12.31
C GLY A 171 31.27 8.00 13.73
N TYR A 172 30.48 6.96 13.97
CA TYR A 172 30.39 6.38 15.30
C TYR A 172 31.64 5.56 15.67
N GLN A 173 32.08 4.71 14.73
CA GLN A 173 33.06 3.66 15.01
C GLN A 173 34.50 4.00 14.67
N GLY A 174 34.71 4.97 13.80
CA GLY A 174 36.01 5.20 13.19
C GLY A 174 36.49 3.96 12.45
N LYS A 175 37.79 3.92 12.22
CA LYS A 175 38.49 2.78 11.56
C LYS A 175 38.23 1.41 12.23
N ASP A 176 38.29 1.37 13.56
CA ASP A 176 38.13 0.11 14.30
C ASP A 176 37.72 0.23 15.77
N MET A 177 37.05 1.31 16.15
CA MET A 177 36.51 1.50 17.50
C MET A 177 37.52 1.47 18.66
N GLN A 178 38.81 1.67 18.36
CA GLN A 178 39.85 1.55 19.38
C GLN A 178 39.92 2.75 20.31
N ARG A 179 39.55 3.92 19.82
CA ARG A 179 39.62 5.13 20.63
C ARG A 179 38.52 5.16 21.67
N ASN A 180 38.75 5.90 22.75
CA ASN A 180 37.74 6.03 23.81
C ASN A 180 36.51 6.91 23.45
N ASP A 181 36.58 7.59 22.31
CA ASP A 181 35.44 8.36 21.77
C ASP A 181 34.79 7.75 20.51
N GLU A 182 35.07 6.46 20.31
CA GLU A 182 34.42 5.66 19.30
C GLU A 182 33.60 4.59 20.00
N ILE A 183 32.41 4.32 19.47
CA ILE A 183 31.46 3.39 20.04
C ILE A 183 31.04 2.44 18.94
N MET A 184 30.44 1.32 19.32
N MET A 184 30.44 1.31 19.32
CA MET A 184 29.92 0.36 18.36
CA MET A 184 29.93 0.36 18.36
C MET A 184 28.55 0.81 17.85
C MET A 184 28.56 0.81 17.84
N ALA A 185 28.38 0.75 16.53
CA ALA A 185 27.10 1.04 15.89
C ALA A 185 26.29 -0.26 15.65
N CYS A 186 25.01 -0.04 15.31
CA CYS A 186 24.04 -1.09 15.13
C CYS A 186 23.07 -0.70 14.03
N VAL A 187 23.31 -1.19 12.84
CA VAL A 187 22.41 -0.92 11.72
C VAL A 187 21.04 -1.56 12.01
N LYS A 188 19.97 -0.81 11.76
CA LYS A 188 18.62 -1.31 11.99
C LYS A 188 17.67 -0.82 10.91
N HIS A 189 16.51 -1.45 10.73
CA HIS A 189 16.06 -2.67 11.38
C HIS A 189 16.02 -3.78 10.31
N PHE A 190 16.86 -4.80 10.48
CA PHE A 190 17.05 -5.83 9.45
C PHE A 190 15.87 -6.81 9.52
N ALA A 191 14.94 -6.83 8.55
CA ALA A 191 14.95 -6.04 7.30
C ALA A 191 13.52 -5.74 6.84
N LEU A 192 13.37 -4.68 6.03
CA LEU A 192 12.15 -4.38 5.25
C LEU A 192 11.01 -3.72 6.04
N TYR A 193 11.35 -3.24 7.23
CA TYR A 193 10.41 -2.72 8.24
C TYR A 193 9.64 -1.47 7.75
N GLY A 194 10.24 -0.71 6.85
CA GLY A 194 9.58 0.45 6.25
C GLY A 194 8.51 0.17 5.20
N ALA A 195 8.29 -1.10 4.84
CA ALA A 195 7.18 -1.48 3.95
C ALA A 195 5.96 -2.02 4.69
N GLY A 196 5.84 -1.76 5.99
CA GLY A 196 4.69 -2.23 6.77
C GLY A 196 3.38 -1.78 6.11
N GLU A 197 2.45 -2.72 5.99
CA GLU A 197 1.17 -2.45 5.31
C GLU A 197 0.41 -1.32 5.96
N GLY A 198 -0.16 -0.47 5.10
CA GLY A 198 -0.98 0.67 5.52
C GLY A 198 -0.20 1.77 6.20
N GLY A 199 1.13 1.73 6.06
CA GLY A 199 2.03 2.55 6.86
C GLY A 199 1.84 2.47 8.36
N ARG A 200 1.27 1.38 8.83
CA ARG A 200 0.94 1.21 10.23
C ARG A 200 2.10 0.50 10.88
N ASP A 201 2.69 1.12 11.89
CA ASP A 201 3.89 0.57 12.51
C ASP A 201 3.67 -0.87 12.94
N TYR A 202 4.68 -1.68 12.66
CA TYR A 202 4.75 -3.09 13.02
C TYR A 202 3.94 -4.05 12.15
N ASN A 203 3.20 -3.53 11.17
CA ASN A 203 2.27 -4.35 10.39
C ASN A 203 3.05 -5.19 9.34
N THR A 204 2.33 -6.11 8.74
CA THR A 204 2.85 -7.08 7.81
C THR A 204 3.65 -6.45 6.67
N VAL A 205 4.78 -7.07 6.36
CA VAL A 205 5.58 -6.76 5.18
C VAL A 205 5.54 -7.97 4.27
N ASP A 206 5.39 -7.71 2.98
CA ASP A 206 5.46 -8.74 1.97
C ASP A 206 5.99 -8.15 0.69
N MET A 207 7.00 -8.80 0.09
CA MET A 207 7.48 -8.38 -1.23
C MET A 207 8.25 -9.52 -1.88
N SER A 208 8.55 -9.36 -3.17
CA SER A 208 9.35 -10.35 -3.91
C SER A 208 10.81 -10.22 -3.48
N ARG A 209 11.58 -11.26 -3.75
CA ARG A 209 13.02 -11.23 -3.50
C ARG A 209 13.68 -10.18 -4.38
N GLN A 210 13.27 -10.06 -5.64
CA GLN A 210 13.78 -9.00 -6.52
C GLN A 210 13.65 -7.61 -5.93
N ARG A 211 12.45 -7.28 -5.41
CA ARG A 211 12.22 -5.97 -4.79
C ARG A 211 13.08 -5.77 -3.55
N MET A 212 13.20 -6.80 -2.72
CA MET A 212 14.09 -6.72 -1.55
C MET A 212 15.47 -6.20 -1.98
N PHE A 213 16.08 -6.91 -2.93
CA PHE A 213 17.46 -6.63 -3.30
C PHE A 213 17.64 -5.36 -4.13
N ASN A 214 16.76 -5.12 -5.08
CA ASN A 214 16.87 -3.91 -5.91
C ASN A 214 16.41 -2.63 -5.22
N GLU A 215 15.50 -2.76 -4.26
CA GLU A 215 14.79 -1.57 -3.75
C GLU A 215 14.91 -1.28 -2.26
N TYR A 216 15.25 -2.29 -1.45
CA TYR A 216 15.26 -2.16 0.01
C TYR A 216 16.55 -2.50 0.77
N MET A 217 17.35 -3.41 0.24
CA MET A 217 18.44 -4.05 1.00
C MET A 217 19.76 -3.27 1.03
N LEU A 218 20.03 -2.50 -0.02
CA LEU A 218 21.35 -1.88 -0.17
C LEU A 218 21.86 -1.14 1.09
N PRO A 219 21.00 -0.36 1.79
CA PRO A 219 21.56 0.38 2.92
C PRO A 219 22.04 -0.50 4.10
N TYR A 220 21.37 -1.62 4.33
CA TYR A 220 21.85 -2.61 5.30
C TYR A 220 23.24 -3.16 4.88
N GLU A 221 23.36 -3.52 3.59
CA GLU A 221 24.60 -4.07 3.05
C GLU A 221 25.73 -3.05 3.17
N ALA A 222 25.42 -1.79 2.87
CA ALA A 222 26.42 -0.72 2.96
C ALA A 222 26.93 -0.53 4.42
N ALA A 223 26.03 -0.59 5.40
CA ALA A 223 26.43 -0.57 6.81
C ALA A 223 27.37 -1.74 7.17
N VAL A 224 26.99 -2.95 6.75
CA VAL A 224 27.79 -4.17 6.99
C VAL A 224 29.17 -4.02 6.36
N GLU A 225 29.16 -3.57 5.10
CA GLU A 225 30.37 -3.31 4.34
C GLU A 225 31.28 -2.24 4.95
N ALA A 226 30.70 -1.26 5.66
CA ALA A 226 31.46 -0.27 6.40
C ALA A 226 31.98 -0.76 7.77
N GLY A 227 31.79 -2.05 8.06
CA GLY A 227 32.26 -2.67 9.29
C GLY A 227 31.38 -2.51 10.52
N VAL A 228 30.08 -2.29 10.35
CA VAL A 228 29.21 -2.13 11.51
C VAL A 228 29.33 -3.36 12.40
N GLY A 229 29.43 -3.12 13.70
CA GLY A 229 29.73 -4.17 14.66
C GLY A 229 28.53 -5.03 15.01
N SER A 230 27.33 -4.45 14.86
CA SER A 230 26.11 -5.17 15.17
C SER A 230 24.95 -4.87 14.21
N VAL A 231 23.95 -5.75 14.23
CA VAL A 231 22.71 -5.60 13.45
C VAL A 231 21.52 -5.83 14.40
N MET A 232 20.47 -5.03 14.26
CA MET A 232 19.23 -5.25 15.00
C MET A 232 18.16 -5.82 14.09
N ALA A 233 17.60 -6.95 14.50
CA ALA A 233 16.45 -7.59 13.84
C ALA A 233 15.20 -6.72 13.90
N SER A 234 14.39 -6.76 12.85
CA SER A 234 13.18 -5.95 12.78
C SER A 234 11.93 -6.63 13.38
N PHE A 235 10.89 -5.82 13.56
CA PHE A 235 9.66 -6.22 14.23
C PHE A 235 8.74 -7.03 13.31
N ASN A 236 8.94 -6.86 12.02
CA ASN A 236 8.00 -7.35 11.01
C ASN A 236 8.32 -8.76 10.56
N GLU A 237 7.31 -9.42 10.05
CA GLU A 237 7.49 -10.65 9.31
C GLU A 237 8.05 -10.38 7.91
N VAL A 238 8.76 -11.37 7.37
CA VAL A 238 9.30 -11.40 6.02
C VAL A 238 9.06 -12.83 5.53
N ASP A 239 8.38 -12.94 4.39
CA ASP A 239 7.96 -14.24 3.84
C ASP A 239 7.21 -15.06 4.89
N GLY A 240 6.38 -14.39 5.69
CA GLY A 240 5.61 -15.06 6.76
C GLY A 240 6.37 -15.55 7.99
N VAL A 241 7.65 -15.20 8.09
CA VAL A 241 8.46 -15.54 9.23
C VAL A 241 8.91 -14.23 9.88
N PRO A 242 8.64 -14.05 11.18
CA PRO A 242 9.21 -12.86 11.84
C PRO A 242 10.69 -12.77 11.55
N ALA A 243 11.18 -11.56 11.30
CA ALA A 243 12.61 -11.39 10.97
C ALA A 243 13.55 -12.06 12.01
N THR A 244 13.16 -11.97 13.28
CA THR A 244 13.91 -12.52 14.40
C THR A 244 14.06 -14.06 14.36
N ALA A 245 13.21 -14.74 13.59
CA ALA A 245 13.31 -16.20 13.35
C ALA A 245 13.63 -16.55 11.91
N ASN A 246 14.03 -15.57 11.10
CA ASN A 246 14.21 -15.78 9.67
C ASN A 246 15.67 -16.11 9.37
N LYS A 247 15.97 -17.41 9.31
CA LYS A 247 17.33 -17.89 9.05
C LYS A 247 17.85 -17.46 7.69
N TRP A 248 16.96 -17.38 6.70
CA TRP A 248 17.36 -16.89 5.37
C TRP A 248 17.96 -15.48 5.48
N LEU A 249 17.30 -14.61 6.25
CA LEU A 249 17.82 -13.23 6.46
C LEU A 249 19.07 -13.21 7.33
N MET A 250 18.95 -13.76 8.54
CA MET A 250 19.96 -13.59 9.58
C MET A 250 21.25 -14.41 9.38
N THR A 251 21.16 -15.51 8.62
CA THR A 251 22.34 -16.31 8.31
C THR A 251 22.67 -16.23 6.81
N ASP A 252 21.74 -16.67 5.96
CA ASP A 252 22.09 -16.82 4.53
C ASP A 252 22.43 -15.51 3.85
N VAL A 253 21.64 -14.46 4.07
CA VAL A 253 21.96 -13.16 3.48
C VAL A 253 23.06 -12.45 4.27
N LEU A 254 22.80 -12.24 5.56
CA LEU A 254 23.67 -11.43 6.41
C LEU A 254 25.10 -11.99 6.51
N ARG A 255 25.24 -13.29 6.80
CA ARG A 255 26.57 -13.93 6.89
C ARG A 255 26.99 -14.59 5.59
N GLY A 256 26.17 -15.52 5.10
CA GLY A 256 26.44 -16.21 3.83
C GLY A 256 26.77 -15.32 2.65
N GLN A 257 25.93 -14.33 2.34
CA GLN A 257 26.17 -13.46 1.18
C GLN A 257 27.06 -12.27 1.48
N TRP A 258 26.81 -11.57 2.60
CA TRP A 258 27.53 -10.32 2.89
C TRP A 258 28.78 -10.45 3.75
N GLY A 259 29.00 -11.62 4.37
CA GLY A 259 30.19 -11.84 5.18
C GLY A 259 30.22 -11.12 6.51
N PHE A 260 29.04 -10.79 7.06
CA PHE A 260 28.94 -10.03 8.30
C PHE A 260 29.60 -10.83 9.42
N ASN A 261 30.55 -10.19 10.11
CA ASN A 261 31.33 -10.84 11.19
C ASN A 261 30.89 -10.52 12.61
N GLY A 262 29.80 -9.77 12.76
CA GLY A 262 29.36 -9.23 14.05
C GLY A 262 28.23 -10.03 14.63
N PHE A 263 27.49 -9.40 15.54
CA PHE A 263 26.36 -10.07 16.16
C PHE A 263 25.02 -9.37 15.85
N VAL A 264 23.97 -10.15 16.00
CA VAL A 264 22.62 -9.71 15.77
C VAL A 264 21.93 -9.62 17.14
N VAL A 265 21.38 -8.45 17.41
CA VAL A 265 20.50 -8.23 18.57
C VAL A 265 19.02 -8.15 18.10
N THR A 266 18.10 -8.59 18.93
CA THR A 266 16.69 -8.43 18.63
C THR A 266 16.30 -6.99 18.90
N ASN A 267 15.12 -6.58 18.44
N ASN A 267 15.11 -6.63 18.42
CA ASN A 267 14.55 -5.34 18.96
CA ASN A 267 14.40 -5.41 18.85
C ASN A 267 13.89 -5.65 20.27
C ASN A 267 13.80 -5.68 20.23
N TYR A 268 13.33 -4.61 20.86
CA TYR A 268 12.71 -4.66 22.17
C TYR A 268 11.59 -5.72 22.27
N THR A 269 11.80 -6.71 23.13
CA THR A 269 10.94 -7.90 23.23
C THR A 269 10.66 -8.62 21.89
N GLY A 270 11.60 -8.57 20.95
CA GLY A 270 11.39 -9.17 19.65
C GLY A 270 11.08 -10.65 19.70
N ILE A 271 11.75 -11.38 20.60
CA ILE A 271 11.55 -12.83 20.71
C ILE A 271 10.16 -13.15 21.23
N SER A 272 9.74 -12.52 22.33
CA SER A 272 8.44 -12.90 22.89
C SER A 272 7.27 -12.43 21.99
N GLU A 273 7.49 -11.37 21.22
CA GLU A 273 6.54 -10.91 20.21
C GLU A 273 6.28 -11.95 19.11
N MET A 274 7.22 -12.86 18.89
CA MET A 274 6.98 -13.97 17.96
C MET A 274 5.83 -14.88 18.40
N ILE A 275 5.55 -14.94 19.70
CA ILE A 275 4.39 -15.66 20.21
C ILE A 275 3.12 -15.01 19.63
N ASP A 276 3.04 -13.68 19.69
CA ASP A 276 1.88 -12.96 19.16
C ASP A 276 1.80 -13.06 17.65
N HIS A 277 2.94 -13.00 16.98
CA HIS A 277 3.03 -13.21 15.53
C HIS A 277 2.34 -14.52 15.12
N GLY A 278 2.48 -15.54 15.97
CA GLY A 278 1.76 -16.81 15.85
C GLY A 278 2.57 -18.01 15.39
N ILE A 279 3.86 -18.04 15.70
CA ILE A 279 4.74 -19.15 15.32
C ILE A 279 5.24 -20.00 16.51
N GLY A 280 4.64 -19.84 17.68
CA GLY A 280 4.92 -20.76 18.80
C GLY A 280 5.10 -20.14 20.16
N ASP A 281 5.31 -21.00 21.15
CA ASP A 281 5.56 -20.56 22.53
C ASP A 281 6.98 -20.02 22.69
N LEU A 282 7.22 -19.42 23.85
CA LEU A 282 8.50 -18.77 24.13
C LEU A 282 9.70 -19.67 23.89
N GLN A 283 9.63 -20.91 24.37
CA GLN A 283 10.73 -21.84 24.17
C GLN A 283 10.93 -22.09 22.68
N THR A 284 9.85 -22.36 21.95
CA THR A 284 9.99 -22.67 20.51
C THR A 284 10.56 -21.52 19.67
N VAL A 285 10.02 -20.32 19.84
CA VAL A 285 10.49 -19.15 19.08
C VAL A 285 11.94 -18.71 19.50
N SER A 286 12.26 -18.83 20.79
CA SER A 286 13.64 -18.59 21.26
C SER A 286 14.63 -19.52 20.55
N ALA A 287 14.30 -20.81 20.48
CA ALA A 287 15.16 -21.78 19.79
C ALA A 287 15.33 -21.43 18.31
N ARG A 288 14.21 -21.09 17.67
CA ARG A 288 14.26 -20.70 16.27
C ARG A 288 15.07 -19.45 16.04
N ALA A 289 14.96 -18.47 16.96
CA ALA A 289 15.75 -17.24 16.85
C ALA A 289 17.24 -17.53 16.85
N ILE A 290 17.72 -18.23 17.88
CA ILE A 290 19.15 -18.49 17.99
C ILE A 290 19.63 -19.34 16.81
N ASN A 291 18.83 -20.34 16.42
CA ASN A 291 19.15 -21.14 15.22
C ASN A 291 19.11 -20.35 13.91
N ALA A 292 18.34 -19.25 13.88
CA ALA A 292 18.32 -18.36 12.71
C ALA A 292 19.56 -17.49 12.54
N GLY A 293 20.28 -17.26 13.63
CA GLY A 293 21.40 -16.34 13.65
C GLY A 293 21.27 -15.12 14.53
N VAL A 294 20.27 -15.12 15.41
CA VAL A 294 20.15 -14.09 16.44
C VAL A 294 21.01 -14.44 17.65
N ASP A 295 21.81 -13.47 18.08
CA ASP A 295 22.82 -13.64 19.13
C ASP A 295 22.48 -13.01 20.48
N MET A 296 21.61 -12.01 20.54
CA MET A 296 21.36 -11.28 21.78
C MET A 296 19.88 -10.89 21.94
N ASP A 297 19.34 -11.20 23.12
CA ASP A 297 17.92 -11.18 23.42
C ASP A 297 17.60 -9.90 24.21
N MET A 298 17.07 -8.89 23.52
CA MET A 298 16.66 -7.64 24.16
C MET A 298 15.33 -7.78 24.92
N VAL A 299 15.43 -7.79 26.24
CA VAL A 299 14.31 -7.73 27.21
C VAL A 299 13.48 -9.01 27.43
N SER A 300 13.18 -9.75 26.36
N SER A 300 13.17 -9.75 26.38
CA SER A 300 12.23 -10.90 26.40
CA SER A 300 12.17 -10.82 26.50
C SER A 300 12.54 -11.94 27.45
C SER A 300 12.54 -11.96 27.45
N GLU A 301 13.83 -12.13 27.71
CA GLU A 301 14.34 -13.21 28.59
C GLU A 301 14.03 -14.62 28.07
N GLY A 302 13.84 -14.72 26.75
CA GLY A 302 13.56 -16.01 26.11
C GLY A 302 14.78 -16.90 26.17
N PHE A 303 15.92 -16.35 25.78
CA PHE A 303 17.18 -17.10 25.82
C PHE A 303 17.51 -17.57 27.23
N VAL A 304 17.57 -16.63 28.17
CA VAL A 304 17.96 -16.97 29.54
C VAL A 304 17.01 -17.98 30.22
N SER A 305 15.70 -17.89 29.98
CA SER A 305 14.75 -18.75 30.67
C SER A 305 14.48 -20.10 30.00
N THR A 306 14.86 -20.27 28.74
CA THR A 306 14.52 -21.49 28.00
C THR A 306 15.64 -22.18 27.24
N LEU A 307 16.78 -21.54 27.01
CA LEU A 307 17.79 -22.16 26.16
C LEU A 307 18.38 -23.45 26.73
N LYS A 308 18.57 -23.53 28.05
CA LYS A 308 19.20 -24.72 28.63
C LYS A 308 18.28 -25.93 28.48
N LYS A 309 16.98 -25.76 28.72
CA LYS A 309 15.98 -26.78 28.43
C LYS A 309 16.04 -27.20 26.96
N SER A 310 16.11 -26.23 26.06
CA SER A 310 16.28 -26.51 24.62
C SER A 310 17.55 -27.26 24.26
N ILE A 311 18.66 -26.96 24.94
CA ILE A 311 19.92 -27.69 24.72
C ILE A 311 19.79 -29.14 25.25
N GLN A 312 19.24 -29.30 26.44
CA GLN A 312 18.95 -30.63 26.99
C GLN A 312 18.11 -31.47 26.01
N GLU A 313 17.08 -30.84 25.42
CA GLU A 313 16.16 -31.52 24.49
C GLU A 313 16.63 -31.66 23.03
N GLY A 314 17.79 -31.11 22.70
CA GLY A 314 18.32 -31.15 21.33
C GLY A 314 17.72 -30.15 20.34
N LYS A 315 16.89 -29.23 20.80
CA LYS A 315 16.29 -28.19 19.94
C LYS A 315 17.30 -27.13 19.52
N VAL A 316 18.32 -26.94 20.35
CA VAL A 316 19.45 -26.09 20.04
C VAL A 316 20.70 -26.88 20.43
N SER A 317 21.75 -26.80 19.62
CA SER A 317 23.00 -27.50 19.91
C SER A 317 23.93 -26.62 20.72
N MET A 318 24.91 -27.26 21.34
N MET A 318 24.92 -27.25 21.36
CA MET A 318 26.00 -26.57 22.05
CA MET A 318 25.97 -26.50 22.05
C MET A 318 26.83 -25.71 21.09
C MET A 318 26.84 -25.69 21.08
N GLU A 319 27.01 -26.19 19.86
CA GLU A 319 27.74 -25.44 18.83
C GLU A 319 27.03 -24.11 18.47
N THR A 320 25.70 -24.15 18.39
CA THR A 320 24.92 -22.92 18.14
C THR A 320 25.09 -21.88 19.25
N LEU A 321 24.92 -22.32 20.50
CA LEU A 321 25.15 -21.48 21.69
C LEU A 321 26.53 -20.89 21.72
N ASN A 322 27.54 -21.74 21.53
CA ASN A 322 28.94 -21.29 21.49
C ASN A 322 29.16 -20.20 20.45
N THR A 323 28.61 -20.38 19.27
CA THR A 323 28.79 -19.41 18.20
C THR A 323 28.20 -18.05 18.59
N ALA A 324 27.01 -18.05 19.17
CA ALA A 324 26.35 -16.82 19.58
C ALA A 324 27.15 -16.13 20.69
N CYS A 325 27.42 -16.89 21.76
CA CYS A 325 28.25 -16.40 22.86
C CYS A 325 29.56 -15.84 22.32
N ARG A 326 30.23 -16.60 21.45
CA ARG A 326 31.51 -16.15 20.89
C ARG A 326 31.40 -14.78 20.20
N ARG A 327 30.33 -14.57 19.43
CA ARG A 327 30.16 -13.28 18.74
C ARG A 327 30.02 -12.13 19.72
N ILE A 328 29.38 -12.36 20.84
CA ILE A 328 29.19 -11.31 21.86
C ILE A 328 30.53 -10.97 22.49
N LEU A 329 31.27 -12.02 22.85
CA LEU A 329 32.60 -11.85 23.45
C LEU A 329 33.57 -11.13 22.53
N GLU A 330 33.51 -11.43 21.24
CA GLU A 330 34.33 -10.78 20.22
C GLU A 330 34.00 -9.28 20.07
N ALA A 331 32.71 -8.93 20.17
CA ALA A 331 32.33 -7.51 20.12
C ALA A 331 32.98 -6.76 21.28
N LYS A 332 32.85 -7.35 22.47
CA LYS A 332 33.44 -6.77 23.69
C LYS A 332 34.95 -6.64 23.58
N TYR A 333 35.59 -7.69 23.04
CA TYR A 333 37.02 -7.67 22.79
C TYR A 333 37.40 -6.59 21.81
N LYS A 334 36.68 -6.47 20.70
CA LYS A 334 37.01 -5.46 19.67
C LYS A 334 36.75 -4.02 20.15
N LEU A 335 35.84 -3.84 21.09
CA LEU A 335 35.64 -2.53 21.76
C LEU A 335 36.73 -2.16 22.77
N GLY A 336 37.61 -3.10 23.12
CA GLY A 336 38.69 -2.82 24.07
C GLY A 336 38.28 -3.04 25.52
N LEU A 337 37.12 -3.66 25.75
CA LEU A 337 36.58 -3.83 27.10
C LEU A 337 37.24 -4.92 27.97
N PHE A 338 37.90 -5.89 27.37
CA PHE A 338 38.64 -6.90 28.16
C PHE A 338 39.96 -6.29 28.62
N ASP A 339 40.58 -5.52 27.72
CA ASP A 339 41.72 -4.68 28.05
C ASP A 339 41.38 -3.63 29.15
N ASN A 340 40.34 -2.83 28.91
CA ASN A 340 39.87 -1.89 29.94
C ASN A 340 38.34 -1.84 29.99
N PRO A 341 37.74 -2.56 30.94
CA PRO A 341 36.29 -2.50 31.15
C PRO A 341 35.74 -1.10 31.46
N TYR A 342 36.61 -0.23 31.97
CA TYR A 342 36.23 1.16 32.29
C TYR A 342 36.64 2.15 31.21
N LYS A 343 36.91 1.68 30.00
CA LYS A 343 37.26 2.54 28.87
C LYS A 343 36.32 3.75 28.67
N TYR A 344 35.01 3.53 28.80
CA TYR A 344 34.01 4.60 28.62
C TYR A 344 33.51 5.15 29.95
N CYS A 345 34.17 4.79 31.05
CA CYS A 345 33.73 5.18 32.38
C CYS A 345 34.64 6.24 33.02
N ASP A 346 35.03 7.24 32.23
CA ASP A 346 35.79 8.38 32.74
C ASP A 346 34.85 9.44 33.33
N LEU A 347 34.81 9.53 34.65
CA LEU A 347 33.91 10.45 35.37
C LEU A 347 34.14 11.93 35.11
N LYS A 348 35.30 12.29 34.55
CA LYS A 348 35.64 13.67 34.19
C LYS A 348 35.30 14.08 32.76
N ARG A 349 35.03 13.12 31.88
CA ARG A 349 34.76 13.46 30.50
C ARG A 349 33.46 14.27 30.26
N PRO A 350 32.36 13.98 30.99
CA PRO A 350 31.11 14.73 30.73
C PRO A 350 31.25 16.25 30.83
N ALA A 351 31.94 16.72 31.86
CA ALA A 351 32.20 18.17 32.04
C ALA A 351 32.91 18.84 30.88
N ARG A 352 33.72 18.10 30.13
CA ARG A 352 34.45 18.68 29.00
C ARG A 352 33.99 18.29 27.59
N ASP A 353 33.28 17.17 27.45
CA ASP A 353 32.90 16.66 26.14
C ASP A 353 31.44 16.87 25.72
N ILE A 354 30.54 17.13 26.69
CA ILE A 354 29.09 17.10 26.41
C ILE A 354 28.46 18.50 26.36
N PHE A 355 27.71 18.76 25.29
CA PHE A 355 26.99 20.02 25.11
C PHE A 355 27.94 21.23 25.12
N THR A 356 29.04 21.11 24.39
CA THR A 356 30.01 22.18 24.32
C THR A 356 29.59 23.15 23.24
N LYS A 357 30.11 24.37 23.35
CA LYS A 357 29.86 25.39 22.35
C LYS A 357 30.30 24.92 20.95
N ALA A 358 31.45 24.28 20.83
CA ALA A 358 31.90 23.77 19.52
C ALA A 358 30.91 22.73 18.94
N HIS A 359 30.34 21.88 19.79
CA HIS A 359 29.37 20.90 19.31
C HIS A 359 28.06 21.55 18.87
N ARG A 360 27.61 22.50 19.66
CA ARG A 360 26.40 23.26 19.38
C ARG A 360 26.54 24.13 18.14
N ASP A 361 27.72 24.73 17.94
CA ASP A 361 27.96 25.49 16.72
C ASP A 361 27.90 24.59 15.49
N ALA A 362 28.44 23.37 15.59
CA ALA A 362 28.31 22.43 14.48
C ALA A 362 26.85 22.08 14.20
N ALA A 363 26.07 21.85 15.26
CA ALA A 363 24.65 21.46 15.15
C ALA A 363 23.83 22.55 14.46
N ARG A 364 24.07 23.80 14.85
CA ARG A 364 23.45 24.96 14.23
C ARG A 364 23.74 25.07 12.73
N ARG A 365 25.01 24.96 12.34
CA ARG A 365 25.41 24.94 10.93
C ARG A 365 24.69 23.80 10.20
N ILE A 366 24.72 22.62 10.80
CA ILE A 366 24.15 21.43 10.17
C ILE A 366 22.61 21.54 10.08
N ALA A 367 21.98 22.07 11.12
CA ALA A 367 20.56 22.32 11.08
C ALA A 367 20.12 23.26 9.92
N ALA A 368 20.77 24.41 9.76
CA ALA A 368 20.42 25.34 8.64
C ALA A 368 20.64 24.72 7.27
N GLU A 369 21.62 23.83 7.19
CA GLU A 369 21.94 23.07 5.98
C GLU A 369 20.85 22.02 5.61
N SER A 370 20.09 21.58 6.62
CA SER A 370 19.07 20.55 6.47
C SER A 370 17.73 21.05 5.93
N PHE A 371 17.48 22.36 6.06
CA PHE A 371 16.17 22.92 5.74
C PHE A 371 15.93 22.89 4.24
N VAL A 372 14.67 22.69 3.85
CA VAL A 372 14.29 22.66 2.45
C VAL A 372 13.31 23.81 2.19
N LEU A 373 13.75 24.76 1.35
CA LEU A 373 12.91 25.83 0.88
C LEU A 373 11.96 25.25 -0.15
N LEU A 374 10.69 25.15 0.19
CA LEU A 374 9.70 24.55 -0.71
C LEU A 374 9.07 25.57 -1.66
N LYS A 375 8.96 26.84 -1.23
CA LYS A 375 8.33 27.89 -2.05
C LYS A 375 8.80 29.24 -1.53
N ASN A 376 8.98 30.20 -2.43
CA ASN A 376 9.44 31.53 -2.06
C ASN A 376 9.08 32.50 -3.19
N ASP A 377 7.77 32.69 -3.37
CA ASP A 377 7.24 33.51 -4.47
C ASP A 377 7.42 34.99 -4.17
N ASN A 378 7.46 35.79 -5.23
CA ASN A 378 7.52 37.24 -5.11
C ASN A 378 6.25 37.80 -4.51
N VAL A 379 6.41 38.79 -3.64
CA VAL A 379 5.29 39.47 -3.01
C VAL A 379 5.53 40.97 -3.17
N THR A 380 4.48 41.70 -3.53
CA THR A 380 4.49 43.16 -3.56
C THR A 380 4.25 43.65 -2.12
N LEU A 381 5.28 44.19 -1.48
CA LEU A 381 5.20 44.66 -0.08
C LEU A 381 4.78 46.12 0.08
N ARG A 382 5.03 46.94 -0.94
CA ARG A 382 4.68 48.37 -0.96
C ARG A 382 4.36 48.77 -2.40
N PRO A 383 3.26 49.51 -2.62
CA PRO A 383 2.93 49.95 -3.98
C PRO A 383 4.05 50.75 -4.64
N GLY A 384 4.28 50.50 -5.93
CA GLY A 384 5.36 51.16 -6.67
C GLY A 384 6.76 50.57 -6.54
N THR A 385 6.91 49.53 -5.72
CA THR A 385 8.19 48.85 -5.52
C THR A 385 8.04 47.47 -6.15
N PRO A 386 8.98 47.09 -7.05
CA PRO A 386 8.87 45.74 -7.63
C PRO A 386 8.80 44.60 -6.60
N ALA A 387 8.04 43.58 -6.97
CA ALA A 387 7.79 42.44 -6.09
C ALA A 387 9.09 41.66 -5.84
N GLU A 388 9.29 41.29 -4.58
CA GLU A 388 10.45 40.49 -4.17
C GLU A 388 10.03 39.31 -3.30
N PRO A 389 10.85 38.25 -3.23
CA PRO A 389 10.48 37.16 -2.31
C PRO A 389 10.53 37.61 -0.86
N LEU A 390 9.69 37.03 -0.02
CA LEU A 390 9.71 37.33 1.39
C LEU A 390 11.00 36.91 2.05
N LEU A 391 11.59 35.80 1.59
CA LEU A 391 12.82 35.30 2.19
C LEU A 391 14.03 35.51 1.28
N PRO A 392 15.17 35.91 1.81
CA PRO A 392 15.35 36.30 3.21
C PRO A 392 14.92 37.74 3.46
N PHE A 393 14.81 38.12 4.71
CA PHE A 393 14.53 39.53 5.06
C PHE A 393 15.42 40.03 6.17
N ASN A 394 15.67 41.33 6.10
CA ASN A 394 16.42 42.01 7.14
C ASN A 394 15.54 42.15 8.36
N PRO A 395 16.00 41.67 9.51
CA PRO A 395 15.15 41.76 10.70
C PRO A 395 14.98 43.19 11.23
N LYS A 396 13.78 43.75 11.07
CA LYS A 396 13.45 45.04 11.65
C LYS A 396 11.95 45.22 11.75
N GLY A 397 11.52 46.29 12.40
CA GLY A 397 10.11 46.55 12.65
C GLY A 397 9.48 45.53 13.58
N ASN A 398 8.25 45.13 13.28
CA ASN A 398 7.52 44.13 14.08
C ASN A 398 7.38 42.79 13.35
N ILE A 399 7.96 41.75 13.94
CA ILE A 399 7.95 40.39 13.40
C ILE A 399 7.09 39.56 14.34
N ALA A 400 5.95 39.09 13.85
CA ALA A 400 5.10 38.18 14.60
C ALA A 400 5.60 36.76 14.43
N VAL A 401 5.64 36.01 15.54
CA VAL A 401 5.93 34.58 15.52
C VAL A 401 4.73 33.94 16.19
N ILE A 402 3.97 33.18 15.40
CA ILE A 402 2.64 32.72 15.80
C ILE A 402 2.50 31.23 15.50
N GLY A 403 1.94 30.49 16.44
CA GLY A 403 1.57 29.09 16.23
C GLY A 403 1.94 28.22 17.42
N PRO A 404 1.41 26.99 17.49
CA PRO A 404 1.79 26.07 18.57
C PRO A 404 3.26 25.62 18.56
N LEU A 405 3.98 25.77 17.45
CA LEU A 405 5.43 25.50 17.42
C LEU A 405 6.30 26.77 17.59
N ALA A 406 5.67 27.91 17.92
CA ALA A 406 6.39 29.18 18.02
C ALA A 406 7.20 29.26 19.30
N ASP A 407 6.60 28.84 20.41
CA ASP A 407 7.23 28.97 21.72
C ASP A 407 7.24 27.65 22.49
N SER A 408 7.83 26.64 21.86
CA SER A 408 8.01 25.33 22.48
C SER A 408 9.46 24.92 22.43
N ARG A 409 10.09 24.89 23.59
CA ARG A 409 11.47 24.39 23.72
C ARG A 409 11.53 22.90 23.46
N THR A 410 10.64 22.15 24.09
CA THR A 410 10.74 20.70 24.16
C THR A 410 10.47 20.00 22.84
N ASN A 411 9.72 20.65 21.96
CA ASN A 411 9.52 20.14 20.61
C ASN A 411 10.63 20.46 19.60
N MET A 412 11.65 21.22 19.96
CA MET A 412 12.70 21.57 18.95
C MET A 412 13.64 20.43 18.55
N PRO A 413 14.04 19.56 19.51
CA PRO A 413 15.01 18.51 19.15
C PRO A 413 14.49 17.45 18.19
N GLY A 414 13.19 17.19 18.24
CA GLY A 414 12.57 16.14 17.44
C GLY A 414 12.47 14.85 18.23
N THR A 415 11.80 13.86 17.65
CA THR A 415 11.68 12.55 18.26
C THR A 415 13.05 11.89 18.35
N TRP A 416 13.14 10.85 19.16
CA TRP A 416 14.39 10.10 19.37
C TRP A 416 15.54 11.03 19.81
N SER A 417 15.28 11.72 20.92
CA SER A 417 16.27 12.56 21.59
C SER A 417 16.25 12.19 23.08
N VAL A 418 16.44 10.90 23.38
CA VAL A 418 16.17 10.38 24.71
C VAL A 418 17.12 10.87 25.82
N ALA A 419 18.29 11.36 25.44
CA ALA A 419 19.30 11.88 26.37
C ALA A 419 19.39 13.42 26.35
N ALA A 420 18.58 14.06 25.53
CA ALA A 420 18.60 15.51 25.44
C ALA A 420 17.97 16.11 26.69
N VAL A 421 18.37 17.33 27.01
CA VAL A 421 17.72 18.10 28.06
C VAL A 421 16.69 18.95 27.31
N LEU A 422 15.45 18.48 27.28
CA LEU A 422 14.45 19.02 26.36
C LEU A 422 14.18 20.50 26.59
N ASP A 423 13.97 20.88 27.85
CA ASP A 423 13.61 22.26 28.19
C ASP A 423 14.80 23.24 28.28
N ARG A 424 15.96 22.83 27.81
CA ARG A 424 17.10 23.72 27.67
C ARG A 424 17.23 24.29 26.26
N CYS A 425 16.63 23.64 25.26
CA CYS A 425 16.70 24.17 23.87
C CYS A 425 15.91 25.47 23.77
N PRO A 426 16.44 26.50 23.08
CA PRO A 426 15.62 27.71 22.94
C PRO A 426 14.43 27.47 22.01
N SER A 427 13.27 28.02 22.37
CA SER A 427 12.12 28.02 21.47
C SER A 427 12.41 28.93 20.28
N LEU A 428 11.57 28.86 19.25
CA LEU A 428 11.80 29.70 18.06
C LEU A 428 11.70 31.18 18.42
N VAL A 429 10.70 31.55 19.20
CA VAL A 429 10.54 32.95 19.65
C VAL A 429 11.79 33.42 20.40
N GLU A 430 12.27 32.63 21.36
CA GLU A 430 13.48 32.94 22.14
C GLU A 430 14.70 33.13 21.25
N GLY A 431 14.91 32.18 20.36
CA GLY A 431 15.99 32.28 19.39
C GLY A 431 15.93 33.54 18.55
N LEU A 432 14.74 33.84 18.02
CA LEU A 432 14.58 35.02 17.18
C LEU A 432 14.72 36.31 18.00
N LYS A 433 14.24 36.31 19.25
CA LYS A 433 14.45 37.45 20.15
C LYS A 433 15.93 37.74 20.40
N GLU A 434 16.72 36.71 20.65
CA GLU A 434 18.18 36.87 20.85
C GLU A 434 18.87 37.44 19.63
N MET A 435 18.53 36.89 18.46
CA MET A 435 19.16 37.27 17.19
C MET A 435 18.76 38.67 16.72
N THR A 436 17.59 39.16 17.13
CA THR A 436 17.06 40.46 16.66
C THR A 436 17.06 41.57 17.73
N ALA A 437 17.69 41.34 18.88
CA ALA A 437 17.68 42.33 19.98
C ALA A 437 18.21 43.69 19.50
N GLY A 438 17.43 44.74 19.70
CA GLY A 438 17.79 46.08 19.22
C GLY A 438 17.43 46.38 17.77
N LYS A 439 17.10 45.36 16.98
CA LYS A 439 16.80 45.55 15.55
C LYS A 439 15.30 45.50 15.23
N ALA A 440 14.57 44.65 15.93
CA ALA A 440 13.15 44.35 15.65
C ALA A 440 12.48 44.01 16.94
N ASN A 441 11.15 44.14 16.99
CA ASN A 441 10.34 43.62 18.10
C ASN A 441 9.73 42.30 17.68
N ILE A 442 9.87 41.27 18.52
CA ILE A 442 9.22 39.98 18.29
C ILE A 442 7.91 39.94 19.04
N LEU A 443 6.80 39.87 18.29
CA LEU A 443 5.45 39.74 18.87
C LEU A 443 5.07 38.28 18.83
N TYR A 444 4.30 37.83 19.81
CA TYR A 444 4.03 36.40 19.96
C TYR A 444 2.56 36.13 20.30
N ALA A 445 2.04 35.06 19.71
CA ALA A 445 0.78 34.46 20.15
C ALA A 445 0.82 32.99 19.79
N LYS A 446 0.29 32.13 20.64
CA LYS A 446 0.18 30.70 20.33
C LYS A 446 -0.71 30.46 19.13
N GLY A 447 -1.83 31.16 19.08
CA GLY A 447 -2.74 31.14 17.92
C GLY A 447 -3.73 29.98 17.85
N SER A 448 -3.24 28.77 18.12
CA SER A 448 -4.06 27.58 18.11
C SER A 448 -3.42 26.48 18.94
N ASN A 449 -4.22 25.50 19.31
CA ASN A 449 -3.67 24.27 19.85
C ASN A 449 -3.01 23.48 18.70
N LEU A 450 -2.44 22.33 19.02
CA LEU A 450 -1.82 21.48 18.02
C LEU A 450 -2.88 20.91 17.09
N ILE A 451 -3.98 20.48 17.69
CA ILE A 451 -5.07 19.80 17.00
C ILE A 451 -6.34 19.97 17.84
N SER A 452 -7.52 19.96 17.21
CA SER A 452 -8.76 20.24 17.97
C SER A 452 -8.97 19.25 19.10
N ASP A 453 -8.72 17.97 18.83
CA ASP A 453 -8.98 16.90 19.79
C ASP A 453 -7.89 16.82 20.87
N ALA A 454 -8.28 17.09 22.13
CA ALA A 454 -7.35 17.12 23.26
C ALA A 454 -6.65 15.78 23.52
N SER A 455 -7.40 14.70 23.34
CA SER A 455 -6.86 13.36 23.52
C SER A 455 -5.78 13.04 22.47
N TYR A 456 -5.97 13.45 21.23
CA TYR A 456 -4.92 13.33 20.22
C TYR A 456 -3.71 14.17 20.64
N GLU A 457 -3.94 15.44 20.99
CA GLU A 457 -2.83 16.30 21.39
C GLU A 457 -1.99 15.65 22.53
N GLU A 458 -2.67 15.07 23.50
CA GLU A 458 -2.02 14.36 24.61
C GLU A 458 -1.08 13.25 24.12
N ARG A 459 -1.59 12.33 23.30
CA ARG A 459 -0.72 11.26 22.79
C ARG A 459 0.37 11.75 21.82
N ALA A 460 0.09 12.85 21.12
CA ALA A 460 1.03 13.50 20.18
C ALA A 460 2.21 14.24 20.85
N THR A 461 2.08 14.49 22.15
CA THR A 461 3.03 15.28 22.93
C THR A 461 3.53 14.53 24.17
N MET A 462 3.47 13.19 24.13
CA MET A 462 4.03 12.38 25.22
C MET A 462 5.56 12.48 25.29
N PHE A 463 6.14 11.85 26.31
CA PHE A 463 7.61 11.90 26.53
C PHE A 463 8.12 13.33 26.79
N GLY A 464 7.33 14.11 27.53
CA GLY A 464 7.74 15.44 27.99
C GLY A 464 7.68 16.51 26.91
N ARG A 465 6.83 16.32 25.90
CA ARG A 465 6.66 17.31 24.81
C ARG A 465 5.35 18.11 24.83
N SER A 466 4.71 18.22 25.99
CA SER A 466 3.48 18.98 26.13
C SER A 466 3.69 20.40 25.57
N LEU A 467 2.69 20.89 24.86
CA LEU A 467 2.63 22.30 24.48
C LEU A 467 1.90 23.10 25.54
N ASN A 468 1.64 22.50 26.70
CA ASN A 468 0.98 23.17 27.79
C ASN A 468 -0.38 23.70 27.39
N ARG A 469 -1.15 22.82 26.75
CA ARG A 469 -2.50 23.13 26.36
C ARG A 469 -3.29 23.54 27.58
N ASP A 470 -3.94 24.68 27.50
CA ASP A 470 -4.64 25.23 28.64
C ASP A 470 -6.12 25.16 28.33
N ASN A 471 -6.92 25.84 29.15
CA ASN A 471 -8.37 25.81 28.99
C ASN A 471 -8.95 26.99 28.17
N ARG A 472 -8.12 27.62 27.35
CA ARG A 472 -8.58 28.71 26.50
C ARG A 472 -9.38 28.15 25.34
N THR A 473 -10.34 28.91 24.85
CA THR A 473 -11.11 28.49 23.70
C THR A 473 -10.29 28.75 22.42
N ASP A 474 -10.68 28.09 21.34
CA ASP A 474 -10.07 28.35 20.04
C ASP A 474 -10.22 29.81 19.63
N GLU A 475 -11.36 30.42 19.94
CA GLU A 475 -11.61 31.85 19.72
C GLU A 475 -10.66 32.76 20.54
N GLN A 476 -10.45 32.48 21.83
CA GLN A 476 -9.43 33.22 22.61
C GLN A 476 -8.06 33.14 21.96
N LEU A 477 -7.68 31.93 21.56
CA LEU A 477 -6.38 31.71 20.97
C LEU A 477 -6.24 32.44 19.65
N LEU A 478 -7.27 32.29 18.80
CA LEU A 478 -7.26 32.93 17.49
C LEU A 478 -7.26 34.46 17.62
N ASN A 479 -8.15 35.01 18.43
CA ASN A 479 -8.27 36.46 18.54
C ASN A 479 -6.99 37.14 19.02
N GLU A 480 -6.30 36.51 19.98
CA GLU A 480 -5.03 37.03 20.43
C GLU A 480 -4.00 37.06 19.29
N ALA A 481 -3.98 36.00 18.49
CA ALA A 481 -3.08 35.94 17.35
C ALA A 481 -3.38 36.98 16.26
N LEU A 482 -4.65 37.30 16.04
CA LEU A 482 -5.03 38.31 15.02
C LEU A 482 -4.72 39.73 15.46
N THR A 483 -4.82 40.00 16.76
CA THR A 483 -4.36 41.27 17.32
C THR A 483 -2.86 41.45 17.10
N VAL A 484 -2.09 40.38 17.30
CA VAL A 484 -0.65 40.42 16.95
C VAL A 484 -0.39 40.61 15.44
N ALA A 485 -1.03 39.78 14.61
CA ALA A 485 -0.79 39.80 13.16
C ALA A 485 -1.09 41.18 12.54
N ASN A 486 -2.20 41.78 12.93
CA ASN A 486 -2.59 43.09 12.39
C ASN A 486 -1.68 44.25 12.80
N GLN A 487 -0.89 44.08 13.87
CA GLN A 487 0.19 45.01 14.25
C GLN A 487 1.57 44.72 13.65
N SER A 488 1.72 43.65 12.86
CA SER A 488 3.04 43.18 12.47
C SER A 488 3.38 43.51 11.02
N ASP A 489 4.66 43.57 10.70
CA ASP A 489 5.11 43.79 9.32
C ASP A 489 5.26 42.51 8.54
N ILE A 490 5.52 41.43 9.27
CA ILE A 490 5.60 40.10 8.67
C ILE A 490 5.21 39.08 9.75
N ILE A 491 4.65 37.96 9.29
CA ILE A 491 4.18 36.90 10.17
C ILE A 491 4.96 35.62 9.87
N ILE A 492 5.56 35.06 10.91
CA ILE A 492 6.24 33.76 10.86
C ILE A 492 5.26 32.78 11.48
N ALA A 493 4.70 31.89 10.66
CA ALA A 493 3.71 30.94 11.13
C ALA A 493 4.45 29.64 11.41
N ALA A 494 4.62 29.34 12.69
CA ALA A 494 5.36 28.18 13.16
C ALA A 494 4.37 27.05 13.41
N LEU A 495 4.17 26.24 12.38
CA LEU A 495 3.09 25.26 12.35
C LEU A 495 3.61 23.89 11.93
N GLY A 496 2.80 22.88 12.19
CA GLY A 496 3.04 21.54 11.67
C GLY A 496 2.83 20.50 12.74
N GLU A 497 3.74 19.53 12.78
CA GLU A 497 3.65 18.43 13.72
C GLU A 497 4.31 18.79 15.05
N SER A 498 3.83 18.19 16.13
CA SER A 498 4.63 18.01 17.33
C SER A 498 5.63 16.89 17.06
N SER A 499 6.71 16.85 17.84
CA SER A 499 7.81 15.92 17.55
C SER A 499 7.38 14.46 17.66
N GLU A 500 6.50 14.14 18.61
CA GLU A 500 6.00 12.77 18.79
C GLU A 500 4.77 12.38 17.94
N MET A 501 4.42 13.22 16.97
CA MET A 501 3.55 12.78 15.88
C MET A 501 4.28 11.90 14.88
N SER A 502 5.62 11.81 15.00
CA SER A 502 6.44 10.89 14.22
C SER A 502 7.27 10.09 15.22
N GLY A 503 8.21 9.29 14.73
CA GLY A 503 8.94 8.34 15.60
C GLY A 503 8.23 7.00 15.67
N GLU A 504 8.54 6.21 16.68
CA GLU A 504 8.01 4.86 16.80
C GLU A 504 6.55 4.88 17.22
N SER A 505 5.74 4.00 16.62
CA SER A 505 4.32 3.89 16.95
C SER A 505 3.58 5.23 16.82
N SER A 506 3.90 5.95 15.76
CA SER A 506 3.29 7.24 15.45
C SER A 506 2.94 7.30 13.97
N SER A 507 2.07 6.38 13.57
CA SER A 507 1.59 6.32 12.20
C SER A 507 0.35 7.22 12.08
N ARG A 508 0.23 7.92 10.94
CA ARG A 508 -0.91 8.77 10.65
C ARG A 508 -1.63 8.32 9.35
N THR A 509 -2.96 8.39 9.36
CA THR A 509 -3.76 8.16 8.16
C THR A 509 -4.13 9.44 7.40
N ASP A 510 -3.99 10.57 8.08
CA ASP A 510 -4.11 11.90 7.46
C ASP A 510 -2.76 12.62 7.61
N LEU A 511 -2.33 13.31 6.55
CA LEU A 511 -0.99 13.93 6.52
C LEU A 511 -1.01 15.46 6.36
N ASN A 512 -2.13 16.08 6.73
N ASN A 512 -2.11 16.09 6.76
CA ASN A 512 -2.30 17.51 6.72
CA ASN A 512 -2.24 17.53 6.71
C ASN A 512 -1.66 18.16 7.93
C ASN A 512 -1.66 18.17 7.95
N ILE A 513 -1.45 19.47 7.83
CA ILE A 513 -1.26 20.32 8.99
C ILE A 513 -2.60 20.19 9.74
N PRO A 514 -2.55 19.89 11.05
CA PRO A 514 -3.77 19.65 11.83
C PRO A 514 -4.83 20.75 11.73
N ASP A 515 -6.08 20.32 11.81
CA ASP A 515 -7.24 21.20 11.58
C ASP A 515 -7.16 22.66 12.14
N VAL A 516 -6.95 22.83 13.45
CA VAL A 516 -6.97 24.19 14.04
C VAL A 516 -5.76 25.05 13.62
N GLN A 517 -4.64 24.40 13.32
CA GLN A 517 -3.48 25.10 12.80
C GLN A 517 -3.73 25.57 11.38
N GLN A 518 -4.34 24.72 10.55
CA GLN A 518 -4.64 25.13 9.18
C GLN A 518 -5.65 26.27 9.19
N ASN A 519 -6.61 26.24 10.10
CA ASN A 519 -7.57 27.34 10.22
C ASN A 519 -6.88 28.63 10.62
N LEU A 520 -5.98 28.53 11.61
CA LEU A 520 -5.15 29.67 12.03
C LEU A 520 -4.41 30.22 10.81
N LEU A 521 -3.80 29.33 10.05
CA LEU A 521 -3.03 29.75 8.88
C LEU A 521 -3.87 30.56 7.89
N LYS A 522 -5.06 30.04 7.61
CA LYS A 522 -6.03 30.68 6.73
C LYS A 522 -6.37 32.09 7.22
N GLU A 523 -6.64 32.22 8.51
CA GLU A 523 -6.94 33.52 9.11
C GLU A 523 -5.76 34.49 9.11
N LEU A 524 -4.54 33.99 9.30
CA LEU A 524 -3.36 34.85 9.19
C LEU A 524 -3.21 35.35 7.75
N LEU A 525 -3.44 34.48 6.78
CA LEU A 525 -3.35 34.88 5.38
C LEU A 525 -4.39 35.97 5.03
N LYS A 526 -5.59 35.85 5.59
CA LYS A 526 -6.64 36.86 5.39
C LYS A 526 -6.33 38.26 5.93
N THR A 527 -5.36 38.40 6.84
CA THR A 527 -5.00 39.73 7.35
C THR A 527 -4.40 40.61 6.25
N GLY A 528 -3.84 39.99 5.20
CA GLY A 528 -3.13 40.71 4.14
C GLY A 528 -1.66 40.93 4.42
N LYS A 529 -1.20 40.63 5.64
CA LYS A 529 0.20 40.74 5.99
C LYS A 529 0.94 39.56 5.37
N PRO A 530 2.22 39.75 5.01
CA PRO A 530 3.00 38.64 4.45
C PRO A 530 3.22 37.51 5.47
N VAL A 531 2.99 36.27 5.02
CA VAL A 531 3.10 35.09 5.86
C VAL A 531 4.19 34.18 5.35
N VAL A 532 5.09 33.79 6.27
CA VAL A 532 6.08 32.73 6.03
C VAL A 532 5.65 31.50 6.82
N LEU A 533 5.43 30.39 6.13
CA LEU A 533 5.19 29.12 6.80
C LEU A 533 6.53 28.47 7.15
N VAL A 534 6.82 28.40 8.44
CA VAL A 534 7.97 27.68 8.96
C VAL A 534 7.40 26.35 9.47
N LEU A 535 7.63 25.31 8.68
CA LEU A 535 6.95 24.03 8.83
C LEU A 535 7.81 23.04 9.59
N PHE A 536 7.30 22.58 10.72
CA PHE A 536 7.87 21.51 11.51
C PHE A 536 7.15 20.21 11.16
N THR A 537 7.93 19.17 10.86
CA THR A 537 7.38 17.87 10.50
C THR A 537 8.43 16.79 10.60
N GLY A 538 7.99 15.56 10.87
CA GLY A 538 8.88 14.41 10.83
C GLY A 538 8.69 13.54 9.61
N ARG A 539 7.91 14.00 8.65
CA ARG A 539 7.44 13.22 7.50
C ARG A 539 6.97 14.13 6.38
N PRO A 540 6.90 13.59 5.17
CA PRO A 540 6.13 14.26 4.13
C PRO A 540 4.69 14.57 4.61
N LEU A 541 4.24 15.78 4.33
CA LEU A 541 2.85 16.16 4.52
C LEU A 541 2.20 16.45 3.17
N THR A 542 0.87 16.44 3.19
CA THR A 542 0.06 16.78 2.02
C THR A 542 -0.28 18.28 2.05
N LEU A 543 0.42 19.05 1.23
CA LEU A 543 0.47 20.51 1.33
C LEU A 543 -0.02 21.27 0.08
N THR A 544 -0.91 20.68 -0.72
CA THR A 544 -1.40 21.37 -1.96
C THR A 544 -2.06 22.71 -1.65
N TRP A 545 -2.83 22.79 -0.57
CA TRP A 545 -3.50 24.04 -0.20
C TRP A 545 -2.47 25.12 0.18
N GLU A 546 -1.50 24.72 1.00
CA GLU A 546 -0.43 25.62 1.42
C GLU A 546 0.42 26.09 0.24
N GLN A 547 0.77 25.18 -0.66
CA GLN A 547 1.52 25.53 -1.87
C GLN A 547 0.76 26.52 -2.76
N GLU A 548 -0.58 26.42 -2.78
CA GLU A 548 -1.39 27.36 -3.54
C GLU A 548 -1.44 28.77 -2.91
N HIS A 549 -1.52 28.83 -1.58
CA HIS A 549 -1.93 30.06 -0.88
C HIS A 549 -0.86 30.79 -0.07
N VAL A 550 0.17 30.09 0.37
CA VAL A 550 1.23 30.67 1.21
C VAL A 550 2.41 31.13 0.33
N PRO A 551 2.86 32.39 0.47
CA PRO A 551 3.91 32.86 -0.43
C PRO A 551 5.27 32.19 -0.26
N ALA A 552 5.65 31.93 0.99
CA ALA A 552 6.93 31.27 1.34
C ALA A 552 6.73 30.10 2.30
N ILE A 553 7.37 28.98 1.97
CA ILE A 553 7.28 27.76 2.78
C ILE A 553 8.68 27.23 2.98
N LEU A 554 9.08 27.16 4.25
CA LEU A 554 10.38 26.62 4.66
C LEU A 554 10.17 25.39 5.52
N ASN A 555 10.55 24.23 4.99
CA ASN A 555 10.47 22.99 5.74
C ASN A 555 11.72 22.90 6.63
N VAL A 556 11.52 23.02 7.94
CA VAL A 556 12.62 22.93 8.91
C VAL A 556 12.70 21.59 9.68
N TRP A 557 11.89 20.61 9.25
CA TRP A 557 11.83 19.27 9.84
C TRP A 557 11.77 19.42 11.37
N PHE A 558 12.68 18.78 12.10
CA PHE A 558 12.97 19.15 13.49
C PHE A 558 14.47 19.28 13.53
N GLY A 559 14.92 20.52 13.76
CA GLY A 559 16.30 20.94 13.55
C GLY A 559 17.32 20.58 14.62
N GLY A 560 16.85 20.10 15.76
CA GLY A 560 17.71 19.78 16.89
C GLY A 560 17.66 20.87 17.98
N SER A 561 18.66 20.83 18.85
CA SER A 561 18.69 21.70 20.02
C SER A 561 18.96 23.15 19.64
N GLU A 562 19.61 23.38 18.49
CA GLU A 562 19.92 24.72 18.01
C GLU A 562 19.00 25.16 16.85
N ALA A 563 17.88 24.47 16.66
CA ALA A 563 16.94 24.74 15.55
C ALA A 563 16.55 26.22 15.45
N ALA A 564 16.18 26.81 16.58
CA ALA A 564 15.72 28.20 16.62
C ALA A 564 16.72 29.14 16.00
N TYR A 565 18.00 28.97 16.35
CA TYR A 565 19.04 29.84 15.81
C TYR A 565 19.24 29.60 14.32
N ALA A 566 19.23 28.33 13.92
CA ALA A 566 19.39 27.95 12.51
C ALA A 566 18.24 28.50 11.67
N ILE A 567 17.02 28.47 12.20
CA ILE A 567 15.87 29.05 11.51
C ILE A 567 16.09 30.57 11.30
N GLY A 568 16.54 31.26 12.34
CA GLY A 568 16.90 32.67 12.22
C GLY A 568 17.94 32.91 11.12
N ASP A 569 18.96 32.05 11.09
CA ASP A 569 19.99 32.10 10.04
C ASP A 569 19.42 32.03 8.64
N ALA A 570 18.46 31.13 8.44
CA ALA A 570 17.82 30.98 7.12
C ALA A 570 16.95 32.21 6.80
N LEU A 571 16.09 32.57 7.74
CA LEU A 571 15.13 33.66 7.56
C LEU A 571 15.78 34.99 7.28
N PHE A 572 16.89 35.26 7.96
CA PHE A 572 17.59 36.52 7.83
C PHE A 572 18.71 36.50 6.78
N GLY A 573 18.92 35.36 6.12
CA GLY A 573 19.83 35.29 4.98
C GLY A 573 21.30 35.11 5.33
N TYR A 574 21.61 34.74 6.58
CA TYR A 574 22.97 34.36 6.96
C TYR A 574 23.36 33.02 6.31
N VAL A 575 22.37 32.17 6.08
CA VAL A 575 22.54 30.89 5.38
C VAL A 575 21.53 30.88 4.25
N ASN A 576 21.96 30.44 3.06
CA ASN A 576 21.06 30.30 1.92
C ASN A 576 20.59 28.85 1.89
N PRO A 577 19.27 28.60 2.04
CA PRO A 577 18.79 27.22 2.01
C PRO A 577 19.29 26.44 0.80
N GLY A 578 19.76 25.23 1.06
CA GLY A 578 20.18 24.31 -0.01
C GLY A 578 19.76 22.87 0.19
N GLY A 579 18.84 22.61 1.12
CA GLY A 579 18.31 21.25 1.30
C GLY A 579 17.54 20.74 0.08
N LYS A 580 17.61 19.44 -0.15
CA LYS A 580 16.76 18.79 -1.16
C LYS A 580 16.06 17.60 -0.53
N LEU A 581 14.79 17.41 -0.88
CA LEU A 581 13.99 16.32 -0.33
C LEU A 581 14.56 14.95 -0.69
N THR A 582 14.48 14.04 0.27
CA THR A 582 14.90 12.65 0.07
C THR A 582 13.71 11.68 0.10
N MET A 583 12.51 12.25 0.27
CA MET A 583 11.26 11.49 0.20
C MET A 583 10.19 12.33 -0.49
N SER A 584 9.46 11.68 -1.42
CA SER A 584 8.41 12.30 -2.21
C SER A 584 7.30 12.86 -1.34
N PHE A 585 6.80 14.05 -1.66
CA PHE A 585 5.64 14.65 -0.94
C PHE A 585 4.34 14.49 -1.77
N PRO A 586 3.45 13.56 -1.39
CA PRO A 586 2.25 13.34 -2.21
C PRO A 586 1.24 14.46 -2.12
N LYS A 587 0.39 14.56 -3.15
CA LYS A 587 -0.72 15.48 -3.14
C LYS A 587 -1.82 14.99 -2.21
N ASN A 588 -1.98 13.68 -2.11
CA ASN A 588 -2.91 13.09 -1.14
C ASN A 588 -2.52 11.68 -0.76
N VAL A 589 -3.11 11.18 0.33
N VAL A 589 -3.13 11.21 0.33
CA VAL A 589 -2.76 9.85 0.85
CA VAL A 589 -2.86 9.89 0.88
C VAL A 589 -3.24 8.69 -0.05
C VAL A 589 -3.25 8.72 -0.05
N GLY A 590 -4.27 8.94 -0.87
CA GLY A 590 -4.67 7.97 -1.88
C GLY A 590 -3.71 7.74 -3.04
N GLN A 591 -2.69 8.58 -3.21
CA GLN A 591 -1.59 8.29 -4.14
C GLN A 591 -0.51 7.35 -3.60
N ILE A 592 -0.51 7.10 -2.30
CA ILE A 592 0.55 6.31 -1.67
C ILE A 592 0.49 4.85 -2.20
N PRO A 593 1.62 4.23 -2.56
CA PRO A 593 2.96 4.80 -2.47
C PRO A 593 3.39 5.53 -3.74
N LEU A 594 3.98 6.69 -3.56
N LEU A 594 3.88 6.75 -3.58
CA LEU A 594 4.48 7.52 -4.63
CA LEU A 594 4.52 7.50 -4.66
C LEU A 594 6.01 7.59 -4.48
C LEU A 594 6.01 7.42 -4.45
N TYR A 595 6.76 7.28 -5.54
CA TYR A 595 8.23 7.24 -5.45
C TYR A 595 8.82 7.46 -6.83
N TYR A 596 9.92 8.19 -6.90
CA TYR A 596 10.46 8.59 -8.20
C TYR A 596 10.94 7.35 -9.03
N ALA A 597 11.53 6.35 -8.37
CA ALA A 597 12.18 5.22 -9.10
C ALA A 597 11.20 4.10 -9.44
N HIS A 598 10.14 4.47 -10.15
CA HIS A 598 9.04 3.56 -10.42
C HIS A 598 9.19 2.92 -11.82
N LYS A 599 8.53 1.78 -12.01
CA LYS A 599 8.48 1.12 -13.30
C LYS A 599 7.62 1.93 -14.25
N ASN A 600 7.80 1.72 -15.55
CA ASN A 600 7.05 2.48 -16.55
C ASN A 600 5.58 2.07 -16.65
N THR A 601 5.28 0.83 -16.30
CA THR A 601 4.03 0.12 -16.63
C THR A 601 3.89 -0.10 -18.14
N GLY A 602 2.89 -0.87 -18.53
CA GLY A 602 2.61 -1.07 -19.96
C GLY A 602 1.78 0.05 -20.58
N ARG A 603 1.27 0.97 -19.75
CA ARG A 603 0.38 2.04 -20.21
C ARG A 603 0.72 3.38 -19.53
N PRO A 604 1.98 3.85 -19.70
CA PRO A 604 2.38 5.10 -19.06
C PRO A 604 1.58 6.28 -19.59
N LEU A 605 1.15 7.15 -18.67
CA LEU A 605 0.53 8.43 -19.03
C LEU A 605 1.63 9.36 -19.52
N ALA A 606 1.48 9.89 -20.73
CA ALA A 606 2.45 10.84 -21.30
C ALA A 606 2.43 12.15 -20.53
N GLN A 607 3.56 12.85 -20.48
CA GLN A 607 3.62 14.12 -19.74
C GLN A 607 2.60 15.13 -20.27
N GLY A 608 2.00 15.88 -19.34
CA GLY A 608 0.93 16.80 -19.64
C GLY A 608 -0.38 16.23 -20.19
N LYS A 609 -0.61 14.92 -20.09
CA LYS A 609 -1.83 14.33 -20.66
C LYS A 609 -2.90 13.93 -19.63
N TRP A 610 -2.68 14.19 -18.34
CA TRP A 610 -3.70 13.87 -17.36
C TRP A 610 -4.96 14.68 -17.66
N PHE A 611 -6.16 14.10 -17.73
CA PHE A 611 -6.49 12.70 -17.56
C PHE A 611 -6.62 12.04 -18.93
N GLU A 612 -6.18 10.79 -19.07
CA GLU A 612 -6.42 10.01 -20.28
C GLU A 612 -6.98 8.65 -19.90
N LYS A 613 -8.20 8.40 -20.35
CA LYS A 613 -8.81 7.09 -20.21
C LYS A 613 -7.94 6.03 -20.88
N PHE A 614 -7.76 4.92 -20.16
CA PHE A 614 -6.98 3.74 -20.56
C PHE A 614 -5.44 3.89 -20.44
N ARG A 615 -4.95 4.97 -19.81
CA ARG A 615 -3.57 5.06 -19.32
C ARG A 615 -3.54 4.74 -17.81
N SER A 616 -2.36 4.48 -17.27
CA SER A 616 -2.22 4.31 -15.81
C SER A 616 -2.31 5.66 -15.10
N ASN A 617 -3.51 5.99 -14.64
CA ASN A 617 -3.80 7.28 -13.99
C ASN A 617 -5.12 7.22 -13.24
N TYR A 618 -5.32 8.20 -12.36
CA TYR A 618 -6.51 8.28 -11.50
C TYR A 618 -7.52 9.28 -12.05
N LEU A 619 -8.79 9.11 -11.70
CA LEU A 619 -9.85 10.02 -12.11
C LEU A 619 -9.74 11.42 -11.51
N ASP A 620 -9.11 11.55 -10.34
CA ASP A 620 -9.29 12.73 -9.47
C ASP A 620 -8.05 13.55 -9.09
N VAL A 621 -6.88 13.11 -9.53
CA VAL A 621 -5.63 13.81 -9.32
C VAL A 621 -4.66 13.19 -10.31
N ASP A 622 -3.63 13.94 -10.71
CA ASP A 622 -2.62 13.38 -11.59
C ASP A 622 -1.69 12.40 -10.83
N ASN A 623 -0.68 11.87 -11.51
CA ASN A 623 0.19 10.85 -10.93
C ASN A 623 1.32 11.43 -10.10
N GLU A 624 1.47 12.75 -10.08
CA GLU A 624 2.67 13.38 -9.58
C GLU A 624 2.63 13.71 -8.10
N PRO A 625 3.79 13.63 -7.42
CA PRO A 625 3.90 14.19 -6.09
C PRO A 625 3.81 15.73 -6.17
N LEU A 626 3.36 16.37 -5.09
CA LEU A 626 3.42 17.83 -5.02
C LEU A 626 4.87 18.31 -5.15
N TYR A 627 5.77 17.67 -4.40
CA TYR A 627 7.21 17.94 -4.48
C TYR A 627 7.95 16.61 -4.71
N PRO A 628 8.75 16.52 -5.79
CA PRO A 628 9.40 15.25 -6.09
C PRO A 628 10.66 15.02 -5.29
N PHE A 629 11.13 13.77 -5.30
CA PHE A 629 12.44 13.42 -4.78
C PHE A 629 13.50 14.36 -5.36
N GLY A 630 14.38 14.83 -4.47
CA GLY A 630 15.46 15.74 -4.80
C GLY A 630 15.09 17.20 -4.98
N TYR A 631 13.85 17.58 -4.62
CA TYR A 631 13.34 18.93 -4.80
C TYR A 631 13.82 19.85 -3.72
N GLY A 632 14.20 21.05 -4.13
CA GLY A 632 14.52 22.08 -3.16
C GLY A 632 15.01 23.34 -3.85
N LEU A 633 14.56 24.47 -3.32
CA LEU A 633 14.89 25.78 -3.85
C LEU A 633 16.02 26.44 -3.09
N SER A 634 16.43 27.58 -3.64
CA SER A 634 17.48 28.38 -3.10
C SER A 634 17.02 29.84 -3.17
N TYR A 635 17.69 30.70 -2.41
CA TYR A 635 17.56 32.16 -2.60
C TYR A 635 18.16 32.63 -3.92
N THR A 636 18.92 31.76 -4.59
CA THR A 636 19.39 32.01 -5.95
C THR A 636 18.79 30.97 -6.91
N THR A 637 19.16 31.07 -8.19
CA THR A 637 18.73 30.14 -9.22
C THR A 637 19.97 29.57 -9.88
N PHE A 638 19.85 28.35 -10.36
CA PHE A 638 20.94 27.66 -11.05
C PHE A 638 20.42 27.23 -12.40
N SER A 639 21.22 27.38 -13.45
CA SER A 639 20.84 26.88 -14.77
C SER A 639 21.86 25.86 -15.25
N TYR A 640 21.36 24.90 -16.02
CA TYR A 640 22.12 23.75 -16.46
C TYR A 640 22.23 23.86 -17.98
N GLY A 641 23.43 23.67 -18.51
CA GLY A 641 23.60 23.46 -19.96
C GLY A 641 23.37 22.01 -20.34
N ASP A 642 23.67 21.68 -21.59
CA ASP A 642 23.49 20.31 -22.09
C ASP A 642 24.51 19.38 -21.51
N ILE A 643 24.21 18.09 -21.55
CA ILE A 643 25.10 17.08 -21.00
C ILE A 643 26.11 16.69 -22.05
N ASP A 644 27.38 16.74 -21.70
CA ASP A 644 28.42 16.20 -22.57
C ASP A 644 28.83 14.82 -22.08
N LEU A 645 28.67 13.82 -22.94
CA LEU A 645 29.17 12.48 -22.67
C LEU A 645 30.50 12.32 -23.40
N SER A 646 31.54 11.91 -22.68
CA SER A 646 32.85 11.71 -23.29
C SER A 646 32.82 10.58 -24.35
N ARG A 647 31.94 9.58 -24.15
CA ARG A 647 31.74 8.49 -25.13
C ARG A 647 30.27 8.14 -25.35
N SER A 648 29.97 7.74 -26.58
CA SER A 648 28.66 7.23 -27.00
C SER A 648 28.45 5.76 -26.68
N THR A 649 29.55 5.01 -26.68
CA THR A 649 29.53 3.57 -26.55
C THR A 649 30.71 3.14 -25.71
N ILE A 650 30.44 2.32 -24.72
CA ILE A 650 31.46 1.68 -23.92
C ILE A 650 31.13 0.20 -23.93
N ASP A 651 32.09 -0.62 -23.53
CA ASP A 651 31.81 -2.03 -23.24
C ASP A 651 31.98 -2.28 -21.75
N MET A 652 31.85 -3.54 -21.32
CA MET A 652 31.90 -3.91 -19.92
C MET A 652 33.22 -3.54 -19.23
N THR A 653 34.28 -3.37 -20.01
CA THR A 653 35.61 -3.04 -19.48
C THR A 653 35.81 -1.53 -19.34
N GLY A 654 34.92 -0.74 -19.95
CA GLY A 654 35.13 0.68 -20.18
C GLY A 654 34.50 1.61 -19.16
N GLU A 655 34.50 2.89 -19.50
CA GLU A 655 33.91 3.93 -18.67
C GLU A 655 33.70 5.16 -19.54
N LEU A 656 32.91 6.09 -19.01
CA LEU A 656 32.72 7.38 -19.65
C LEU A 656 32.44 8.44 -18.60
N THR A 657 32.47 9.70 -19.04
CA THR A 657 32.26 10.85 -18.18
C THR A 657 31.05 11.62 -18.69
N ALA A 658 30.14 11.95 -17.79
CA ALA A 658 29.02 12.84 -18.11
C ALA A 658 29.27 14.16 -17.41
N ALA A 659 29.23 15.23 -18.18
CA ALA A 659 29.55 16.55 -17.67
C ALA A 659 28.46 17.54 -18.04
N VAL A 660 28.21 18.46 -17.12
CA VAL A 660 27.27 19.52 -17.36
C VAL A 660 27.81 20.79 -16.71
N MET A 661 27.56 21.93 -17.33
CA MET A 661 27.90 23.19 -16.72
C MET A 661 26.72 23.68 -15.89
N VAL A 662 27.01 24.08 -14.66
CA VAL A 662 25.98 24.62 -13.76
C VAL A 662 26.35 26.05 -13.43
N THR A 663 25.43 26.98 -13.65
CA THR A 663 25.70 28.41 -13.49
C THR A 663 24.75 28.99 -12.46
N ASN A 664 25.29 29.79 -11.54
CA ASN A 664 24.48 30.57 -10.61
C ASN A 664 24.00 31.83 -11.32
N THR A 665 22.76 31.78 -11.80
CA THR A 665 22.16 32.86 -12.56
C THR A 665 21.39 33.90 -11.72
N GLY A 666 21.47 33.84 -10.40
CA GLY A 666 20.71 34.76 -9.54
C GLY A 666 21.63 35.71 -8.80
N THR A 667 21.14 36.28 -7.71
CA THR A 667 21.84 37.37 -6.99
C THR A 667 22.51 36.95 -5.68
N TRP A 668 22.32 35.70 -5.25
CA TRP A 668 22.83 35.22 -3.97
C TRP A 668 23.89 34.13 -4.16
N PRO A 669 24.93 34.10 -3.31
CA PRO A 669 25.79 32.91 -3.29
C PRO A 669 24.97 31.73 -2.75
N GLY A 670 25.23 30.52 -3.21
CA GLY A 670 24.50 29.38 -2.70
C GLY A 670 24.97 28.05 -3.16
N SER A 671 24.52 27.02 -2.46
CA SER A 671 24.84 25.64 -2.82
C SER A 671 23.69 25.00 -3.62
N GLU A 672 24.08 24.15 -4.56
CA GLU A 672 23.18 23.36 -5.38
C GLU A 672 23.59 21.89 -5.28
N VAL A 673 22.61 21.01 -5.11
CA VAL A 673 22.82 19.56 -5.15
C VAL A 673 22.54 19.05 -6.57
N VAL A 674 23.61 18.79 -7.32
CA VAL A 674 23.55 18.34 -8.70
C VAL A 674 23.38 16.82 -8.67
N GLN A 675 22.29 16.32 -9.25
CA GLN A 675 21.90 14.92 -9.08
C GLN A 675 22.00 14.16 -10.38
N LEU A 676 22.61 12.97 -10.32
CA LEU A 676 22.77 12.06 -11.46
C LEU A 676 21.77 10.92 -11.38
N TYR A 677 20.94 10.81 -12.42
CA TYR A 677 20.01 9.69 -12.56
C TYR A 677 20.33 8.90 -13.82
N ILE A 678 20.19 7.58 -13.72
CA ILE A 678 20.39 6.68 -14.87
C ILE A 678 19.13 5.85 -15.08
N ARG A 679 18.74 5.74 -16.34
CA ARG A 679 17.69 4.83 -16.77
C ARG A 679 18.26 3.76 -17.68
N ASP A 680 18.09 2.51 -17.26
CA ASP A 680 18.29 1.34 -18.10
C ASP A 680 17.04 1.16 -18.95
N LEU A 681 17.14 1.50 -20.24
CA LEU A 681 15.95 1.62 -21.09
C LEU A 681 15.17 0.35 -21.33
N VAL A 682 15.88 -0.75 -21.55
CA VAL A 682 15.28 -2.05 -21.83
C VAL A 682 15.93 -3.02 -20.86
N GLY A 683 15.16 -3.94 -20.29
CA GLY A 683 15.76 -5.01 -19.48
C GLY A 683 15.14 -6.36 -19.79
N SER A 684 15.80 -7.42 -19.33
CA SER A 684 15.16 -8.73 -19.27
C SER A 684 14.01 -8.71 -18.24
N THR A 685 14.12 -7.81 -17.25
CA THR A 685 12.99 -7.45 -16.42
C THR A 685 12.78 -5.93 -16.55
N THR A 686 11.59 -5.45 -16.17
CA THR A 686 11.29 -4.03 -16.25
C THR A 686 12.19 -3.26 -15.28
N ARG A 687 12.70 -2.13 -15.76
CA ARG A 687 13.65 -1.34 -15.00
C ARG A 687 12.95 -0.04 -14.63
N PRO A 688 13.37 0.59 -13.52
CA PRO A 688 12.72 1.86 -13.17
C PRO A 688 13.02 2.97 -14.18
N VAL A 689 12.14 3.94 -14.25
CA VAL A 689 12.31 5.08 -15.19
C VAL A 689 13.53 5.95 -14.87
N LYS A 690 13.96 5.93 -13.62
CA LYS A 690 15.28 6.41 -13.22
C LYS A 690 15.67 5.94 -11.82
N GLU A 691 16.97 6.00 -11.58
CA GLU A 691 17.61 5.69 -10.32
C GLU A 691 18.76 6.65 -10.08
N LEU A 692 18.80 7.20 -8.87
CA LEU A 692 19.89 8.06 -8.46
C LEU A 692 21.16 7.22 -8.40
N LYS A 693 22.21 7.66 -9.08
CA LYS A 693 23.51 6.96 -9.08
C LYS A 693 24.71 7.83 -8.71
N GLY A 694 24.47 9.09 -8.39
CA GLY A 694 25.52 10.01 -8.01
C GLY A 694 24.93 11.37 -7.65
N PHE A 695 25.73 12.16 -6.94
CA PHE A 695 25.38 13.57 -6.71
C PHE A 695 26.62 14.32 -6.32
N GLN A 696 26.63 15.62 -6.60
CA GLN A 696 27.63 16.52 -6.04
C GLN A 696 27.01 17.82 -5.60
N LYS A 697 27.27 18.20 -4.36
CA LYS A 697 26.85 19.47 -3.80
C LYS A 697 27.91 20.53 -4.05
N ILE A 698 27.60 21.50 -4.89
CA ILE A 698 28.54 22.56 -5.27
C ILE A 698 28.10 23.88 -4.65
N PHE A 699 29.04 24.80 -4.53
CA PHE A 699 28.77 26.16 -4.03
C PHE A 699 29.26 27.17 -5.06
N LEU A 700 28.34 28.03 -5.50
CA LEU A 700 28.61 29.01 -6.53
C LEU A 700 28.25 30.41 -6.03
N GLU A 701 29.13 31.35 -6.36
CA GLU A 701 28.91 32.79 -6.21
C GLU A 701 28.02 33.25 -7.34
N PRO A 702 27.38 34.42 -7.20
CA PRO A 702 26.53 34.95 -8.27
C PRO A 702 27.29 35.07 -9.59
N GLY A 703 26.70 34.55 -10.67
CA GLY A 703 27.33 34.54 -12.00
C GLY A 703 28.38 33.46 -12.26
N GLN A 704 28.86 32.79 -11.20
CA GLN A 704 29.90 31.78 -11.32
C GLN A 704 29.35 30.49 -11.95
N SER A 705 30.22 29.79 -12.66
CA SER A 705 29.92 28.51 -13.27
C SER A 705 30.87 27.43 -12.77
N GLU A 706 30.46 26.18 -12.96
N GLU A 706 30.46 26.18 -12.96
CA GLU A 706 31.30 25.02 -12.69
CA GLU A 706 31.30 25.02 -12.69
C GLU A 706 30.86 23.83 -13.54
C GLU A 706 30.86 23.83 -13.54
N ILE A 707 31.84 23.14 -14.14
CA ILE A 707 31.58 21.91 -14.89
C ILE A 707 31.57 20.77 -13.88
N VAL A 708 30.41 20.12 -13.73
CA VAL A 708 30.25 19.00 -12.78
C VAL A 708 30.40 17.72 -13.58
N ARG A 709 31.30 16.84 -13.14
CA ARG A 709 31.59 15.62 -13.90
C ARG A 709 31.25 14.39 -13.10
N PHE A 710 30.57 13.45 -13.75
CA PHE A 710 30.27 12.16 -13.17
C PHE A 710 30.90 11.04 -14.00
N LYS A 711 31.60 10.15 -13.30
CA LYS A 711 32.14 8.95 -13.88
C LYS A 711 31.03 7.92 -13.96
N ILE A 712 30.87 7.33 -15.13
CA ILE A 712 29.89 6.28 -15.37
C ILE A 712 30.62 5.00 -15.81
N ALA A 713 30.54 3.96 -14.97
CA ALA A 713 31.15 2.67 -15.23
C ALA A 713 30.10 1.57 -15.18
N PRO A 714 30.31 0.47 -15.93
CA PRO A 714 29.30 -0.59 -15.97
C PRO A 714 28.93 -1.21 -14.63
N GLU A 715 29.82 -1.16 -13.64
CA GLU A 715 29.46 -1.62 -12.29
C GLU A 715 28.31 -0.83 -11.61
N MET A 716 28.12 0.43 -12.01
CA MET A 716 26.99 1.29 -11.56
C MET A 716 25.67 0.96 -12.23
N LEU A 717 25.72 0.15 -13.30
CA LEU A 717 24.59 -0.18 -14.14
C LEU A 717 24.03 -1.58 -13.87
N ARG A 718 24.55 -2.23 -12.83
CA ARG A 718 24.10 -3.55 -12.48
C ARG A 718 22.82 -3.51 -11.65
N TYR A 719 22.08 -4.59 -11.73
CA TYR A 719 20.86 -4.76 -10.97
C TYR A 719 20.59 -6.24 -10.81
N TYR A 720 19.73 -6.58 -9.84
CA TYR A 720 19.36 -7.96 -9.63
C TYR A 720 18.29 -8.35 -10.63
N ASN A 721 18.63 -9.32 -11.46
CA ASN A 721 17.78 -9.74 -12.56
C ASN A 721 16.77 -10.76 -12.03
N TYR A 722 16.00 -11.37 -12.93
CA TYR A 722 14.97 -12.35 -12.55
C TYR A 722 15.48 -13.47 -11.64
N ASP A 723 16.69 -13.94 -11.94
CA ASP A 723 17.32 -15.02 -11.19
C ASP A 723 18.15 -14.52 -10.00
N LEU A 724 17.92 -13.27 -9.59
CA LEU A 724 18.68 -12.60 -8.53
C LEU A 724 20.20 -12.61 -8.72
N GLN A 725 20.63 -12.47 -9.96
CA GLN A 725 22.03 -12.31 -10.31
C GLN A 725 22.29 -10.82 -10.52
N LEU A 726 23.28 -10.29 -9.80
CA LEU A 726 23.67 -8.89 -9.94
C LEU A 726 24.51 -8.67 -11.21
N VAL A 727 23.85 -8.22 -12.27
CA VAL A 727 24.44 -8.14 -13.62
C VAL A 727 24.12 -6.82 -14.30
N ALA A 728 25.04 -6.37 -15.16
CA ALA A 728 24.77 -5.31 -16.11
C ALA A 728 24.44 -5.97 -17.43
N GLU A 729 23.38 -5.50 -18.09
CA GLU A 729 23.05 -6.03 -19.41
C GLU A 729 23.44 -5.02 -20.46
N PRO A 730 23.98 -5.52 -21.60
CA PRO A 730 24.24 -4.59 -22.69
C PRO A 730 22.95 -4.01 -23.20
N GLY A 731 23.03 -2.80 -23.71
CA GLY A 731 21.90 -2.10 -24.29
C GLY A 731 22.06 -0.62 -24.04
N GLU A 732 20.94 0.10 -24.22
CA GLU A 732 20.92 1.54 -24.17
C GLU A 732 20.59 2.06 -22.78
N PHE A 733 21.20 3.18 -22.45
CA PHE A 733 21.05 3.85 -21.17
C PHE A 733 20.82 5.33 -21.41
N GLU A 734 20.06 5.95 -20.51
CA GLU A 734 19.81 7.38 -20.54
C GLU A 734 20.39 7.99 -19.26
N VAL A 735 21.20 9.02 -19.43
CA VAL A 735 21.85 9.73 -18.35
C VAL A 735 21.05 11.00 -18.15
N MET A 736 20.76 11.32 -16.90
CA MET A 736 19.96 12.48 -16.56
C MET A 736 20.59 13.23 -15.41
N ILE A 737 20.75 14.54 -15.57
CA ILE A 737 21.38 15.35 -14.54
C ILE A 737 20.50 16.57 -14.34
N GLY A 738 20.27 16.93 -13.08
CA GLY A 738 19.48 18.09 -12.78
C GLY A 738 19.35 18.43 -11.31
N THR A 739 18.49 19.43 -11.07
CA THR A 739 18.27 20.07 -9.76
C THR A 739 17.29 19.29 -8.85
N ASN A 740 16.58 18.36 -9.45
CA ASN A 740 15.72 17.40 -8.74
C ASN A 740 15.49 16.21 -9.66
N SER A 741 14.77 15.20 -9.19
CA SER A 741 14.51 13.99 -10.01
C SER A 741 13.56 14.20 -11.21
N ARG A 742 12.90 15.36 -11.27
CA ARG A 742 11.89 15.65 -12.28
C ARG A 742 12.43 16.52 -13.40
N ASP A 743 13.16 17.58 -13.02
CA ASP A 743 13.63 18.63 -13.95
C ASP A 743 15.09 18.32 -14.30
N VAL A 744 15.28 17.62 -15.42
CA VAL A 744 16.60 17.05 -15.75
C VAL A 744 16.97 17.26 -17.21
N LYS A 745 18.27 17.38 -17.45
CA LYS A 745 18.85 17.28 -18.79
C LYS A 745 19.14 15.82 -19.06
N SER A 746 19.14 15.46 -20.33
CA SER A 746 19.19 14.08 -20.77
C SER A 746 20.27 13.83 -21.84
N ALA A 747 20.84 12.63 -21.83
CA ALA A 747 21.69 12.15 -22.93
C ALA A 747 21.71 10.63 -22.89
N ARG A 748 22.19 10.03 -23.99
CA ARG A 748 22.14 8.58 -24.16
C ARG A 748 23.50 7.98 -24.45
N PHE A 749 23.71 6.76 -23.96
CA PHE A 749 24.83 5.93 -24.41
C PHE A 749 24.44 4.46 -24.47
N THR A 750 25.32 3.71 -25.14
CA THR A 750 25.12 2.29 -25.36
C THR A 750 26.20 1.50 -24.62
N LEU A 751 25.77 0.46 -23.92
CA LEU A 751 26.69 -0.53 -23.35
C LEU A 751 26.73 -1.78 -24.24
N LYS A 752 27.92 -2.22 -24.59
CA LYS A 752 28.12 -3.44 -25.38
C LYS A 752 28.93 -4.45 -24.61
N LEU A 753 28.91 -5.71 -25.05
CA LEU A 753 29.77 -6.75 -24.44
C LEU A 753 31.27 -6.55 -24.71
N ASP B 9 -12.87 -38.29 -32.87
CA ASP B 9 -11.54 -38.13 -32.20
C ASP B 9 -10.81 -36.85 -32.68
N MET B 10 -10.64 -35.93 -31.74
CA MET B 10 -10.11 -34.59 -31.98
C MET B 10 -8.66 -34.61 -32.48
N ASP B 11 -7.81 -35.39 -31.82
CA ASP B 11 -6.37 -35.42 -32.14
C ASP B 11 -6.13 -35.78 -33.60
N ARG B 12 -6.80 -36.82 -34.09
CA ARG B 12 -6.68 -37.22 -35.51
C ARG B 12 -7.17 -36.14 -36.46
N PHE B 13 -8.33 -35.55 -36.16
CA PHE B 13 -8.85 -34.46 -36.98
C PHE B 13 -7.83 -33.33 -37.02
N ILE B 14 -7.38 -32.91 -35.84
CA ILE B 14 -6.48 -31.76 -35.75
C ILE B 14 -5.10 -32.05 -36.37
N ASP B 15 -4.56 -33.25 -36.16
CA ASP B 15 -3.34 -33.70 -36.87
C ASP B 15 -3.45 -33.52 -38.38
N ALA B 16 -4.56 -34.01 -38.95
CA ALA B 16 -4.84 -33.93 -40.39
C ALA B 16 -4.95 -32.50 -40.88
N LEU B 17 -5.69 -31.68 -40.14
CA LEU B 17 -5.83 -30.26 -40.48
C LEU B 17 -4.47 -29.54 -40.44
N MET B 18 -3.71 -29.77 -39.37
CA MET B 18 -2.40 -29.11 -39.20
C MET B 18 -1.33 -29.58 -40.19
N LYS B 19 -1.40 -30.84 -40.62
CA LYS B 19 -0.59 -31.33 -41.75
C LYS B 19 -0.76 -30.46 -43.00
N LYS B 20 -1.97 -29.97 -43.25
CA LYS B 20 -2.23 -29.11 -44.41
C LYS B 20 -1.80 -27.65 -44.30
N MET B 21 -1.43 -27.20 -43.10
CA MET B 21 -1.31 -25.77 -42.83
C MET B 21 0.06 -25.22 -43.12
N THR B 22 0.10 -24.07 -43.78
CA THR B 22 1.32 -23.30 -43.91
C THR B 22 1.67 -22.64 -42.57
N VAL B 23 2.90 -22.16 -42.46
CA VAL B 23 3.34 -21.43 -41.27
C VAL B 23 2.48 -20.17 -41.08
N GLU B 24 2.20 -19.49 -42.19
CA GLU B 24 1.35 -18.28 -42.18
C GLU B 24 -0.05 -18.58 -41.64
N GLU B 25 -0.61 -19.74 -41.98
CA GLU B 25 -1.94 -20.14 -41.55
C GLU B 25 -1.99 -20.56 -40.07
N LYS B 26 -0.92 -21.19 -39.59
CA LYS B 26 -0.79 -21.55 -38.19
C LYS B 26 -0.67 -20.31 -37.33
N ILE B 27 0.21 -19.40 -37.74
CA ILE B 27 0.36 -18.07 -37.15
C ILE B 27 -0.99 -17.33 -37.08
N GLY B 28 -1.76 -17.42 -38.16
CA GLY B 28 -3.04 -16.72 -38.28
C GLY B 28 -4.09 -17.14 -37.27
N GLN B 29 -4.08 -18.41 -36.92
CA GLN B 29 -4.92 -18.91 -35.84
C GLN B 29 -4.68 -18.21 -34.49
N LEU B 30 -3.50 -17.63 -34.32
CA LEU B 30 -3.11 -16.95 -33.10
C LEU B 30 -3.49 -15.47 -33.07
N ASN B 31 -4.08 -14.97 -34.15
CA ASN B 31 -4.37 -13.56 -34.30
C ASN B 31 -5.82 -13.27 -33.94
N LEU B 32 -6.01 -12.27 -33.09
CA LEU B 32 -7.33 -11.86 -32.62
C LEU B 32 -7.39 -10.36 -32.82
N PRO B 33 -7.60 -9.91 -34.08
CA PRO B 33 -7.57 -8.48 -34.35
C PRO B 33 -8.81 -7.72 -33.90
N VAL B 34 -8.69 -6.40 -33.98
CA VAL B 34 -9.82 -5.47 -33.82
C VAL B 34 -10.72 -5.53 -35.05
N ASP B 47 -10.67 -4.67 -45.33
CA ASP B 47 -9.50 -4.89 -44.49
C ASP B 47 -9.65 -6.19 -43.68
N ILE B 48 -10.63 -6.25 -42.77
CA ILE B 48 -10.89 -7.50 -42.01
C ILE B 48 -11.23 -8.70 -42.92
N ALA B 49 -12.02 -8.43 -43.96
CA ALA B 49 -12.40 -9.45 -44.95
C ALA B 49 -11.18 -10.04 -45.69
N ALA B 50 -10.26 -9.16 -46.07
CA ALA B 50 -8.99 -9.56 -46.72
C ALA B 50 -8.13 -10.47 -45.85
N LYS B 51 -8.05 -10.13 -44.57
CA LYS B 51 -7.26 -10.91 -43.61
C LYS B 51 -7.83 -12.31 -43.41
N ILE B 52 -9.15 -12.40 -43.33
CA ILE B 52 -9.85 -13.68 -43.21
C ILE B 52 -9.63 -14.56 -44.44
N LYS B 53 -9.63 -13.97 -45.63
CA LYS B 53 -9.40 -14.71 -46.89
C LYS B 53 -8.02 -15.34 -46.91
N ARG B 54 -7.01 -14.59 -46.44
CA ARG B 54 -5.64 -15.10 -46.34
C ARG B 54 -5.37 -16.04 -45.14
N GLY B 55 -6.40 -16.36 -44.34
CA GLY B 55 -6.24 -17.23 -43.16
C GLY B 55 -5.47 -16.61 -42.00
N GLU B 56 -5.47 -15.27 -41.90
CA GLU B 56 -4.72 -14.55 -40.86
C GLU B 56 -5.52 -14.22 -39.60
N VAL B 57 -6.69 -14.83 -39.42
CA VAL B 57 -7.62 -14.45 -38.36
C VAL B 57 -8.11 -15.71 -37.63
N GLY B 58 -7.79 -15.81 -36.34
CA GLY B 58 -8.25 -16.92 -35.50
C GLY B 58 -9.60 -16.66 -34.84
N GLY B 59 -9.91 -15.39 -34.64
CA GLY B 59 -11.16 -14.99 -34.02
C GLY B 59 -11.32 -13.48 -34.06
N LEU B 60 -12.50 -13.01 -33.67
CA LEU B 60 -12.79 -11.60 -33.53
C LEU B 60 -13.41 -11.37 -32.17
N PHE B 61 -13.47 -10.11 -31.76
CA PHE B 61 -14.11 -9.77 -30.50
C PHE B 61 -14.95 -8.50 -30.55
N ASN B 62 -15.91 -8.46 -29.62
CA ASN B 62 -16.96 -7.42 -29.48
C ASN B 62 -17.56 -6.90 -30.83
N LEU B 63 -17.91 -7.87 -31.68
CA LEU B 63 -18.80 -7.67 -32.84
C LEU B 63 -20.19 -8.10 -32.36
N LYS B 64 -21.17 -7.20 -32.43
CA LYS B 64 -22.54 -7.47 -31.95
C LYS B 64 -23.51 -7.66 -33.12
N GLY B 65 -24.26 -8.77 -33.06
CA GLY B 65 -25.40 -9.01 -33.94
C GLY B 65 -25.19 -10.32 -34.66
N VAL B 66 -26.13 -11.25 -34.48
CA VAL B 66 -26.06 -12.56 -35.10
C VAL B 66 -25.86 -12.53 -36.63
N GLU B 67 -26.46 -11.55 -37.30
CA GLU B 67 -26.36 -11.41 -38.76
C GLU B 67 -24.98 -11.07 -39.26
N LYS B 68 -24.39 -10.05 -38.62
CA LYS B 68 -23.01 -9.61 -38.93
C LYS B 68 -22.03 -10.76 -38.69
N ILE B 69 -22.20 -11.44 -37.56
CA ILE B 69 -21.36 -12.58 -37.19
C ILE B 69 -21.53 -13.74 -38.18
N ARG B 70 -22.77 -14.11 -38.48
CA ARG B 70 -23.01 -15.19 -39.45
C ARG B 70 -22.33 -14.88 -40.78
N ASP B 71 -22.43 -13.62 -41.22
CA ASP B 71 -21.77 -13.16 -42.46
C ASP B 71 -20.24 -13.24 -42.41
N VAL B 72 -19.63 -12.85 -41.28
CA VAL B 72 -18.19 -12.94 -41.13
C VAL B 72 -17.76 -14.40 -41.09
N GLN B 73 -18.55 -15.25 -40.43
CA GLN B 73 -18.24 -16.68 -40.35
C GLN B 73 -18.28 -17.32 -41.74
N LYS B 74 -19.34 -17.03 -42.47
CA LYS B 74 -19.47 -17.40 -43.89
C LYS B 74 -18.17 -17.13 -44.67
N GLN B 75 -17.61 -15.93 -44.55
CA GLN B 75 -16.33 -15.60 -45.21
C GLN B 75 -15.18 -16.54 -44.82
N ALA B 76 -15.05 -16.79 -43.51
CA ALA B 76 -14.05 -17.72 -43.01
C ALA B 76 -14.23 -19.12 -43.58
N VAL B 77 -15.44 -19.64 -43.49
CA VAL B 77 -15.76 -21.01 -43.89
C VAL B 77 -15.64 -21.26 -45.39
N GLU B 78 -16.09 -20.32 -46.22
N GLU B 78 -16.09 -20.30 -46.20
CA GLU B 78 -16.17 -20.55 -47.68
CA GLU B 78 -16.26 -20.44 -47.64
C GLU B 78 -15.25 -19.72 -48.58
C GLU B 78 -15.18 -19.78 -48.52
N GLN B 79 -14.55 -18.72 -48.03
CA GLN B 79 -13.56 -17.92 -48.83
C GLN B 79 -12.08 -17.89 -48.36
N SER B 80 -11.70 -18.76 -47.43
CA SER B 80 -10.28 -18.94 -47.05
C SER B 80 -9.88 -20.34 -47.45
N ARG B 81 -8.59 -20.55 -47.69
CA ARG B 81 -8.12 -21.84 -48.24
C ARG B 81 -8.68 -23.02 -47.46
N LEU B 82 -8.53 -22.99 -46.14
CA LEU B 82 -8.88 -24.13 -45.29
C LEU B 82 -10.29 -24.08 -44.69
N GLY B 83 -10.92 -22.92 -44.71
CA GLY B 83 -12.28 -22.78 -44.19
C GLY B 83 -12.40 -22.87 -42.68
N ILE B 84 -11.33 -22.52 -41.97
CA ILE B 84 -11.28 -22.70 -40.50
C ILE B 84 -12.17 -21.63 -39.86
N PRO B 85 -13.18 -22.05 -39.09
CA PRO B 85 -14.13 -21.09 -38.52
C PRO B 85 -13.55 -20.24 -37.38
N LEU B 86 -14.20 -19.12 -37.13
CA LEU B 86 -13.76 -18.14 -36.14
C LEU B 86 -14.43 -18.32 -34.77
N LEU B 87 -13.68 -17.93 -33.74
CA LEU B 87 -14.27 -17.60 -32.44
C LEU B 87 -14.77 -16.16 -32.51
N PHE B 88 -15.92 -15.92 -31.87
CA PHE B 88 -16.45 -14.57 -31.67
C PHE B 88 -16.59 -14.32 -30.17
N GLY B 89 -15.76 -13.42 -29.66
CA GLY B 89 -15.73 -13.09 -28.23
C GLY B 89 -16.45 -11.79 -27.89
N MET B 90 -16.84 -11.69 -26.62
CA MET B 90 -17.40 -10.44 -26.10
C MET B 90 -17.24 -10.43 -24.59
N ASP B 91 -17.15 -9.24 -24.02
CA ASP B 91 -17.24 -9.07 -22.57
C ASP B 91 -18.68 -9.22 -22.13
N VAL B 92 -19.09 -10.46 -21.90
CA VAL B 92 -20.38 -10.74 -21.28
C VAL B 92 -20.03 -10.98 -19.81
N ILE B 93 -20.20 -9.92 -19.01
CA ILE B 93 -19.59 -9.79 -17.67
C ILE B 93 -20.62 -10.03 -16.60
N HIS B 94 -21.75 -9.35 -16.71
CA HIS B 94 -22.91 -9.58 -15.83
C HIS B 94 -24.23 -9.40 -16.60
N GLY B 95 -24.30 -9.99 -17.79
CA GLY B 95 -25.48 -9.94 -18.65
C GLY B 95 -25.12 -9.59 -20.07
N TYR B 96 -25.99 -9.96 -21.00
CA TYR B 96 -25.84 -9.60 -22.42
C TYR B 96 -26.72 -8.34 -22.61
N GLU B 97 -28.04 -8.54 -22.65
CA GLU B 97 -29.00 -7.42 -22.66
C GLU B 97 -29.74 -7.33 -21.32
N THR B 98 -30.17 -8.46 -20.79
CA THR B 98 -30.71 -8.52 -19.43
C THR B 98 -29.51 -8.36 -18.49
N MET B 99 -29.42 -7.23 -17.81
CA MET B 99 -28.26 -6.95 -16.96
C MET B 99 -28.56 -7.32 -15.52
N PHE B 100 -27.70 -8.17 -14.98
CA PHE B 100 -27.68 -8.51 -13.57
C PHE B 100 -26.81 -7.44 -12.88
N PRO B 101 -26.73 -7.46 -11.54
CA PRO B 101 -25.83 -6.53 -10.88
C PRO B 101 -24.38 -6.68 -11.34
N ILE B 102 -23.63 -5.60 -11.23
CA ILE B 102 -22.19 -5.68 -11.40
C ILE B 102 -21.63 -6.80 -10.53
N PRO B 103 -20.55 -7.45 -10.99
CA PRO B 103 -20.10 -8.62 -10.25
C PRO B 103 -19.86 -8.42 -8.76
N LEU B 104 -19.35 -7.27 -8.35
CA LEU B 104 -19.07 -7.06 -6.92
C LEU B 104 -20.37 -7.07 -6.09
N GLY B 105 -21.42 -6.48 -6.64
CA GLY B 105 -22.74 -6.51 -6.04
C GLY B 105 -23.31 -7.92 -6.02
N LEU B 106 -23.23 -8.61 -7.15
CA LEU B 106 -23.66 -10.00 -7.27
C LEU B 106 -23.02 -10.91 -6.24
N SER B 107 -21.71 -10.74 -6.01
CA SER B 107 -21.01 -11.53 -5.01
C SER B 107 -21.64 -11.44 -3.61
N CYS B 108 -22.20 -10.28 -3.27
CA CYS B 108 -22.89 -10.10 -1.99
C CYS B 108 -24.17 -10.93 -1.80
N THR B 109 -24.69 -11.56 -2.87
CA THR B 109 -25.76 -12.58 -2.70
C THR B 109 -25.30 -13.80 -1.90
N TRP B 110 -24.00 -14.11 -1.94
CA TRP B 110 -23.47 -15.35 -1.34
C TRP B 110 -24.30 -16.57 -1.76
N ASP B 111 -24.73 -16.58 -3.01
CA ASP B 111 -25.69 -17.54 -3.51
C ASP B 111 -25.18 -18.10 -4.83
N MET B 112 -24.51 -19.23 -4.75
CA MET B 112 -23.85 -19.84 -5.90
C MET B 112 -24.83 -20.33 -6.99
N THR B 113 -26.05 -20.64 -6.58
CA THR B 113 -27.11 -21.07 -7.51
C THR B 113 -27.56 -19.91 -8.37
N ALA B 114 -27.86 -18.80 -7.72
CA ALA B 114 -28.22 -17.56 -8.40
C ALA B 114 -27.11 -17.08 -9.31
N ILE B 115 -25.86 -17.20 -8.85
CA ILE B 115 -24.72 -16.73 -9.62
C ILE B 115 -24.60 -17.54 -10.92
N GLU B 116 -24.67 -18.87 -10.79
CA GLU B 116 -24.67 -19.77 -11.95
C GLU B 116 -25.84 -19.46 -12.89
N GLU B 117 -27.03 -19.27 -12.32
CA GLU B 117 -28.22 -18.88 -13.09
C GLU B 117 -27.98 -17.61 -13.92
N SER B 118 -27.38 -16.60 -13.31
CA SER B 118 -27.10 -15.32 -13.99
C SER B 118 -26.18 -15.53 -15.19
N ALA B 119 -25.16 -16.37 -15.01
CA ALA B 119 -24.24 -16.71 -16.10
C ALA B 119 -24.90 -17.56 -17.20
N ARG B 120 -25.76 -18.50 -16.79
CA ARG B 120 -26.55 -19.33 -17.74
C ARG B 120 -27.41 -18.43 -18.62
N ILE B 121 -28.16 -17.53 -17.98
CA ILE B 121 -29.02 -16.58 -18.70
C ILE B 121 -28.21 -15.74 -19.69
N ALA B 122 -27.09 -15.17 -19.25
CA ALA B 122 -26.22 -14.39 -20.14
C ALA B 122 -25.69 -15.22 -21.33
N ALA B 123 -25.35 -16.49 -21.09
CA ALA B 123 -24.85 -17.36 -22.14
C ALA B 123 -25.95 -17.63 -23.17
N ILE B 124 -27.15 -17.96 -22.67
CA ILE B 124 -28.34 -18.13 -23.52
C ILE B 124 -28.51 -16.93 -24.44
N GLU B 125 -28.51 -15.73 -23.87
CA GLU B 125 -28.67 -14.50 -24.65
C GLU B 125 -27.55 -14.24 -25.66
N ALA B 126 -26.29 -14.33 -25.21
CA ALA B 126 -25.13 -14.03 -26.06
C ALA B 126 -24.98 -15.05 -27.21
N SER B 127 -25.21 -16.32 -26.90
CA SER B 127 -25.17 -17.40 -27.89
C SER B 127 -26.26 -17.25 -28.97
N ALA B 128 -27.46 -16.85 -28.54
CA ALA B 128 -28.53 -16.50 -29.46
C ALA B 128 -28.11 -15.45 -30.48
N ASP B 129 -27.23 -14.54 -30.07
CA ASP B 129 -26.75 -13.46 -30.94
C ASP B 129 -25.37 -13.68 -31.61
N GLY B 130 -24.88 -14.92 -31.66
CA GLY B 130 -23.64 -15.23 -32.40
C GLY B 130 -22.37 -15.39 -31.58
N ILE B 131 -22.41 -15.02 -30.32
CA ILE B 131 -21.24 -15.08 -29.43
C ILE B 131 -20.97 -16.50 -28.95
N SER B 132 -19.74 -16.96 -29.15
CA SER B 132 -19.29 -18.29 -28.74
C SER B 132 -18.29 -18.27 -27.57
N TRP B 133 -17.89 -17.07 -27.15
CA TRP B 133 -16.78 -16.91 -26.19
C TRP B 133 -17.02 -15.66 -25.34
N THR B 134 -17.05 -15.81 -24.02
CA THR B 134 -17.06 -14.62 -23.13
C THR B 134 -15.75 -14.44 -22.36
N PHE B 135 -15.31 -13.19 -22.25
CA PHE B 135 -14.12 -12.83 -21.46
C PHE B 135 -14.57 -12.62 -20.01
N SER B 136 -14.92 -13.73 -19.39
CA SER B 136 -15.49 -13.77 -18.05
C SER B 136 -15.33 -15.20 -17.56
N PRO B 137 -15.10 -15.43 -16.26
CA PRO B 137 -15.23 -14.46 -15.17
C PRO B 137 -13.95 -13.71 -14.82
N MET B 138 -14.09 -12.48 -14.32
CA MET B 138 -12.98 -11.72 -13.75
C MET B 138 -12.93 -12.13 -12.28
N VAL B 139 -11.79 -12.69 -11.84
CA VAL B 139 -11.64 -13.29 -10.50
C VAL B 139 -10.49 -12.70 -9.66
N ASP B 140 -9.98 -11.56 -10.08
CA ASP B 140 -8.83 -10.91 -9.45
C ASP B 140 -9.20 -10.51 -8.01
N ILE B 141 -8.43 -11.00 -7.06
CA ILE B 141 -8.56 -10.60 -5.66
C ILE B 141 -8.09 -9.15 -5.54
N SER B 142 -8.81 -8.32 -4.80
CA SER B 142 -8.27 -6.98 -4.46
C SER B 142 -8.65 -6.65 -3.04
N ARG B 143 -7.68 -6.05 -2.38
CA ARG B 143 -7.83 -5.48 -1.06
C ARG B 143 -7.70 -3.96 -1.14
N ASP B 144 -7.75 -3.40 -2.34
CA ASP B 144 -7.55 -1.97 -2.55
C ASP B 144 -8.76 -1.38 -3.29
N PRO B 145 -9.69 -0.73 -2.52
CA PRO B 145 -10.91 -0.21 -3.13
C PRO B 145 -10.71 1.06 -3.98
N ARG B 146 -9.48 1.58 -4.06
CA ARG B 146 -9.18 2.66 -5.01
C ARG B 146 -9.28 2.19 -6.47
N TRP B 147 -9.05 0.89 -6.69
CA TRP B 147 -9.00 0.32 -8.03
C TRP B 147 -10.40 0.19 -8.60
N GLY B 148 -10.65 0.84 -9.73
CA GLY B 148 -11.98 0.78 -10.34
C GLY B 148 -12.46 -0.59 -10.74
N ARG B 149 -11.54 -1.53 -10.98
CA ARG B 149 -11.98 -2.85 -11.43
C ARG B 149 -12.46 -3.78 -10.30
N VAL B 150 -12.44 -3.32 -9.03
CA VAL B 150 -13.12 -4.13 -7.98
C VAL B 150 -14.59 -4.42 -8.32
N SER B 151 -15.22 -3.51 -9.08
CA SER B 151 -16.59 -3.70 -9.56
C SER B 151 -16.81 -5.00 -10.37
N GLU B 152 -15.77 -5.45 -11.06
CA GLU B 152 -15.81 -6.61 -11.94
C GLU B 152 -15.55 -7.93 -11.25
N GLY B 153 -15.03 -7.87 -10.03
CA GLY B 153 -14.61 -9.04 -9.28
C GLY B 153 -15.65 -9.42 -8.25
N SER B 154 -15.20 -10.24 -7.30
CA SER B 154 -16.05 -10.78 -6.23
C SER B 154 -15.49 -10.52 -4.83
N GLY B 155 -14.64 -9.52 -4.70
CA GLY B 155 -14.20 -9.03 -3.40
C GLY B 155 -12.82 -9.50 -3.01
N GLU B 156 -12.57 -9.43 -1.70
CA GLU B 156 -11.22 -9.65 -1.16
C GLU B 156 -10.89 -11.10 -0.79
N ASP B 157 -11.89 -11.98 -0.74
CA ASP B 157 -11.68 -13.34 -0.23
C ASP B 157 -11.49 -14.45 -1.29
N PRO B 158 -10.38 -15.20 -1.21
CA PRO B 158 -10.14 -16.30 -2.17
C PRO B 158 -11.11 -17.49 -2.14
N PHE B 159 -11.58 -17.88 -0.96
CA PHE B 159 -12.50 -19.02 -0.86
C PHE B 159 -13.81 -18.70 -1.58
N LEU B 160 -14.42 -17.58 -1.21
CA LEU B 160 -15.63 -17.11 -1.85
C LEU B 160 -15.39 -16.83 -3.34
N GLY B 161 -14.28 -16.17 -3.63
CA GLY B 161 -13.87 -15.94 -5.02
C GLY B 161 -13.78 -17.20 -5.85
N ALA B 162 -13.28 -18.27 -5.24
CA ALA B 162 -13.14 -19.56 -5.90
C ALA B 162 -14.49 -20.23 -6.14
N MET B 163 -15.37 -20.19 -5.14
CA MET B 163 -16.72 -20.72 -5.32
C MET B 163 -17.46 -20.02 -6.45
N ILE B 164 -17.31 -18.69 -6.51
CA ILE B 164 -17.96 -17.88 -7.53
C ILE B 164 -17.37 -18.19 -8.92
N ALA B 165 -16.06 -18.29 -8.99
CA ALA B 165 -15.39 -18.63 -10.23
C ALA B 165 -15.93 -19.94 -10.82
N GLU B 166 -16.12 -20.96 -9.99
CA GLU B 166 -16.68 -22.23 -10.45
C GLU B 166 -18.11 -22.08 -10.93
N ALA B 167 -18.93 -21.39 -10.14
CA ALA B 167 -20.33 -21.13 -10.48
C ALA B 167 -20.50 -20.42 -11.83
N MET B 168 -19.63 -19.46 -12.11
CA MET B 168 -19.67 -18.70 -13.34
C MET B 168 -19.24 -19.57 -14.54
N VAL B 169 -18.12 -20.28 -14.39
CA VAL B 169 -17.62 -21.14 -15.47
C VAL B 169 -18.67 -22.20 -15.84
N LEU B 170 -19.23 -22.84 -14.83
CA LEU B 170 -20.28 -23.84 -15.02
C LEU B 170 -21.54 -23.21 -15.66
N GLY B 171 -21.96 -22.04 -15.19
CA GLY B 171 -23.08 -21.35 -15.79
C GLY B 171 -22.91 -21.10 -17.29
N TYR B 172 -21.72 -20.64 -17.68
CA TYR B 172 -21.46 -20.31 -19.08
C TYR B 172 -21.33 -21.56 -19.96
N GLN B 173 -20.49 -22.49 -19.50
CA GLN B 173 -20.03 -23.60 -20.33
C GLN B 173 -20.86 -24.85 -20.19
N GLY B 174 -21.53 -24.99 -19.05
CA GLY B 174 -22.12 -26.23 -18.66
C GLY B 174 -21.09 -27.34 -18.54
N LYS B 175 -21.54 -28.56 -18.83
CA LYS B 175 -20.76 -29.77 -18.64
C LYS B 175 -19.57 -29.85 -19.59
N ASP B 176 -19.82 -29.52 -20.86
CA ASP B 176 -18.81 -29.66 -21.92
C ASP B 176 -19.02 -28.78 -23.16
N MET B 177 -19.80 -27.71 -23.03
CA MET B 177 -20.09 -26.74 -24.11
C MET B 177 -20.74 -27.33 -25.38
N GLN B 178 -21.38 -28.49 -25.29
CA GLN B 178 -21.99 -29.11 -26.47
C GLN B 178 -23.28 -28.43 -26.91
N ARG B 179 -24.07 -27.93 -25.96
CA ARG B 179 -25.33 -27.23 -26.29
C ARG B 179 -25.07 -25.91 -27.02
N ASN B 180 -26.02 -25.52 -27.85
CA ASN B 180 -25.90 -24.25 -28.57
C ASN B 180 -26.21 -22.98 -27.74
N ASP B 181 -26.69 -23.16 -26.51
CA ASP B 181 -26.77 -22.08 -25.50
C ASP B 181 -25.64 -22.15 -24.44
N GLU B 182 -24.54 -22.83 -24.74
CA GLU B 182 -23.37 -22.93 -23.89
C GLU B 182 -22.20 -22.36 -24.66
N ILE B 183 -21.40 -21.53 -24.00
CA ILE B 183 -20.31 -20.79 -24.67
C ILE B 183 -19.03 -21.04 -23.90
N MET B 184 -17.90 -20.66 -24.49
N MET B 184 -17.89 -20.68 -24.49
CA MET B 184 -16.60 -20.81 -23.82
CA MET B 184 -16.63 -20.84 -23.79
C MET B 184 -16.36 -19.62 -22.90
C MET B 184 -16.38 -19.63 -22.90
N ALA B 185 -15.89 -19.91 -21.69
CA ALA B 185 -15.53 -18.88 -20.70
C ALA B 185 -14.03 -18.62 -20.75
N CYS B 186 -13.61 -17.57 -20.05
CA CYS B 186 -12.22 -17.12 -20.06
C CYS B 186 -11.93 -16.45 -18.72
N VAL B 187 -11.23 -17.17 -17.85
CA VAL B 187 -10.89 -16.59 -16.54
C VAL B 187 -9.84 -15.51 -16.77
N LYS B 188 -10.06 -14.36 -16.13
CA LYS B 188 -9.17 -13.23 -16.24
C LYS B 188 -9.03 -12.56 -14.87
N HIS B 189 -7.99 -11.77 -14.63
CA HIS B 189 -6.88 -11.48 -15.53
C HIS B 189 -5.64 -12.12 -14.87
N PHE B 190 -5.13 -13.20 -15.46
CA PHE B 190 -4.04 -13.98 -14.86
C PHE B 190 -2.70 -13.24 -14.96
N ALA B 191 -2.07 -12.77 -13.86
CA ALA B 191 -2.49 -12.92 -12.47
C ALA B 191 -2.11 -11.66 -11.68
N LEU B 192 -2.80 -11.45 -10.56
CA LEU B 192 -2.40 -10.50 -9.49
C LEU B 192 -2.69 -9.03 -9.81
N TYR B 193 -3.50 -8.81 -10.85
CA TYR B 193 -3.85 -7.50 -11.39
C TYR B 193 -4.51 -6.57 -10.35
N GLY B 194 -5.23 -7.17 -9.41
CA GLY B 194 -5.83 -6.46 -8.29
C GLY B 194 -4.94 -5.86 -7.21
N ALA B 195 -3.65 -6.20 -7.23
CA ALA B 195 -2.67 -5.66 -6.28
C ALA B 195 -1.83 -4.52 -6.88
N GLY B 196 -2.30 -3.89 -7.95
CA GLY B 196 -1.62 -2.75 -8.56
C GLY B 196 -1.35 -1.65 -7.56
N GLU B 197 -0.10 -1.17 -7.51
CA GLU B 197 0.29 -0.17 -6.51
C GLU B 197 -0.54 1.10 -6.58
N GLY B 198 -0.78 1.67 -5.41
CA GLY B 198 -1.57 2.88 -5.29
C GLY B 198 -3.03 2.74 -5.69
N GLY B 199 -3.48 1.50 -5.87
CA GLY B 199 -4.75 1.20 -6.54
C GLY B 199 -4.94 1.82 -7.92
N ARG B 200 -3.84 2.16 -8.59
CA ARG B 200 -3.90 2.81 -9.89
C ARG B 200 -3.89 1.71 -10.93
N ASP B 201 -4.92 1.69 -11.77
CA ASP B 201 -5.06 0.65 -12.76
C ASP B 201 -3.80 0.56 -13.61
N TYR B 202 -3.39 -0.68 -13.88
CA TYR B 202 -2.22 -1.03 -14.69
C TYR B 202 -0.87 -0.89 -14.00
N ASN B 203 -0.84 -0.44 -12.75
CA ASN B 203 0.41 -0.13 -12.09
C ASN B 203 1.11 -1.39 -11.60
N THR B 204 2.38 -1.22 -11.27
CA THR B 204 3.24 -2.29 -10.79
C THR B 204 2.62 -3.16 -9.69
N VAL B 205 2.75 -4.49 -9.85
CA VAL B 205 2.39 -5.45 -8.82
C VAL B 205 3.68 -6.11 -8.31
N ASP B 206 3.77 -6.26 -7.00
CA ASP B 206 4.87 -7.01 -6.41
C ASP B 206 4.43 -7.71 -5.13
N MET B 207 4.72 -9.01 -5.01
CA MET B 207 4.43 -9.77 -3.80
C MET B 207 5.27 -11.03 -3.76
N SER B 208 5.30 -11.64 -2.59
CA SER B 208 5.97 -12.94 -2.39
C SER B 208 5.20 -14.05 -3.07
N ARG B 209 5.92 -15.14 -3.32
CA ARG B 209 5.31 -16.35 -3.85
C ARG B 209 4.28 -16.91 -2.86
N GLN B 210 4.66 -16.91 -1.59
N GLN B 210 4.63 -16.93 -1.58
CA GLN B 210 3.79 -17.31 -0.50
CA GLN B 210 3.70 -17.32 -0.51
C GLN B 210 2.44 -16.56 -0.49
C GLN B 210 2.39 -16.57 -0.61
N ARG B 211 2.47 -15.24 -0.70
CA ARG B 211 1.27 -14.41 -0.75
C ARG B 211 0.45 -14.71 -2.00
N MET B 212 1.13 -14.90 -3.14
CA MET B 212 0.42 -15.31 -4.36
C MET B 212 -0.48 -16.51 -4.10
N PHE B 213 0.10 -17.58 -3.55
CA PHE B 213 -0.62 -18.84 -3.45
C PHE B 213 -1.65 -18.87 -2.33
N ASN B 214 -1.31 -18.31 -1.19
CA ASN B 214 -2.26 -18.27 -0.10
C ASN B 214 -3.37 -17.25 -0.22
N GLU B 215 -3.11 -16.15 -0.92
CA GLU B 215 -3.99 -14.96 -0.83
C GLU B 215 -4.63 -14.48 -2.18
N TYR B 216 -4.01 -14.82 -3.31
CA TYR B 216 -4.44 -14.34 -4.62
C TYR B 216 -4.82 -15.38 -5.68
N MET B 217 -4.22 -16.57 -5.64
CA MET B 217 -4.25 -17.50 -6.78
C MET B 217 -5.45 -18.43 -6.81
N LEU B 218 -6.06 -18.74 -5.66
CA LEU B 218 -7.10 -19.73 -5.62
C LEU B 218 -8.24 -19.55 -6.66
N PRO B 219 -8.74 -18.32 -6.89
CA PRO B 219 -9.84 -18.21 -7.85
C PRO B 219 -9.49 -18.57 -9.30
N TYR B 220 -8.26 -18.23 -9.73
CA TYR B 220 -7.77 -18.64 -11.05
C TYR B 220 -7.70 -20.17 -11.14
N GLU B 221 -7.17 -20.79 -10.08
CA GLU B 221 -7.07 -22.25 -10.02
C GLU B 221 -8.44 -22.90 -10.06
N ALA B 222 -9.39 -22.37 -9.29
CA ALA B 222 -10.77 -22.89 -9.29
C ALA B 222 -11.38 -22.86 -10.68
N ALA B 223 -11.20 -21.76 -11.40
CA ALA B 223 -11.72 -21.66 -12.75
C ALA B 223 -11.14 -22.78 -13.66
N VAL B 224 -9.81 -22.94 -13.61
CA VAL B 224 -9.08 -23.95 -14.38
C VAL B 224 -9.63 -25.33 -14.05
N GLU B 225 -9.80 -25.60 -12.77
CA GLU B 225 -10.23 -26.89 -12.31
C GLU B 225 -11.70 -27.17 -12.60
N ALA B 226 -12.51 -26.12 -12.78
CA ALA B 226 -13.89 -26.29 -13.29
C ALA B 226 -13.99 -26.44 -14.82
N GLY B 227 -12.85 -26.43 -15.52
CA GLY B 227 -12.80 -26.71 -16.94
C GLY B 227 -12.92 -25.49 -17.82
N VAL B 228 -12.60 -24.30 -17.30
CA VAL B 228 -12.61 -23.08 -18.11
C VAL B 228 -11.77 -23.32 -19.36
N GLY B 229 -12.30 -22.92 -20.51
CA GLY B 229 -11.63 -23.20 -21.79
C GLY B 229 -10.45 -22.32 -22.11
N SER B 230 -10.42 -21.12 -21.55
CA SER B 230 -9.41 -20.13 -21.86
C SER B 230 -9.04 -19.30 -20.63
N VAL B 231 -7.87 -18.69 -20.72
CA VAL B 231 -7.31 -17.79 -19.69
C VAL B 231 -6.82 -16.53 -20.39
N MET B 232 -7.09 -15.36 -19.80
CA MET B 232 -6.56 -14.11 -20.32
C MET B 232 -5.42 -13.58 -19.43
N ALA B 233 -4.29 -13.24 -20.06
CA ALA B 233 -3.12 -12.68 -19.38
C ALA B 233 -3.35 -11.22 -18.99
N SER B 234 -2.80 -10.83 -17.83
CA SER B 234 -3.02 -9.51 -17.28
C SER B 234 -2.05 -8.43 -17.79
N PHE B 235 -2.42 -7.16 -17.56
CA PHE B 235 -1.61 -6.01 -17.98
C PHE B 235 -0.39 -5.75 -17.09
N ASN B 236 -0.43 -6.27 -15.88
CA ASN B 236 0.59 -5.96 -14.88
C ASN B 236 1.81 -6.82 -14.99
N GLU B 237 2.93 -6.28 -14.56
CA GLU B 237 4.11 -7.11 -14.26
C GLU B 237 3.94 -7.96 -12.98
N VAL B 238 4.64 -9.10 -12.95
CA VAL B 238 4.77 -9.97 -11.79
C VAL B 238 6.23 -10.40 -11.75
N ASP B 239 6.88 -10.18 -10.60
CA ASP B 239 8.31 -10.43 -10.42
C ASP B 239 9.14 -9.72 -11.50
N GLY B 240 8.74 -8.50 -11.85
CA GLY B 240 9.41 -7.73 -12.90
C GLY B 240 9.23 -8.18 -14.35
N VAL B 241 8.35 -9.14 -14.60
CA VAL B 241 8.10 -9.57 -15.99
C VAL B 241 6.61 -9.34 -16.26
N PRO B 242 6.28 -8.58 -17.31
CA PRO B 242 4.86 -8.52 -17.68
C PRO B 242 4.21 -9.91 -17.71
N ALA B 243 2.99 -10.05 -17.17
CA ALA B 243 2.30 -11.35 -17.17
C ALA B 243 2.32 -12.07 -18.54
N THR B 244 2.14 -11.29 -19.59
CA THR B 244 2.09 -11.79 -20.95
C THR B 244 3.43 -12.40 -21.45
N ALA B 245 4.54 -12.16 -20.75
CA ALA B 245 5.84 -12.78 -21.08
C ALA B 245 6.39 -13.62 -19.94
N ASN B 246 5.52 -13.96 -18.98
CA ASN B 246 5.95 -14.60 -17.74
C ASN B 246 5.67 -16.09 -17.86
N LYS B 247 6.73 -16.83 -18.19
CA LYS B 247 6.64 -18.27 -18.41
C LYS B 247 6.34 -19.03 -17.14
N TRP B 248 6.90 -18.57 -16.02
CA TRP B 248 6.58 -19.19 -14.75
C TRP B 248 5.06 -19.21 -14.52
N LEU B 249 4.38 -18.11 -14.82
CA LEU B 249 2.91 -18.06 -14.68
C LEU B 249 2.18 -18.87 -15.77
N MET B 250 2.50 -18.58 -17.03
CA MET B 250 1.68 -19.08 -18.14
C MET B 250 1.94 -20.55 -18.47
N THR B 251 3.14 -21.05 -18.16
CA THR B 251 3.47 -22.48 -18.28
C THR B 251 3.59 -23.20 -16.92
N ASP B 252 4.53 -22.78 -16.08
CA ASP B 252 4.88 -23.60 -14.91
C ASP B 252 3.70 -23.71 -13.92
N VAL B 253 2.99 -22.60 -13.69
CA VAL B 253 1.87 -22.62 -12.76
C VAL B 253 0.64 -23.13 -13.48
N LEU B 254 0.25 -22.42 -14.51
CA LEU B 254 -1.00 -22.72 -15.20
C LEU B 254 -1.11 -24.16 -15.75
N ARG B 255 -0.08 -24.61 -16.48
CA ARG B 255 -0.04 -25.98 -17.05
C ARG B 255 0.60 -26.95 -16.08
N GLY B 256 1.83 -26.63 -15.66
CA GLY B 256 2.63 -27.52 -14.80
C GLY B 256 2.00 -27.89 -13.48
N GLN B 257 1.57 -26.89 -12.71
CA GLN B 257 0.94 -27.15 -11.40
C GLN B 257 -0.54 -27.49 -11.52
N TRP B 258 -1.28 -26.78 -12.38
CA TRP B 258 -2.75 -26.89 -12.36
C TRP B 258 -3.38 -27.79 -13.41
N GLY B 259 -2.61 -28.23 -14.40
CA GLY B 259 -3.12 -29.13 -15.45
C GLY B 259 -4.00 -28.48 -16.52
N PHE B 260 -3.92 -27.15 -16.67
CA PHE B 260 -4.75 -26.43 -17.63
C PHE B 260 -4.50 -26.95 -19.05
N ASN B 261 -5.58 -27.28 -19.75
CA ASN B 261 -5.50 -27.88 -21.08
C ASN B 261 -6.04 -26.99 -22.19
N GLY B 262 -6.35 -25.74 -21.87
CA GLY B 262 -6.91 -24.79 -22.85
C GLY B 262 -5.85 -23.87 -23.44
N PHE B 263 -6.29 -22.70 -23.90
CA PHE B 263 -5.39 -21.68 -24.42
C PHE B 263 -5.43 -20.36 -23.63
N VAL B 264 -4.33 -19.62 -23.78
CA VAL B 264 -4.13 -18.31 -23.19
C VAL B 264 -4.22 -17.24 -24.26
N VAL B 265 -5.12 -16.29 -24.02
CA VAL B 265 -5.29 -15.09 -24.85
C VAL B 265 -4.68 -13.89 -24.09
N THR B 266 -4.11 -12.93 -24.79
CA THR B 266 -3.62 -11.71 -24.15
C THR B 266 -4.81 -10.84 -23.84
N ASN B 267 -4.62 -9.85 -22.98
CA ASN B 267 -5.53 -8.73 -22.91
C ASN B 267 -5.21 -7.79 -24.07
N TYR B 268 -6.05 -6.76 -24.20
CA TYR B 268 -5.98 -5.77 -25.28
C TYR B 268 -4.59 -5.12 -25.44
N THR B 269 -3.97 -5.34 -26.61
CA THR B 269 -2.60 -4.91 -26.92
C THR B 269 -1.54 -5.28 -25.83
N GLY B 270 -1.78 -6.38 -25.12
CA GLY B 270 -0.88 -6.89 -24.08
C GLY B 270 0.54 -7.13 -24.52
N ILE B 271 0.73 -7.61 -25.76
CA ILE B 271 2.08 -7.83 -26.29
C ILE B 271 2.79 -6.51 -26.58
N SER B 272 2.19 -5.62 -27.36
CA SER B 272 2.86 -4.36 -27.68
C SER B 272 3.08 -3.49 -26.44
N GLU B 273 2.22 -3.61 -25.44
CA GLU B 273 2.44 -2.89 -24.15
C GLU B 273 3.70 -3.28 -23.41
N MET B 274 4.21 -4.50 -23.65
CA MET B 274 5.50 -4.92 -23.11
C MET B 274 6.66 -4.09 -23.62
N ILE B 275 6.50 -3.47 -24.80
CA ILE B 275 7.47 -2.52 -25.30
C ILE B 275 7.50 -1.34 -24.33
N ASP B 276 6.34 -0.80 -23.99
CA ASP B 276 6.28 0.27 -22.98
C ASP B 276 6.75 -0.16 -21.59
N HIS B 277 6.38 -1.35 -21.15
CA HIS B 277 6.90 -1.90 -19.90
C HIS B 277 8.44 -1.79 -19.80
N GLY B 278 9.11 -2.01 -20.94
CA GLY B 278 10.57 -1.89 -21.07
C GLY B 278 11.38 -3.18 -21.16
N ILE B 279 10.83 -4.21 -21.80
CA ILE B 279 11.52 -5.48 -21.98
C ILE B 279 11.84 -5.86 -23.44
N GLY B 280 11.71 -4.90 -24.36
CA GLY B 280 12.17 -5.08 -25.74
C GLY B 280 11.23 -4.56 -26.81
N ASP B 281 11.67 -4.75 -28.06
CA ASP B 281 10.87 -4.39 -29.24
C ASP B 281 9.79 -5.42 -29.52
N LEU B 282 8.95 -5.13 -30.51
CA LEU B 282 7.77 -5.95 -30.82
C LEU B 282 8.12 -7.41 -31.09
N GLN B 283 9.16 -7.65 -31.90
CA GLN B 283 9.55 -9.02 -32.23
C GLN B 283 10.00 -9.76 -30.97
N THR B 284 10.87 -9.12 -30.19
CA THR B 284 11.43 -9.76 -29.01
C THR B 284 10.34 -10.14 -28.01
N VAL B 285 9.45 -9.21 -27.71
CA VAL B 285 8.39 -9.45 -26.71
C VAL B 285 7.34 -10.43 -27.23
N SER B 286 7.08 -10.40 -28.55
CA SER B 286 6.18 -11.38 -29.19
C SER B 286 6.72 -12.81 -29.06
N ALA B 287 8.00 -12.99 -29.34
CA ALA B 287 8.65 -14.32 -29.18
C ALA B 287 8.62 -14.81 -27.73
N ARG B 288 8.92 -13.89 -26.82
CA ARG B 288 8.89 -14.21 -25.42
C ARG B 288 7.47 -14.59 -24.97
N ALA B 289 6.45 -13.91 -25.50
CA ALA B 289 5.07 -14.23 -25.14
C ALA B 289 4.71 -15.66 -25.55
N ILE B 290 4.94 -15.99 -26.82
CA ILE B 290 4.60 -17.32 -27.30
C ILE B 290 5.40 -18.43 -26.59
N ASN B 291 6.69 -18.18 -26.32
CA ASN B 291 7.52 -19.13 -25.55
C ASN B 291 7.13 -19.21 -24.07
N ALA B 292 6.49 -18.16 -23.55
CA ALA B 292 5.94 -18.18 -22.19
C ALA B 292 4.68 -19.07 -22.04
N GLY B 293 3.98 -19.29 -23.15
CA GLY B 293 2.73 -20.05 -23.18
C GLY B 293 1.50 -19.25 -23.56
N VAL B 294 1.70 -18.05 -24.13
CA VAL B 294 0.61 -17.26 -24.69
C VAL B 294 0.29 -17.80 -26.08
N ASP B 295 -1.00 -17.98 -26.33
CA ASP B 295 -1.49 -18.66 -27.53
C ASP B 295 -2.19 -17.78 -28.53
N MET B 296 -2.88 -16.73 -28.06
CA MET B 296 -3.61 -15.85 -28.95
C MET B 296 -3.34 -14.39 -28.60
N ASP B 297 -3.14 -13.58 -29.64
CA ASP B 297 -2.67 -12.20 -29.59
C ASP B 297 -3.83 -11.24 -29.85
N MET B 298 -4.27 -10.56 -28.80
CA MET B 298 -5.40 -9.63 -28.91
C MET B 298 -4.89 -8.26 -29.36
N VAL B 299 -5.19 -7.92 -30.62
CA VAL B 299 -4.98 -6.59 -31.23
C VAL B 299 -3.55 -6.21 -31.65
N SER B 300 -2.53 -6.56 -30.86
CA SER B 300 -1.15 -6.11 -31.14
C SER B 300 -0.66 -6.40 -32.55
N GLU B 301 -1.03 -7.56 -33.08
CA GLU B 301 -0.50 -8.08 -34.36
C GLU B 301 1.01 -8.29 -34.31
N GLY B 302 1.51 -8.59 -33.11
CA GLY B 302 2.89 -8.98 -32.90
C GLY B 302 3.12 -10.41 -33.37
N PHE B 303 2.16 -11.30 -33.12
CA PHE B 303 2.29 -12.68 -33.59
C PHE B 303 2.27 -12.73 -35.13
N VAL B 304 1.27 -12.11 -35.74
CA VAL B 304 1.09 -12.17 -37.20
C VAL B 304 2.21 -11.43 -37.97
N SER B 305 2.76 -10.38 -37.39
CA SER B 305 3.76 -9.56 -38.09
C SER B 305 5.20 -9.94 -37.80
N THR B 306 5.48 -10.72 -36.74
CA THR B 306 6.87 -11.04 -36.38
C THR B 306 7.23 -12.51 -36.21
N LEU B 307 6.25 -13.40 -36.07
CA LEU B 307 6.58 -14.79 -35.70
C LEU B 307 7.35 -15.57 -36.77
N LYS B 308 7.05 -15.34 -38.04
CA LYS B 308 7.76 -16.06 -39.10
C LYS B 308 9.26 -15.73 -39.06
N LYS B 309 9.57 -14.44 -39.03
CA LYS B 309 10.95 -13.94 -38.83
C LYS B 309 11.65 -14.60 -37.63
N SER B 310 10.94 -14.71 -36.51
CA SER B 310 11.47 -15.37 -35.31
C SER B 310 11.72 -16.86 -35.52
N ILE B 311 10.82 -17.51 -36.24
CA ILE B 311 11.01 -18.92 -36.55
C ILE B 311 12.25 -19.11 -37.44
N GLN B 312 12.44 -18.22 -38.41
CA GLN B 312 13.62 -18.28 -39.28
C GLN B 312 14.93 -18.07 -38.52
N GLU B 313 14.94 -17.11 -37.59
CA GLU B 313 16.11 -16.82 -36.77
C GLU B 313 16.31 -17.75 -35.57
N GLY B 314 15.49 -18.78 -35.42
CA GLY B 314 15.65 -19.75 -34.34
C GLY B 314 15.14 -19.32 -32.96
N LYS B 315 14.51 -18.15 -32.87
CA LYS B 315 14.06 -17.59 -31.57
C LYS B 315 12.74 -18.22 -31.07
N VAL B 316 11.92 -18.70 -31.99
CA VAL B 316 10.73 -19.49 -31.67
C VAL B 316 10.82 -20.76 -32.51
N SER B 317 10.54 -21.92 -31.93
CA SER B 317 10.60 -23.17 -32.66
C SER B 317 9.27 -23.47 -33.34
N MET B 318 9.29 -24.34 -34.34
CA MET B 318 8.07 -24.83 -34.97
C MET B 318 7.19 -25.60 -33.98
N GLU B 319 7.83 -26.32 -33.06
CA GLU B 319 7.11 -27.04 -32.00
C GLU B 319 6.25 -26.08 -31.14
N THR B 320 6.78 -24.89 -30.86
CA THR B 320 6.08 -23.90 -30.04
C THR B 320 4.88 -23.34 -30.81
N LEU B 321 5.11 -22.93 -32.06
CA LEU B 321 4.03 -22.50 -32.95
C LEU B 321 2.93 -23.54 -33.07
N ASN B 322 3.30 -24.80 -33.30
CA ASN B 322 2.32 -25.87 -33.48
C ASN B 322 1.46 -26.11 -32.22
N THR B 323 2.07 -26.05 -31.05
CA THR B 323 1.37 -26.20 -29.77
C THR B 323 0.33 -25.08 -29.61
N ALA B 324 0.74 -23.84 -29.88
CA ALA B 324 -0.16 -22.67 -29.80
C ALA B 324 -1.34 -22.81 -30.77
N CYS B 325 -1.03 -23.06 -32.04
CA CYS B 325 -2.05 -23.35 -33.05
C CYS B 325 -2.98 -24.46 -32.61
N ARG B 326 -2.39 -25.58 -32.18
CA ARG B 326 -3.18 -26.73 -31.75
C ARG B 326 -4.20 -26.42 -30.64
N ARG B 327 -3.79 -25.64 -29.64
CA ARG B 327 -4.71 -25.25 -28.55
C ARG B 327 -5.90 -24.45 -29.07
N ILE B 328 -5.66 -23.50 -29.98
CA ILE B 328 -6.75 -22.74 -30.61
C ILE B 328 -7.69 -23.65 -31.37
N LEU B 329 -7.13 -24.51 -32.23
CA LEU B 329 -7.97 -25.44 -32.99
C LEU B 329 -8.74 -26.40 -32.07
N GLU B 330 -8.15 -26.86 -30.96
CA GLU B 330 -8.87 -27.72 -30.00
C GLU B 330 -10.06 -27.02 -29.33
N ALA B 331 -9.92 -25.73 -29.05
CA ALA B 331 -11.00 -24.93 -28.47
C ALA B 331 -12.17 -24.84 -29.44
N LYS B 332 -11.84 -24.57 -30.70
CA LYS B 332 -12.83 -24.52 -31.78
C LYS B 332 -13.56 -25.87 -31.94
N TYR B 333 -12.78 -26.96 -31.92
CA TYR B 333 -13.34 -28.33 -31.95
C TYR B 333 -14.26 -28.63 -30.76
N LYS B 334 -13.79 -28.35 -29.55
CA LYS B 334 -14.60 -28.54 -28.34
C LYS B 334 -15.90 -27.73 -28.34
N LEU B 335 -15.90 -26.52 -28.89
CA LEU B 335 -17.13 -25.73 -29.06
C LEU B 335 -18.11 -26.26 -30.13
N GLY B 336 -17.68 -27.22 -30.95
CA GLY B 336 -18.53 -27.82 -31.98
C GLY B 336 -18.50 -27.04 -33.27
N LEU B 337 -17.49 -26.17 -33.44
CA LEU B 337 -17.44 -25.28 -34.59
C LEU B 337 -16.99 -25.96 -35.90
N PHE B 338 -16.20 -27.02 -35.80
CA PHE B 338 -15.82 -27.82 -36.97
C PHE B 338 -16.99 -28.69 -37.46
N ASP B 339 -17.79 -29.22 -36.53
CA ASP B 339 -19.07 -29.88 -36.85
C ASP B 339 -20.08 -28.93 -37.47
N ASN B 340 -20.25 -27.75 -36.85
CA ASN B 340 -21.09 -26.67 -37.39
C ASN B 340 -20.55 -25.26 -37.07
N PRO B 341 -19.91 -24.62 -38.06
CA PRO B 341 -19.42 -23.24 -37.93
C PRO B 341 -20.47 -22.21 -37.54
N TYR B 342 -21.74 -22.48 -37.90
CA TYR B 342 -22.87 -21.60 -37.64
C TYR B 342 -23.73 -22.07 -36.47
N LYS B 343 -23.15 -22.88 -35.59
CA LYS B 343 -23.81 -23.35 -34.37
C LYS B 343 -24.51 -22.26 -33.58
N TYR B 344 -23.90 -21.06 -33.56
CA TYR B 344 -24.42 -19.92 -32.79
C TYR B 344 -25.12 -18.85 -33.65
N CYS B 345 -25.33 -19.16 -34.92
CA CYS B 345 -25.83 -18.21 -35.91
C CYS B 345 -27.25 -18.53 -36.37
N ASP B 346 -28.14 -18.67 -35.41
CA ASP B 346 -29.55 -18.92 -35.67
C ASP B 346 -30.30 -17.58 -35.58
N LEU B 347 -30.71 -17.08 -36.75
CA LEU B 347 -31.42 -15.78 -36.86
C LEU B 347 -32.76 -15.71 -36.11
N LYS B 348 -33.36 -16.85 -35.80
CA LYS B 348 -34.61 -16.91 -35.04
C LYS B 348 -34.43 -16.76 -33.51
N ARG B 349 -33.23 -17.00 -33.02
CA ARG B 349 -33.01 -17.06 -31.56
C ARG B 349 -33.10 -15.74 -30.81
N PRO B 350 -32.63 -14.63 -31.39
CA PRO B 350 -32.69 -13.34 -30.68
C PRO B 350 -34.06 -12.97 -30.12
N ALA B 351 -35.09 -13.05 -30.98
CA ALA B 351 -36.45 -12.78 -30.55
C ALA B 351 -36.96 -13.77 -29.50
N ARG B 352 -36.45 -14.99 -29.52
CA ARG B 352 -36.84 -15.99 -28.54
C ARG B 352 -36.13 -15.83 -27.17
N ASP B 353 -34.84 -15.48 -27.20
CA ASP B 353 -33.94 -15.65 -26.05
C ASP B 353 -33.43 -14.37 -25.36
N ILE B 354 -33.50 -13.22 -26.04
CA ILE B 354 -32.81 -12.00 -25.58
C ILE B 354 -33.81 -11.00 -25.00
N PHE B 355 -33.58 -10.60 -23.74
CA PHE B 355 -34.39 -9.58 -23.02
C PHE B 355 -35.84 -10.01 -22.86
N THR B 356 -36.04 -11.28 -22.53
CA THR B 356 -37.36 -11.85 -22.28
C THR B 356 -37.83 -11.48 -20.88
N LYS B 357 -39.14 -11.63 -20.66
CA LYS B 357 -39.73 -11.36 -19.35
C LYS B 357 -39.15 -12.27 -18.27
N ALA B 358 -38.98 -13.54 -18.59
CA ALA B 358 -38.45 -14.52 -17.62
C ALA B 358 -37.01 -14.17 -17.16
N HIS B 359 -36.17 -13.76 -18.11
CA HIS B 359 -34.81 -13.32 -17.81
C HIS B 359 -34.80 -12.06 -16.96
N ARG B 360 -35.63 -11.09 -17.31
CA ARG B 360 -35.69 -9.82 -16.60
C ARG B 360 -36.22 -9.97 -15.17
N ASP B 361 -37.18 -10.86 -14.99
CA ASP B 361 -37.64 -11.21 -13.66
C ASP B 361 -36.58 -11.89 -12.80
N ALA B 362 -35.79 -12.80 -13.40
CA ALA B 362 -34.65 -13.40 -12.72
C ALA B 362 -33.67 -12.31 -12.26
N ALA B 363 -33.37 -11.40 -13.18
CA ALA B 363 -32.47 -10.27 -12.90
C ALA B 363 -32.96 -9.37 -11.76
N ARG B 364 -34.25 -9.09 -11.73
CA ARG B 364 -34.85 -8.29 -10.66
C ARG B 364 -34.78 -8.97 -9.29
N ARG B 365 -35.00 -10.28 -9.27
CA ARG B 365 -34.90 -11.09 -8.04
C ARG B 365 -33.46 -11.09 -7.49
N ILE B 366 -32.52 -11.32 -8.38
CA ILE B 366 -31.09 -11.42 -8.02
C ILE B 366 -30.56 -10.05 -7.60
N ALA B 367 -30.97 -9.00 -8.30
CA ALA B 367 -30.64 -7.63 -7.92
C ALA B 367 -31.05 -7.33 -6.48
N ALA B 368 -32.31 -7.59 -6.16
CA ALA B 368 -32.80 -7.36 -4.79
C ALA B 368 -32.04 -8.16 -3.72
N GLU B 369 -31.63 -9.37 -4.09
CA GLU B 369 -30.83 -10.25 -3.22
C GLU B 369 -29.38 -9.78 -3.04
N SER B 370 -28.88 -8.97 -3.98
CA SER B 370 -27.50 -8.47 -3.94
C SER B 370 -27.30 -7.26 -3.01
N PHE B 371 -28.38 -6.55 -2.68
CA PHE B 371 -28.30 -5.29 -1.91
C PHE B 371 -27.87 -5.57 -0.48
N VAL B 372 -27.10 -4.65 0.10
CA VAL B 372 -26.57 -4.81 1.46
C VAL B 372 -27.15 -3.70 2.32
N LEU B 373 -27.93 -4.10 3.32
CA LEU B 373 -28.49 -3.12 4.24
C LEU B 373 -27.39 -2.82 5.26
N LEU B 374 -26.81 -1.62 5.17
CA LEU B 374 -25.68 -1.24 6.04
C LEU B 374 -26.12 -0.64 7.36
N LYS B 375 -27.29 -0.01 7.39
CA LYS B 375 -27.80 0.68 8.58
C LYS B 375 -29.29 0.86 8.45
N ASN B 376 -30.00 0.70 9.56
CA ASN B 376 -31.44 0.93 9.60
C ASN B 376 -31.82 1.18 11.06
N ASP B 377 -31.42 2.34 11.59
CA ASP B 377 -31.69 2.68 13.00
C ASP B 377 -33.13 3.08 13.22
N ASN B 378 -33.58 2.95 14.47
CA ASN B 378 -34.87 3.47 14.87
C ASN B 378 -34.95 5.00 14.82
N VAL B 379 -36.02 5.52 14.24
CA VAL B 379 -36.28 6.94 14.11
C VAL B 379 -37.65 7.23 14.76
N THR B 380 -37.75 8.38 15.42
CA THR B 380 -39.00 8.91 15.93
C THR B 380 -39.84 9.45 14.78
N LEU B 381 -40.86 8.69 14.39
CA LEU B 381 -41.78 9.10 13.33
C LEU B 381 -43.00 9.74 13.97
N ARG B 382 -43.81 8.92 14.63
CA ARG B 382 -45.06 9.38 15.20
C ARG B 382 -44.77 9.94 16.59
N PRO B 383 -45.34 11.12 16.93
CA PRO B 383 -45.04 11.63 18.27
C PRO B 383 -45.54 10.68 19.37
N GLY B 384 -44.75 10.52 20.42
CA GLY B 384 -45.11 9.68 21.56
C GLY B 384 -44.95 8.18 21.41
N THR B 385 -44.66 7.67 20.21
CA THR B 385 -44.54 6.23 19.99
C THR B 385 -43.09 5.78 20.11
N PRO B 386 -42.87 4.45 20.28
CA PRO B 386 -41.49 4.01 20.26
C PRO B 386 -40.84 4.29 18.89
N ALA B 387 -39.55 4.50 18.90
CA ALA B 387 -38.83 4.74 17.66
C ALA B 387 -38.87 3.48 16.81
N GLU B 388 -38.85 3.64 15.49
CA GLU B 388 -38.88 2.50 14.58
C GLU B 388 -38.04 2.76 13.30
N PRO B 389 -37.66 1.69 12.59
CA PRO B 389 -36.82 1.89 11.40
C PRO B 389 -37.61 2.51 10.25
N LEU B 390 -36.91 3.25 9.39
CA LEU B 390 -37.51 3.76 8.17
C LEU B 390 -37.78 2.64 7.14
N LEU B 391 -36.96 1.60 7.13
CA LEU B 391 -37.08 0.51 6.16
C LEU B 391 -37.62 -0.75 6.83
N PRO B 392 -38.59 -1.45 6.22
CA PRO B 392 -39.25 -1.05 4.98
C PRO B 392 -40.40 -0.11 5.28
N PHE B 393 -40.94 0.53 4.26
CA PHE B 393 -42.15 1.33 4.44
C PHE B 393 -43.18 1.04 3.35
N ASN B 394 -44.44 1.31 3.69
CA ASN B 394 -45.55 1.20 2.77
C ASN B 394 -45.56 2.37 1.82
N PRO B 395 -45.61 2.11 0.52
CA PRO B 395 -45.62 3.24 -0.40
C PRO B 395 -46.93 4.04 -0.31
N LYS B 396 -46.87 5.18 0.36
CA LYS B 396 -47.99 6.13 0.39
C LYS B 396 -47.53 7.57 0.67
N GLY B 397 -48.47 8.50 0.63
CA GLY B 397 -48.18 9.91 0.82
C GLY B 397 -47.27 10.45 -0.28
N ASN B 398 -46.35 11.33 0.09
CA ASN B 398 -45.43 11.94 -0.86
C ASN B 398 -44.01 11.46 -0.59
N ILE B 399 -43.43 10.77 -1.58
CA ILE B 399 -42.10 10.17 -1.47
C ILE B 399 -41.16 10.99 -2.35
N ALA B 400 -40.22 11.70 -1.73
CA ALA B 400 -39.21 12.45 -2.48
C ALA B 400 -38.11 11.52 -2.94
N VAL B 401 -37.73 11.62 -4.21
CA VAL B 401 -36.58 10.88 -4.74
C VAL B 401 -35.61 11.90 -5.30
N ILE B 402 -34.47 12.07 -4.61
CA ILE B 402 -33.60 13.21 -4.84
C ILE B 402 -32.14 12.79 -4.98
N GLY B 403 -31.48 13.32 -6.02
CA GLY B 403 -30.05 13.18 -6.19
C GLY B 403 -29.74 12.90 -7.65
N PRO B 404 -28.46 13.00 -8.04
CA PRO B 404 -28.08 12.79 -9.43
C PRO B 404 -28.19 11.35 -9.94
N LEU B 405 -28.36 10.35 -9.05
CA LEU B 405 -28.63 8.97 -9.46
C LEU B 405 -30.15 8.62 -9.38
N ALA B 406 -31.01 9.59 -9.06
CA ALA B 406 -32.45 9.38 -8.94
C ALA B 406 -33.15 9.19 -10.26
N ASP B 407 -32.75 9.97 -11.28
CA ASP B 407 -33.39 9.88 -12.59
C ASP B 407 -32.37 9.76 -13.72
N SER B 408 -31.53 8.72 -13.66
CA SER B 408 -30.63 8.36 -14.75
C SER B 408 -30.87 6.91 -15.16
N ARG B 409 -31.35 6.70 -16.38
CA ARG B 409 -31.50 5.37 -16.93
C ARG B 409 -30.15 4.71 -17.21
N THR B 410 -29.28 5.45 -17.88
CA THR B 410 -28.04 4.91 -18.42
C THR B 410 -27.03 4.49 -17.35
N ASN B 411 -27.13 5.08 -16.15
CA ASN B 411 -26.29 4.70 -15.00
C ASN B 411 -26.78 3.51 -14.14
N MET B 412 -27.98 2.98 -14.42
CA MET B 412 -28.52 1.85 -13.66
C MET B 412 -27.81 0.50 -13.85
N PRO B 413 -27.51 0.11 -15.11
CA PRO B 413 -26.98 -1.24 -15.28
C PRO B 413 -25.57 -1.49 -14.73
N GLY B 414 -24.75 -0.45 -14.70
CA GLY B 414 -23.38 -0.56 -14.21
C GLY B 414 -22.42 -0.53 -15.37
N THR B 415 -21.15 -0.37 -15.04
CA THR B 415 -20.08 -0.53 -16.03
C THR B 415 -20.04 -1.99 -16.52
N TRP B 416 -19.28 -2.21 -17.59
CA TRP B 416 -19.23 -3.53 -18.26
C TRP B 416 -20.61 -4.05 -18.65
N SER B 417 -21.38 -3.18 -19.29
CA SER B 417 -22.68 -3.51 -19.86
C SER B 417 -22.67 -3.18 -21.37
N VAL B 418 -21.68 -3.70 -22.11
CA VAL B 418 -21.44 -3.26 -23.49
C VAL B 418 -22.46 -3.66 -24.56
N ALA B 419 -23.25 -4.70 -24.31
CA ALA B 419 -24.36 -5.07 -25.20
C ALA B 419 -25.74 -4.60 -24.69
N ALA B 420 -25.78 -3.96 -23.52
CA ALA B 420 -27.05 -3.49 -22.96
C ALA B 420 -27.59 -2.28 -23.74
N VAL B 421 -28.91 -2.12 -23.74
CA VAL B 421 -29.54 -0.91 -24.28
C VAL B 421 -29.73 0.05 -23.09
N LEU B 422 -28.81 1.00 -22.96
CA LEU B 422 -28.67 1.79 -21.72
C LEU B 422 -29.90 2.63 -21.38
N ASP B 423 -30.43 3.31 -22.40
CA ASP B 423 -31.58 4.21 -22.23
C ASP B 423 -32.94 3.49 -22.23
N ARG B 424 -32.93 2.16 -22.23
CA ARG B 424 -34.13 1.34 -22.00
C ARG B 424 -34.35 0.99 -20.54
N CYS B 425 -33.30 0.99 -19.73
CA CYS B 425 -33.40 0.71 -18.29
C CYS B 425 -34.22 1.79 -17.59
N PRO B 426 -35.23 1.41 -16.81
CA PRO B 426 -35.94 2.48 -16.10
C PRO B 426 -35.06 3.17 -15.05
N SER B 427 -35.13 4.49 -14.97
CA SER B 427 -34.51 5.22 -13.84
C SER B 427 -35.20 4.87 -12.54
N LEU B 428 -34.58 5.25 -11.43
CA LEU B 428 -35.15 4.96 -10.12
C LEU B 428 -36.52 5.66 -9.95
N VAL B 429 -36.61 6.94 -10.31
CA VAL B 429 -37.88 7.68 -10.27
C VAL B 429 -38.97 7.00 -11.11
N GLU B 430 -38.62 6.63 -12.34
CA GLU B 430 -39.54 5.88 -13.23
C GLU B 430 -40.04 4.59 -12.64
N GLY B 431 -39.13 3.79 -12.10
CA GLY B 431 -39.46 2.49 -11.56
C GLY B 431 -40.34 2.62 -10.32
N LEU B 432 -39.97 3.53 -9.42
CA LEU B 432 -40.78 3.76 -8.23
C LEU B 432 -42.16 4.36 -8.57
N LYS B 433 -42.23 5.23 -9.60
CA LYS B 433 -43.51 5.73 -10.09
C LYS B 433 -44.47 4.61 -10.53
N GLU B 434 -43.97 3.71 -11.39
CA GLU B 434 -44.73 2.52 -11.76
C GLU B 434 -45.22 1.75 -10.55
N MET B 435 -44.29 1.36 -9.68
CA MET B 435 -44.63 0.50 -8.54
C MET B 435 -45.57 1.16 -7.54
N THR B 436 -45.61 2.50 -7.51
CA THR B 436 -46.47 3.22 -6.57
C THR B 436 -47.70 3.90 -7.19
N ALA B 437 -47.89 3.74 -8.50
CA ALA B 437 -48.98 4.44 -9.22
C ALA B 437 -50.31 4.19 -8.54
N GLY B 438 -51.02 5.27 -8.24
CA GLY B 438 -52.27 5.22 -7.49
C GLY B 438 -52.18 5.08 -5.97
N LYS B 439 -50.99 4.79 -5.43
CA LYS B 439 -50.77 4.68 -3.98
C LYS B 439 -49.95 5.81 -3.36
N ALA B 440 -49.01 6.39 -4.11
CA ALA B 440 -48.15 7.49 -3.63
C ALA B 440 -47.74 8.40 -4.77
N ASN B 441 -47.35 9.63 -4.41
CA ASN B 441 -46.76 10.55 -5.38
C ASN B 441 -45.24 10.49 -5.25
N ILE B 442 -44.57 10.33 -6.37
CA ILE B 442 -43.12 10.37 -6.44
C ILE B 442 -42.72 11.77 -6.84
N LEU B 443 -42.04 12.49 -5.94
CA LEU B 443 -41.55 13.85 -6.21
C LEU B 443 -40.06 13.81 -6.52
N TYR B 444 -39.66 14.33 -7.66
CA TYR B 444 -38.26 14.29 -8.09
C TYR B 444 -37.60 15.66 -7.95
N ALA B 445 -36.33 15.66 -7.52
CA ALA B 445 -35.43 16.80 -7.71
C ALA B 445 -34.02 16.26 -7.96
N LYS B 446 -33.31 16.86 -8.90
CA LYS B 446 -31.96 16.41 -9.19
C LYS B 446 -31.04 16.62 -7.99
N GLY B 447 -31.17 17.76 -7.30
CA GLY B 447 -30.48 18.01 -6.03
C GLY B 447 -29.05 18.53 -6.13
N SER B 448 -28.23 17.84 -6.91
CA SER B 448 -26.88 18.27 -7.20
C SER B 448 -26.42 17.65 -8.48
N ASN B 449 -25.30 18.16 -8.98
CA ASN B 449 -24.52 17.48 -10.00
C ASN B 449 -23.85 16.24 -9.39
N LEU B 450 -23.15 15.47 -10.21
CA LEU B 450 -22.43 14.27 -9.75
C LEU B 450 -21.30 14.66 -8.84
N ILE B 451 -20.58 15.69 -9.23
CA ILE B 451 -19.44 16.25 -8.49
C ILE B 451 -19.25 17.73 -8.88
N SER B 452 -18.60 18.51 -8.01
CA SER B 452 -18.42 19.95 -8.29
C SER B 452 -17.68 20.21 -9.61
N ASP B 453 -16.57 19.54 -9.82
CA ASP B 453 -15.75 19.76 -11.01
C ASP B 453 -16.40 19.20 -12.30
N ALA B 454 -16.75 20.11 -13.22
CA ALA B 454 -17.39 19.72 -14.49
C ALA B 454 -16.54 18.78 -15.35
N SER B 455 -15.24 19.02 -15.40
CA SER B 455 -14.33 18.16 -16.16
C SER B 455 -14.33 16.70 -15.63
N TYR B 456 -14.29 16.55 -14.31
CA TYR B 456 -14.39 15.23 -13.66
C TYR B 456 -15.74 14.59 -14.03
N GLU B 457 -16.83 15.33 -13.91
CA GLU B 457 -18.14 14.77 -14.21
C GLU B 457 -18.19 14.19 -15.63
N GLU B 458 -17.61 14.91 -16.59
CA GLU B 458 -17.54 14.43 -17.98
C GLU B 458 -16.84 13.10 -18.06
N ARG B 459 -15.66 12.97 -17.47
CA ARG B 459 -14.93 11.70 -17.64
C ARG B 459 -15.58 10.57 -16.83
N ALA B 460 -16.21 10.92 -15.70
CA ALA B 460 -17.01 9.99 -14.90
C ALA B 460 -18.31 9.49 -15.57
N THR B 461 -18.76 10.19 -16.62
CA THR B 461 -20.01 9.84 -17.29
C THR B 461 -19.80 9.53 -18.78
N MET B 462 -18.59 9.08 -19.11
N MET B 462 -18.60 9.10 -19.14
CA MET B 462 -18.22 8.59 -20.44
CA MET B 462 -18.31 8.71 -20.53
C MET B 462 -19.06 7.38 -20.85
C MET B 462 -19.02 7.39 -20.86
N PHE B 463 -18.95 7.01 -22.13
CA PHE B 463 -19.65 5.83 -22.67
C PHE B 463 -21.18 5.92 -22.51
N GLY B 464 -21.73 7.11 -22.75
CA GLY B 464 -23.20 7.31 -22.77
C GLY B 464 -23.91 7.45 -21.43
N ARG B 465 -23.17 7.84 -20.39
CA ARG B 465 -23.73 7.96 -19.03
C ARG B 465 -23.96 9.41 -18.58
N SER B 466 -24.05 10.34 -19.53
CA SER B 466 -24.26 11.75 -19.18
C SER B 466 -25.48 11.90 -18.26
N LEU B 467 -25.36 12.79 -17.29
CA LEU B 467 -26.49 13.19 -16.46
C LEU B 467 -27.14 14.49 -16.96
N ASN B 468 -26.74 14.93 -18.15
CA ASN B 468 -27.27 16.15 -18.77
C ASN B 468 -27.07 17.36 -17.90
N ARG B 469 -25.85 17.49 -17.38
CA ARG B 469 -25.44 18.63 -16.62
C ARG B 469 -25.66 19.90 -17.45
N ASP B 470 -26.23 20.91 -16.82
CA ASP B 470 -26.56 22.15 -17.50
C ASP B 470 -25.94 23.29 -16.71
N ASN B 471 -26.41 24.51 -16.94
CA ASN B 471 -25.91 25.72 -16.28
C ASN B 471 -26.50 26.03 -14.91
N ARG B 472 -27.43 25.22 -14.42
CA ARG B 472 -27.91 25.42 -13.06
C ARG B 472 -26.74 25.21 -12.09
N THR B 473 -26.59 26.14 -11.16
CA THR B 473 -25.54 26.09 -10.17
C THR B 473 -25.91 25.08 -9.10
N ASP B 474 -24.92 24.71 -8.31
CA ASP B 474 -25.13 23.76 -7.21
C ASP B 474 -26.18 24.34 -6.25
N GLU B 475 -26.13 25.65 -6.05
CA GLU B 475 -27.05 26.36 -5.14
C GLU B 475 -28.48 26.31 -5.62
N GLN B 476 -28.70 26.55 -6.92
N GLN B 476 -28.70 26.56 -6.92
CA GLN B 476 -30.04 26.41 -7.51
CA GLN B 476 -30.02 26.41 -7.53
C GLN B 476 -30.60 25.00 -7.38
C GLN B 476 -30.57 25.02 -7.33
N LEU B 477 -29.78 24.02 -7.73
CA LEU B 477 -30.18 22.60 -7.60
C LEU B 477 -30.54 22.25 -6.17
N LEU B 478 -29.69 22.64 -5.24
CA LEU B 478 -29.99 22.45 -3.84
C LEU B 478 -31.34 23.06 -3.42
N ASN B 479 -31.56 24.32 -3.80
CA ASN B 479 -32.77 25.04 -3.38
C ASN B 479 -34.05 24.39 -3.89
N GLU B 480 -34.06 24.01 -5.17
CA GLU B 480 -35.15 23.21 -5.74
C GLU B 480 -35.40 21.93 -4.93
N ALA B 481 -34.32 21.18 -4.64
CA ALA B 481 -34.42 19.94 -3.86
C ALA B 481 -35.06 20.14 -2.49
N LEU B 482 -34.69 21.20 -1.78
CA LEU B 482 -35.25 21.44 -0.44
C LEU B 482 -36.75 21.83 -0.47
N THR B 483 -37.15 22.53 -1.53
CA THR B 483 -38.56 22.82 -1.80
C THR B 483 -39.33 21.50 -1.92
N VAL B 484 -38.82 20.58 -2.74
CA VAL B 484 -39.44 19.26 -2.90
C VAL B 484 -39.40 18.45 -1.60
N ALA B 485 -38.23 18.42 -0.95
CA ALA B 485 -38.08 17.68 0.31
C ALA B 485 -39.07 18.12 1.38
N ASN B 486 -39.28 19.43 1.46
CA ASN B 486 -40.16 19.98 2.51
C ASN B 486 -41.64 19.72 2.26
N GLN B 487 -42.02 19.39 1.02
CA GLN B 487 -43.35 18.87 0.68
C GLN B 487 -43.53 17.35 0.84
N SER B 488 -42.51 16.63 1.29
CA SER B 488 -42.55 15.17 1.34
C SER B 488 -42.73 14.62 2.73
N ASP B 489 -43.11 13.34 2.79
CA ASP B 489 -43.18 12.58 4.04
C ASP B 489 -41.91 11.78 4.29
N ILE B 490 -41.21 11.42 3.21
CA ILE B 490 -39.96 10.70 3.33
C ILE B 490 -39.09 11.01 2.11
N ILE B 491 -37.78 11.02 2.31
CA ILE B 491 -36.80 11.35 1.27
C ILE B 491 -35.95 10.13 0.96
N ILE B 492 -35.88 9.77 -0.32
CA ILE B 492 -34.97 8.75 -0.79
C ILE B 492 -33.87 9.53 -1.47
N ALA B 493 -32.69 9.54 -0.85
CA ALA B 493 -31.54 10.21 -1.41
C ALA B 493 -30.79 9.18 -2.24
N ALA B 494 -30.87 9.33 -3.56
CA ALA B 494 -30.22 8.43 -4.52
C ALA B 494 -28.89 9.04 -4.95
N LEU B 495 -27.83 8.58 -4.30
CA LEU B 495 -26.54 9.24 -4.33
C LEU B 495 -25.43 8.20 -4.50
N GLY B 496 -24.26 8.70 -4.90
CA GLY B 496 -23.01 7.93 -4.91
C GLY B 496 -22.23 8.10 -6.19
N GLU B 497 -21.75 6.99 -6.74
CA GLU B 497 -20.94 7.03 -7.96
C GLU B 497 -21.82 7.03 -9.18
N SER B 498 -21.32 7.59 -10.28
CA SER B 498 -21.80 7.22 -11.60
C SER B 498 -21.20 5.84 -11.92
N SER B 499 -21.76 5.14 -12.89
CA SER B 499 -21.32 3.77 -13.17
C SER B 499 -19.89 3.72 -13.69
N GLU B 500 -19.47 4.75 -14.41
CA GLU B 500 -18.09 4.80 -14.93
C GLU B 500 -17.09 5.50 -13.98
N MET B 501 -17.46 5.72 -12.73
CA MET B 501 -16.46 6.06 -11.70
C MET B 501 -15.76 4.80 -11.23
N SER B 502 -16.28 3.63 -11.65
CA SER B 502 -15.61 2.34 -11.55
C SER B 502 -15.45 1.69 -12.93
N GLY B 503 -15.02 0.42 -12.95
CA GLY B 503 -14.61 -0.24 -14.21
C GLY B 503 -13.14 -0.01 -14.54
N GLU B 504 -12.76 -0.23 -15.79
CA GLU B 504 -11.38 -0.09 -16.21
C GLU B 504 -10.98 1.38 -16.27
N SER B 505 -9.72 1.65 -15.90
CA SER B 505 -9.13 3.01 -15.86
C SER B 505 -10.01 4.03 -15.12
N SER B 506 -10.54 3.60 -13.98
CA SER B 506 -11.39 4.41 -13.12
C SER B 506 -10.98 4.24 -11.67
N SER B 507 -9.71 4.56 -11.42
CA SER B 507 -9.16 4.53 -10.07
C SER B 507 -9.40 5.89 -9.39
N ARG B 508 -9.76 5.85 -8.11
CA ARG B 508 -9.99 7.04 -7.30
C ARG B 508 -9.02 7.07 -6.11
N THR B 509 -8.56 8.28 -5.74
CA THR B 509 -7.73 8.52 -4.55
C THR B 509 -8.53 8.95 -3.31
N ASP B 510 -9.77 9.38 -3.56
N ASP B 510 -9.76 9.42 -3.51
CA ASP B 510 -10.75 9.70 -2.53
CA ASP B 510 -10.66 9.58 -2.37
C ASP B 510 -11.95 8.82 -2.77
C ASP B 510 -11.94 8.86 -2.71
N LEU B 511 -12.51 8.24 -1.69
CA LEU B 511 -13.60 7.28 -1.80
C LEU B 511 -14.86 7.76 -1.11
N ASN B 512 -15.03 9.08 -0.98
CA ASN B 512 -16.26 9.64 -0.45
C ASN B 512 -17.40 9.63 -1.47
N ILE B 513 -18.63 9.71 -0.97
CA ILE B 513 -19.72 10.24 -1.77
C ILE B 513 -19.24 11.63 -2.22
N PRO B 514 -19.30 11.93 -3.54
CA PRO B 514 -18.73 13.20 -4.01
C PRO B 514 -19.23 14.46 -3.30
N ASP B 515 -18.35 15.47 -3.22
CA ASP B 515 -18.57 16.74 -2.47
C ASP B 515 -20.01 17.28 -2.52
N VAL B 516 -20.50 17.64 -3.70
CA VAL B 516 -21.84 18.25 -3.83
C VAL B 516 -23.01 17.36 -3.39
N GLN B 517 -22.86 16.05 -3.61
CA GLN B 517 -23.84 15.10 -3.14
C GLN B 517 -23.85 14.96 -1.63
N GLN B 518 -22.67 14.92 -1.01
CA GLN B 518 -22.61 14.80 0.43
C GLN B 518 -23.19 16.06 1.09
N ASN B 519 -22.89 17.23 0.54
CA ASN B 519 -23.49 18.47 0.99
C ASN B 519 -25.02 18.48 0.83
N LEU B 520 -25.48 17.98 -0.32
CA LEU B 520 -26.92 17.78 -0.54
C LEU B 520 -27.53 16.90 0.56
N LEU B 521 -26.88 15.78 0.86
CA LEU B 521 -27.35 14.86 1.88
C LEU B 521 -27.42 15.52 3.25
N LYS B 522 -26.39 16.30 3.56
CA LYS B 522 -26.38 17.07 4.81
C LYS B 522 -27.58 18.00 4.87
N GLU B 523 -27.82 18.74 3.79
CA GLU B 523 -28.96 19.67 3.76
C GLU B 523 -30.34 18.96 3.82
N LEU B 524 -30.47 17.79 3.20
CA LEU B 524 -31.71 16.98 3.30
C LEU B 524 -31.97 16.50 4.71
N LEU B 525 -30.94 16.07 5.42
CA LEU B 525 -31.09 15.71 6.83
C LEU B 525 -31.55 16.87 7.73
N LYS B 526 -31.15 18.09 7.37
CA LYS B 526 -31.55 19.28 8.14
C LYS B 526 -33.00 19.74 7.99
N THR B 527 -33.71 19.21 6.99
CA THR B 527 -35.14 19.47 6.85
C THR B 527 -35.93 18.83 7.97
N GLY B 528 -35.32 17.84 8.64
CA GLY B 528 -36.01 17.10 9.69
C GLY B 528 -36.85 15.93 9.17
N LYS B 529 -37.06 15.83 7.86
CA LYS B 529 -37.73 14.66 7.26
C LYS B 529 -36.85 13.41 7.37
N PRO B 530 -37.49 12.22 7.43
CA PRO B 530 -36.72 11.00 7.40
C PRO B 530 -36.01 10.81 6.04
N VAL B 531 -34.72 10.48 6.10
CA VAL B 531 -33.89 10.29 4.92
C VAL B 531 -33.38 8.85 4.86
N VAL B 532 -33.55 8.24 3.69
CA VAL B 532 -32.95 6.94 3.39
C VAL B 532 -31.89 7.19 2.33
N LEU B 533 -30.67 6.79 2.62
CA LEU B 533 -29.61 6.82 1.62
C LEU B 533 -29.66 5.53 0.79
N VAL B 534 -29.92 5.68 -0.50
CA VAL B 534 -29.86 4.59 -1.44
C VAL B 534 -28.56 4.83 -2.20
N LEU B 535 -27.54 4.04 -1.83
CA LEU B 535 -26.18 4.26 -2.28
C LEU B 535 -25.85 3.43 -3.50
N PHE B 536 -25.55 4.11 -4.59
CA PHE B 536 -25.05 3.46 -5.79
C PHE B 536 -23.54 3.55 -5.76
N THR B 537 -22.87 2.42 -5.97
CA THR B 537 -21.41 2.39 -5.97
C THR B 537 -20.89 1.13 -6.66
N GLY B 538 -19.71 1.25 -7.27
CA GLY B 538 -18.99 0.11 -7.82
C GLY B 538 -17.84 -0.38 -6.96
N ARG B 539 -17.72 0.17 -5.75
CA ARG B 539 -16.58 -0.09 -4.87
C ARG B 539 -16.93 0.24 -3.43
N PRO B 540 -16.12 -0.25 -2.47
CA PRO B 540 -16.27 0.33 -1.13
C PRO B 540 -16.01 1.87 -1.10
N LEU B 541 -16.77 2.55 -0.26
CA LEU B 541 -16.66 4.00 -0.04
C LEU B 541 -16.41 4.24 1.43
N THR B 542 -15.88 5.41 1.73
CA THR B 542 -15.56 5.82 3.10
C THR B 542 -16.76 6.60 3.70
N LEU B 543 -17.51 5.94 4.57
CA LEU B 543 -18.88 6.37 4.92
C LEU B 543 -19.11 6.67 6.41
N THR B 544 -18.04 6.98 7.14
CA THR B 544 -18.19 7.23 8.59
C THR B 544 -19.17 8.38 8.89
N TRP B 545 -19.15 9.46 8.09
CA TRP B 545 -20.06 10.58 8.29
C TRP B 545 -21.54 10.12 8.11
N GLU B 546 -21.77 9.38 7.04
CA GLU B 546 -23.11 8.86 6.73
C GLU B 546 -23.59 7.87 7.79
N GLN B 547 -22.69 7.00 8.25
CA GLN B 547 -23.02 6.05 9.31
C GLN B 547 -23.39 6.73 10.63
N GLU B 548 -22.78 7.88 10.90
CA GLU B 548 -23.11 8.67 12.09
C GLU B 548 -24.49 9.36 11.93
N HIS B 549 -24.76 9.95 10.77
CA HIS B 549 -25.87 10.92 10.64
C HIS B 549 -27.11 10.49 9.84
N VAL B 550 -27.00 9.47 8.99
CA VAL B 550 -28.15 9.03 8.17
C VAL B 550 -28.83 7.83 8.86
N PRO B 551 -30.17 7.86 9.05
CA PRO B 551 -30.79 6.72 9.75
C PRO B 551 -30.72 5.37 9.05
N ALA B 552 -30.95 5.36 7.74
CA ALA B 552 -30.99 4.12 6.93
C ALA B 552 -30.10 4.25 5.71
N ILE B 553 -29.29 3.22 5.47
CA ILE B 553 -28.35 3.19 4.34
C ILE B 553 -28.48 1.81 3.69
N LEU B 554 -28.84 1.81 2.42
CA LEU B 554 -28.98 0.62 1.61
C LEU B 554 -28.02 0.76 0.46
N ASN B 555 -27.03 -0.13 0.43
CA ASN B 555 -26.08 -0.18 -0.64
C ASN B 555 -26.68 -1.00 -1.77
N VAL B 556 -26.96 -0.34 -2.89
CA VAL B 556 -27.55 -1.02 -4.05
C VAL B 556 -26.55 -1.33 -5.17
N TRP B 557 -25.27 -1.07 -4.92
CA TRP B 557 -24.25 -1.27 -5.93
C TRP B 557 -24.72 -0.68 -7.28
N PHE B 558 -24.70 -1.48 -8.35
CA PHE B 558 -25.42 -1.17 -9.59
C PHE B 558 -26.14 -2.45 -9.92
N GLY B 559 -27.46 -2.44 -9.76
CA GLY B 559 -28.25 -3.66 -9.77
C GLY B 559 -28.62 -4.25 -11.12
N GLY B 560 -28.29 -3.55 -12.20
CA GLY B 560 -28.59 -4.05 -13.55
C GLY B 560 -29.74 -3.32 -14.20
N SER B 561 -30.27 -3.93 -15.27
CA SER B 561 -31.30 -3.29 -16.09
C SER B 561 -32.61 -3.14 -15.33
N GLU B 562 -32.85 -4.01 -14.36
CA GLU B 562 -34.03 -3.97 -13.49
C GLU B 562 -33.80 -3.37 -12.09
N ALA B 563 -32.70 -2.64 -11.92
CA ALA B 563 -32.32 -2.07 -10.60
C ALA B 563 -33.43 -1.28 -9.94
N ALA B 564 -34.08 -0.42 -10.71
CA ALA B 564 -35.13 0.46 -10.17
C ALA B 564 -36.22 -0.34 -9.51
N TYR B 565 -36.64 -1.42 -10.16
CA TYR B 565 -37.69 -2.27 -9.63
C TYR B 565 -37.24 -3.03 -8.39
N ALA B 566 -36.03 -3.59 -8.42
CA ALA B 566 -35.46 -4.27 -7.25
C ALA B 566 -35.31 -3.36 -6.02
N ILE B 567 -34.92 -2.11 -6.27
CA ILE B 567 -34.81 -1.14 -5.19
C ILE B 567 -36.18 -0.89 -4.54
N GLY B 568 -37.20 -0.73 -5.37
CA GLY B 568 -38.59 -0.68 -4.89
C GLY B 568 -38.97 -1.89 -4.05
N ASP B 569 -38.61 -3.09 -4.51
CA ASP B 569 -38.90 -4.33 -3.76
C ASP B 569 -38.29 -4.32 -2.36
N ALA B 570 -37.04 -3.85 -2.24
CA ALA B 570 -36.38 -3.69 -0.94
C ALA B 570 -37.04 -2.60 -0.09
N LEU B 571 -37.22 -1.41 -0.67
CA LEU B 571 -37.74 -0.26 0.09
C LEU B 571 -39.12 -0.53 0.68
N PHE B 572 -39.96 -1.20 -0.10
CA PHE B 572 -41.33 -1.49 0.33
C PHE B 572 -41.49 -2.80 1.08
N GLY B 573 -40.41 -3.55 1.26
CA GLY B 573 -40.45 -4.77 2.06
C GLY B 573 -40.92 -6.00 1.32
N TYR B 574 -41.05 -5.95 0.00
CA TYR B 574 -41.37 -7.15 -0.81
C TYR B 574 -40.21 -8.15 -0.79
N VAL B 575 -38.99 -7.66 -0.59
CA VAL B 575 -37.81 -8.49 -0.36
C VAL B 575 -37.15 -7.98 0.90
N ASN B 576 -36.81 -8.88 1.81
CA ASN B 576 -36.04 -8.52 2.99
C ASN B 576 -34.55 -8.57 2.59
N PRO B 577 -33.82 -7.44 2.65
CA PRO B 577 -32.39 -7.50 2.27
C PRO B 577 -31.62 -8.57 3.02
N GLY B 578 -30.76 -9.30 2.30
CA GLY B 578 -29.89 -10.30 2.93
C GLY B 578 -28.46 -10.36 2.42
N GLY B 579 -28.06 -9.36 1.65
CA GLY B 579 -26.71 -9.33 1.11
C GLY B 579 -25.69 -9.08 2.19
N LYS B 580 -24.47 -9.60 1.98
CA LYS B 580 -23.35 -9.40 2.89
C LYS B 580 -22.14 -8.99 2.09
N LEU B 581 -21.40 -8.02 2.62
CA LEU B 581 -20.25 -7.44 1.93
C LEU B 581 -19.20 -8.50 1.65
N THR B 582 -18.56 -8.39 0.49
CA THR B 582 -17.44 -9.26 0.16
C THR B 582 -16.12 -8.50 0.08
N MET B 583 -16.14 -7.22 0.48
CA MET B 583 -14.94 -6.40 0.52
C MET B 583 -15.09 -5.41 1.68
N SER B 584 -14.03 -5.26 2.48
CA SER B 584 -14.04 -4.39 3.65
C SER B 584 -14.29 -2.90 3.26
N PHE B 585 -15.10 -2.21 4.05
CA PHE B 585 -15.33 -0.75 3.86
C PHE B 585 -14.50 0.03 4.87
N PRO B 586 -13.40 0.65 4.42
CA PRO B 586 -12.51 1.32 5.37
C PRO B 586 -13.09 2.63 5.90
N LYS B 587 -12.56 3.10 7.03
CA LYS B 587 -12.95 4.41 7.56
C LYS B 587 -12.33 5.55 6.75
N ASN B 588 -11.10 5.35 6.28
CA ASN B 588 -10.47 6.33 5.41
C ASN B 588 -9.42 5.66 4.54
N VAL B 589 -8.98 6.38 3.50
CA VAL B 589 -8.03 5.89 2.50
C VAL B 589 -6.65 5.64 3.13
N GLY B 590 -6.36 6.34 4.23
CA GLY B 590 -5.15 6.10 4.98
C GLY B 590 -5.01 4.72 5.63
N GLN B 591 -6.10 3.97 5.78
CA GLN B 591 -6.02 2.60 6.30
C GLN B 591 -5.76 1.51 5.25
N ILE B 592 -5.80 1.87 3.97
CA ILE B 592 -5.62 0.91 2.88
C ILE B 592 -4.19 0.33 2.90
N PRO B 593 -4.00 -0.99 2.79
CA PRO B 593 -5.06 -2.00 2.61
C PRO B 593 -5.60 -2.53 3.92
N LEU B 594 -6.91 -2.61 4.01
CA LEU B 594 -7.60 -3.13 5.16
C LEU B 594 -8.36 -4.37 4.72
N TYR B 595 -8.10 -5.51 5.35
CA TYR B 595 -8.76 -6.76 4.98
C TYR B 595 -8.87 -7.68 6.19
N TYR B 596 -9.89 -8.54 6.22
CA TYR B 596 -10.21 -9.29 7.43
C TYR B 596 -9.17 -10.39 7.71
N ALA B 597 -8.60 -10.96 6.64
CA ALA B 597 -7.74 -12.14 6.75
C ALA B 597 -6.26 -11.75 6.89
N HIS B 598 -5.99 -10.92 7.89
CA HIS B 598 -4.67 -10.32 8.07
C HIS B 598 -3.90 -11.09 9.14
N LYS B 599 -2.58 -10.94 9.12
CA LYS B 599 -1.71 -11.53 10.13
C LYS B 599 -1.88 -10.76 11.44
N ASN B 600 -1.55 -11.41 12.55
CA ASN B 600 -1.71 -10.80 13.88
C ASN B 600 -0.72 -9.69 14.19
N THR B 601 0.45 -9.74 13.55
CA THR B 601 1.65 -8.95 13.91
C THR B 601 2.23 -9.39 15.27
N GLY B 602 3.43 -8.90 15.54
CA GLY B 602 4.09 -9.07 16.84
C GLY B 602 3.55 -8.17 17.93
N ARG B 603 2.75 -7.16 17.57
CA ARG B 603 2.26 -6.20 18.55
C ARG B 603 0.78 -5.86 18.31
N PRO B 604 -0.10 -6.88 18.37
CA PRO B 604 -1.52 -6.67 18.06
C PRO B 604 -2.16 -5.72 19.07
N LEU B 605 -3.00 -4.81 18.59
CA LEU B 605 -3.73 -3.92 19.48
C LEU B 605 -4.93 -4.71 19.95
N ALA B 606 -5.13 -4.84 21.26
CA ALA B 606 -6.30 -5.60 21.76
C ALA B 606 -7.60 -4.83 21.52
N GLN B 607 -8.70 -5.57 21.47
CA GLN B 607 -10.03 -5.00 21.26
C GLN B 607 -10.29 -3.95 22.33
N GLY B 608 -10.84 -2.82 21.90
CA GLY B 608 -11.15 -1.69 22.78
C GLY B 608 -10.01 -0.87 23.34
N LYS B 609 -8.76 -1.20 22.99
CA LYS B 609 -7.59 -0.51 23.57
C LYS B 609 -7.09 0.68 22.75
N TRP B 610 -7.68 0.99 21.61
CA TRP B 610 -7.20 2.14 20.82
C TRP B 610 -7.38 3.42 21.64
N PHE B 611 -6.38 4.30 21.76
CA PHE B 611 -5.03 4.18 21.21
C PHE B 611 -4.07 3.66 22.29
N GLU B 612 -3.08 2.86 21.91
CA GLU B 612 -2.06 2.39 22.84
C GLU B 612 -0.69 2.53 22.19
N LYS B 613 0.16 3.33 22.82
CA LYS B 613 1.52 3.53 22.35
C LYS B 613 2.25 2.20 22.35
N PHE B 614 3.05 1.98 21.31
CA PHE B 614 3.81 0.74 21.10
C PHE B 614 3.04 -0.52 20.67
N ARG B 615 1.80 -0.37 20.25
CA ARG B 615 1.07 -1.43 19.54
C ARG B 615 0.95 -1.06 18.07
N SER B 616 0.56 -2.04 17.24
CA SER B 616 0.30 -1.77 15.84
C SER B 616 -1.04 -1.04 15.70
N ASN B 617 -0.95 0.28 15.59
CA ASN B 617 -2.10 1.18 15.53
C ASN B 617 -1.67 2.58 15.07
N TYR B 618 -2.66 3.36 14.60
CA TYR B 618 -2.46 4.73 14.14
C TYR B 618 -2.82 5.77 15.21
N LEU B 619 -2.27 6.96 15.09
CA LEU B 619 -2.57 8.06 16.02
C LEU B 619 -3.98 8.63 15.92
N ASP B 620 -4.62 8.47 14.78
CA ASP B 620 -5.80 9.23 14.40
C ASP B 620 -7.05 8.46 14.03
N VAL B 621 -6.98 7.13 13.97
CA VAL B 621 -8.15 6.29 13.72
C VAL B 621 -7.83 4.92 14.26
N ASP B 622 -8.82 4.16 14.71
CA ASP B 622 -8.55 2.77 15.08
C ASP B 622 -8.24 1.90 13.86
N ASN B 623 -8.03 0.60 14.08
CA ASN B 623 -7.59 -0.30 13.00
C ASN B 623 -8.72 -0.86 12.17
N GLU B 624 -9.95 -0.59 12.57
CA GLU B 624 -11.11 -1.32 12.07
C GLU B 624 -11.68 -0.68 10.81
N PRO B 625 -12.20 -1.52 9.89
CA PRO B 625 -13.05 -1.00 8.82
C PRO B 625 -14.34 -0.50 9.42
N LEU B 626 -15.03 0.41 8.73
CA LEU B 626 -16.35 0.82 9.17
C LEU B 626 -17.31 -0.38 9.15
N TYR B 627 -17.28 -1.10 8.04
CA TYR B 627 -18.07 -2.29 7.84
C TYR B 627 -17.12 -3.41 7.45
N PRO B 628 -17.11 -4.49 8.24
CA PRO B 628 -16.19 -5.55 7.94
C PRO B 628 -16.70 -6.50 6.83
N PHE B 629 -15.79 -7.30 6.31
CA PHE B 629 -16.14 -8.42 5.44
C PHE B 629 -17.29 -9.27 6.03
N GLY B 630 -18.26 -9.57 5.19
CA GLY B 630 -19.41 -10.37 5.55
C GLY B 630 -20.51 -9.66 6.30
N TYR B 631 -20.45 -8.34 6.39
CA TYR B 631 -21.39 -7.55 7.15
C TYR B 631 -22.63 -7.30 6.31
N GLY B 632 -23.79 -7.38 6.95
CA GLY B 632 -25.04 -7.06 6.31
C GLY B 632 -26.22 -7.28 7.22
N LEU B 633 -27.13 -6.32 7.24
CA LEU B 633 -28.29 -6.36 8.13
C LEU B 633 -29.50 -6.92 7.37
N SER B 634 -30.59 -7.08 8.10
CA SER B 634 -31.84 -7.62 7.60
C SER B 634 -32.92 -6.81 8.29
N TYR B 635 -34.13 -6.89 7.76
CA TYR B 635 -35.28 -6.37 8.49
C TYR B 635 -35.65 -7.21 9.73
N THR B 636 -35.09 -8.42 9.84
CA THR B 636 -35.23 -9.22 11.06
C THR B 636 -33.87 -9.32 11.74
N THR B 637 -33.85 -10.01 12.87
CA THR B 637 -32.61 -10.31 13.58
C THR B 637 -32.43 -11.82 13.70
N PHE B 638 -31.17 -12.24 13.81
CA PHE B 638 -30.83 -13.66 13.99
C PHE B 638 -29.95 -13.82 15.22
N SER B 639 -30.21 -14.86 15.98
CA SER B 639 -29.47 -15.19 17.19
C SER B 639 -28.78 -16.54 16.95
N TYR B 640 -27.56 -16.65 17.46
CA TYR B 640 -26.73 -17.83 17.29
C TYR B 640 -26.53 -18.47 18.65
N GLY B 641 -26.80 -19.77 18.78
CA GLY B 641 -26.40 -20.52 19.99
C GLY B 641 -24.91 -20.78 20.00
N ASP B 642 -24.42 -21.53 20.99
CA ASP B 642 -23.00 -21.91 21.04
C ASP B 642 -22.66 -22.97 19.99
N ILE B 643 -21.40 -23.04 19.60
CA ILE B 643 -20.96 -24.01 18.61
C ILE B 643 -20.76 -25.37 19.25
N ASP B 644 -21.35 -26.38 18.61
CA ASP B 644 -21.12 -27.76 18.98
C ASP B 644 -20.10 -28.36 18.02
N LEU B 645 -19.00 -28.86 18.56
CA LEU B 645 -18.05 -29.64 17.77
C LEU B 645 -18.25 -31.13 18.07
N SER B 646 -18.31 -31.94 17.02
CA SER B 646 -18.56 -33.38 17.16
C SER B 646 -17.34 -34.11 17.75
N ARG B 647 -16.15 -33.60 17.47
CA ARG B 647 -14.89 -34.13 18.02
C ARG B 647 -14.09 -32.95 18.57
N SER B 648 -13.36 -33.18 19.65
CA SER B 648 -12.35 -32.21 20.10
C SER B 648 -11.00 -32.45 19.41
N THR B 649 -10.78 -33.65 18.89
CA THR B 649 -9.56 -34.03 18.24
C THR B 649 -9.85 -34.88 17.00
N ILE B 650 -9.10 -34.63 15.93
CA ILE B 650 -9.10 -35.45 14.74
C ILE B 650 -7.65 -35.62 14.27
N ASP B 651 -7.40 -36.66 13.49
CA ASP B 651 -6.07 -36.87 12.91
C ASP B 651 -6.13 -36.57 11.42
N MET B 652 -5.04 -36.81 10.72
CA MET B 652 -4.90 -36.41 9.32
C MET B 652 -5.94 -37.07 8.38
N THR B 653 -6.54 -38.15 8.85
CA THR B 653 -7.52 -38.92 8.09
C THR B 653 -8.97 -38.69 8.55
N GLY B 654 -9.16 -37.88 9.59
CA GLY B 654 -10.44 -37.75 10.24
C GLY B 654 -11.29 -36.59 9.75
N GLU B 655 -12.32 -36.30 10.50
CA GLU B 655 -13.27 -35.24 10.18
C GLU B 655 -14.11 -34.92 11.39
N LEU B 656 -14.69 -33.73 11.41
CA LEU B 656 -15.66 -33.36 12.42
C LEU B 656 -16.71 -32.45 11.83
N THR B 657 -17.77 -32.29 12.61
CA THR B 657 -18.86 -31.40 12.28
C THR B 657 -18.93 -30.28 13.32
N ALA B 658 -19.00 -29.05 12.80
CA ALA B 658 -19.27 -27.86 13.61
C ALA B 658 -20.72 -27.47 13.36
N ALA B 659 -21.51 -27.41 14.42
CA ALA B 659 -22.95 -27.14 14.34
C ALA B 659 -23.34 -25.95 15.20
N VAL B 660 -24.21 -25.10 14.68
CA VAL B 660 -24.75 -23.98 15.47
C VAL B 660 -26.22 -23.86 15.15
N MET B 661 -27.01 -23.58 16.18
CA MET B 661 -28.43 -23.28 15.96
C MET B 661 -28.61 -21.78 15.67
N VAL B 662 -29.32 -21.47 14.60
CA VAL B 662 -29.61 -20.09 14.20
C VAL B 662 -31.12 -19.87 14.27
N THR B 663 -31.53 -18.82 14.98
CA THR B 663 -32.92 -18.53 15.25
C THR B 663 -33.29 -17.13 14.78
N ASN B 664 -34.36 -17.05 14.00
CA ASN B 664 -34.94 -15.78 13.60
C ASN B 664 -35.71 -15.23 14.80
N THR B 665 -35.13 -14.22 15.45
CA THR B 665 -35.67 -13.64 16.67
C THR B 665 -36.43 -12.33 16.44
N GLY B 666 -36.65 -11.93 15.19
CA GLY B 666 -37.40 -10.70 14.88
C GLY B 666 -38.77 -11.00 14.28
N THR B 667 -39.34 -10.00 13.62
CA THR B 667 -40.75 -10.07 13.17
C THR B 667 -40.93 -10.36 11.67
N TRP B 668 -39.82 -10.49 10.93
CA TRP B 668 -39.85 -10.64 9.48
C TRP B 668 -39.26 -11.98 9.06
N PRO B 669 -39.86 -12.63 8.03
CA PRO B 669 -39.12 -13.70 7.34
C PRO B 669 -37.87 -13.11 6.66
N GLY B 670 -36.80 -13.87 6.59
CA GLY B 670 -35.59 -13.39 5.91
C GLY B 670 -34.50 -14.41 5.83
N SER B 671 -33.50 -14.12 5.00
CA SER B 671 -32.35 -14.97 4.86
C SER B 671 -31.14 -14.44 5.66
N GLU B 672 -30.29 -15.37 6.06
CA GLU B 672 -29.08 -15.10 6.79
C GLU B 672 -27.97 -15.91 6.13
N VAL B 673 -26.84 -15.27 5.88
CA VAL B 673 -25.65 -15.96 5.40
C VAL B 673 -24.84 -16.32 6.61
N VAL B 674 -24.82 -17.61 6.94
CA VAL B 674 -24.08 -18.11 8.10
C VAL B 674 -22.68 -18.40 7.59
N GLN B 675 -21.66 -17.83 8.25
CA GLN B 675 -20.29 -17.81 7.71
C GLN B 675 -19.37 -18.61 8.61
N LEU B 676 -18.52 -19.46 7.99
CA LEU B 676 -17.57 -20.30 8.72
C LEU B 676 -16.17 -19.80 8.53
N TYR B 677 -15.53 -19.43 9.64
CA TYR B 677 -14.11 -19.03 9.63
C TYR B 677 -13.26 -20.01 10.44
N ILE B 678 -12.03 -20.19 10.01
CA ILE B 678 -11.04 -20.99 10.73
C ILE B 678 -9.78 -20.17 10.93
N ARG B 679 -9.22 -20.28 12.13
CA ARG B 679 -7.93 -19.73 12.47
C ARG B 679 -7.03 -20.88 12.86
N ASP B 680 -5.91 -20.99 12.14
CA ASP B 680 -4.82 -21.89 12.48
C ASP B 680 -4.00 -21.17 13.56
N LEU B 681 -4.07 -21.62 14.81
CA LEU B 681 -3.59 -20.78 15.93
C LEU B 681 -2.10 -20.52 15.89
N VAL B 682 -1.34 -21.56 15.55
CA VAL B 682 0.12 -21.51 15.51
C VAL B 682 0.54 -22.09 14.18
N GLY B 683 1.47 -21.45 13.50
CA GLY B 683 2.01 -22.00 12.25
C GLY B 683 3.51 -21.94 12.21
N SER B 684 4.10 -22.72 11.31
CA SER B 684 5.52 -22.62 11.03
C SER B 684 5.83 -21.29 10.29
N THR B 685 4.81 -20.71 9.65
CA THR B 685 4.81 -19.31 9.21
C THR B 685 3.59 -18.67 9.87
N THR B 686 3.52 -17.34 9.88
CA THR B 686 2.38 -16.64 10.48
C THR B 686 1.16 -16.87 9.63
N ARG B 687 0.02 -17.06 10.30
CA ARG B 687 -1.23 -17.42 9.69
C ARG B 687 -2.24 -16.33 9.98
N PRO B 688 -3.21 -16.13 9.08
CA PRO B 688 -4.21 -15.10 9.33
C PRO B 688 -5.04 -15.33 10.59
N VAL B 689 -5.57 -14.23 11.10
CA VAL B 689 -6.42 -14.27 12.29
C VAL B 689 -7.74 -15.00 12.02
N LYS B 690 -8.12 -15.07 10.75
CA LYS B 690 -9.15 -15.99 10.30
C LYS B 690 -9.21 -16.07 8.77
N GLU B 691 -9.81 -17.15 8.29
CA GLU B 691 -10.06 -17.37 6.87
C GLU B 691 -11.44 -17.97 6.71
N LEU B 692 -12.21 -17.41 5.78
CA LEU B 692 -13.49 -18.02 5.38
C LEU B 692 -13.21 -19.40 4.78
N LYS B 693 -13.90 -20.41 5.30
CA LYS B 693 -13.77 -21.76 4.78
C LYS B 693 -15.11 -22.39 4.45
N GLY B 694 -16.20 -21.66 4.65
CA GLY B 694 -17.51 -22.17 4.29
C GLY B 694 -18.59 -21.15 4.56
N PHE B 695 -19.76 -21.43 4.00
CA PHE B 695 -20.92 -20.60 4.26
C PHE B 695 -22.17 -21.34 3.84
N GLN B 696 -23.30 -20.95 4.43
CA GLN B 696 -24.60 -21.46 4.04
C GLN B 696 -25.61 -20.35 4.18
N LYS B 697 -26.33 -20.09 3.10
CA LYS B 697 -27.39 -19.08 3.12
C LYS B 697 -28.71 -19.75 3.49
N ILE B 698 -29.26 -19.41 4.63
CA ILE B 698 -30.51 -20.04 5.12
C ILE B 698 -31.68 -19.06 5.04
N PHE B 699 -32.90 -19.58 5.06
CA PHE B 699 -34.11 -18.75 5.08
C PHE B 699 -34.95 -19.20 6.26
N LEU B 700 -35.37 -18.26 7.10
CA LEU B 700 -36.10 -18.57 8.32
C LEU B 700 -37.33 -17.67 8.49
N GLU B 701 -38.44 -18.28 8.93
CA GLU B 701 -39.65 -17.54 9.28
C GLU B 701 -39.45 -16.98 10.69
N PRO B 702 -40.24 -15.95 11.08
CA PRO B 702 -40.16 -15.46 12.46
C PRO B 702 -40.33 -16.60 13.48
N GLY B 703 -39.51 -16.59 14.53
CA GLY B 703 -39.52 -17.64 15.55
C GLY B 703 -38.82 -18.96 15.22
N GLN B 704 -38.54 -19.20 13.93
CA GLN B 704 -38.01 -20.49 13.45
C GLN B 704 -36.48 -20.62 13.65
N SER B 705 -36.03 -21.88 13.84
CA SER B 705 -34.64 -22.23 14.07
C SER B 705 -34.13 -23.25 13.05
N GLU B 706 -32.83 -23.28 12.85
CA GLU B 706 -32.18 -24.27 11.99
C GLU B 706 -30.79 -24.55 12.56
N ILE B 707 -30.45 -25.82 12.69
CA ILE B 707 -29.11 -26.25 13.06
C ILE B 707 -28.34 -26.28 11.76
N VAL B 708 -27.34 -25.39 11.65
CA VAL B 708 -26.48 -25.30 10.47
C VAL B 708 -25.21 -26.10 10.77
N ARG B 709 -24.82 -26.95 9.83
CA ARG B 709 -23.75 -27.91 10.06
C ARG B 709 -22.68 -27.74 9.03
N PHE B 710 -21.43 -27.59 9.49
CA PHE B 710 -20.28 -27.57 8.60
C PHE B 710 -19.38 -28.78 8.83
N LYS B 711 -19.07 -29.46 7.74
CA LYS B 711 -18.03 -30.45 7.71
C LYS B 711 -16.65 -29.80 7.75
N ILE B 712 -15.79 -30.26 8.66
CA ILE B 712 -14.39 -29.82 8.73
C ILE B 712 -13.45 -31.02 8.60
N ALA B 713 -12.59 -30.98 7.59
CA ALA B 713 -11.60 -32.03 7.35
C ALA B 713 -10.23 -31.42 7.07
N PRO B 714 -9.14 -32.18 7.31
CA PRO B 714 -7.77 -31.69 7.09
C PRO B 714 -7.47 -31.03 5.77
N GLU B 715 -8.11 -31.45 4.68
CA GLU B 715 -7.89 -30.79 3.39
C GLU B 715 -8.27 -29.29 3.40
N MET B 716 -9.26 -28.93 4.20
CA MET B 716 -9.69 -27.53 4.38
C MET B 716 -8.69 -26.68 5.19
N LEU B 717 -7.87 -27.35 5.99
CA LEU B 717 -6.90 -26.72 6.88
C LEU B 717 -5.51 -26.55 6.26
N ARG B 718 -5.36 -26.93 4.99
CA ARG B 718 -4.09 -26.84 4.31
C ARG B 718 -3.78 -25.41 3.90
N TYR B 719 -2.49 -25.07 3.87
CA TYR B 719 -2.05 -23.78 3.33
C TYR B 719 -0.63 -23.94 2.78
N TYR B 720 -0.16 -22.94 2.04
CA TYR B 720 1.17 -22.99 1.44
C TYR B 720 2.20 -22.48 2.45
N ASN B 721 3.07 -23.37 2.90
CA ASN B 721 4.10 -23.05 3.88
C ASN B 721 5.26 -22.28 3.25
N TYR B 722 6.31 -22.05 4.04
CA TYR B 722 7.48 -21.31 3.63
C TYR B 722 8.11 -21.83 2.32
N ASP B 723 8.14 -23.15 2.15
CA ASP B 723 8.65 -23.79 0.92
C ASP B 723 7.58 -24.05 -0.13
N LEU B 724 6.43 -23.36 0.00
CA LEU B 724 5.30 -23.49 -0.92
C LEU B 724 4.69 -24.90 -1.08
N GLN B 725 4.81 -25.73 -0.05
N GLN B 725 4.81 -25.73 -0.05
CA GLN B 725 4.14 -27.03 -0.01
CA GLN B 725 4.15 -27.02 0.00
C GLN B 725 2.76 -26.84 0.58
C GLN B 725 2.75 -26.81 0.58
N LEU B 726 1.74 -27.39 -0.07
CA LEU B 726 0.35 -27.23 0.39
C LEU B 726 0.07 -28.30 1.46
N VAL B 727 0.14 -27.90 2.74
CA VAL B 727 0.12 -28.83 3.89
C VAL B 727 -0.80 -28.35 5.00
N ALA B 728 -1.41 -29.29 5.72
CA ALA B 728 -2.04 -29.02 7.00
C ALA B 728 -1.07 -29.47 8.09
N GLU B 729 -0.73 -28.57 9.02
CA GLU B 729 0.17 -28.90 10.11
C GLU B 729 -0.63 -29.26 11.34
N PRO B 730 -0.14 -30.23 12.13
CA PRO B 730 -0.84 -30.55 13.38
C PRO B 730 -0.79 -29.41 14.38
N GLY B 731 -1.81 -29.32 15.20
CA GLY B 731 -1.90 -28.30 16.23
C GLY B 731 -3.33 -27.87 16.32
N GLU B 732 -3.55 -26.75 16.98
CA GLU B 732 -4.88 -26.33 17.33
C GLU B 732 -5.49 -25.38 16.31
N PHE B 733 -6.80 -25.49 16.17
CA PHE B 733 -7.57 -24.64 15.28
C PHE B 733 -8.74 -24.06 16.05
N GLU B 734 -9.08 -22.81 15.73
CA GLU B 734 -10.26 -22.17 16.28
C GLU B 734 -11.29 -22.07 15.15
N VAL B 735 -12.48 -22.62 15.41
CA VAL B 735 -13.60 -22.58 14.48
C VAL B 735 -14.49 -21.43 14.88
N MET B 736 -14.84 -20.59 13.92
CA MET B 736 -15.67 -19.42 14.19
C MET B 736 -16.87 -19.39 13.25
N ILE B 737 -18.07 -19.23 13.80
CA ILE B 737 -19.27 -19.14 12.99
C ILE B 737 -20.10 -17.95 13.42
N GLY B 738 -20.60 -17.21 12.43
CA GLY B 738 -21.38 -16.03 12.68
C GLY B 738 -21.89 -15.29 11.46
N THR B 739 -22.52 -14.17 11.79
CA THR B 739 -23.25 -13.31 10.86
C THR B 739 -22.35 -12.38 10.01
N ASN B 740 -21.08 -12.24 10.39
CA ASN B 740 -20.06 -11.53 9.64
C ASN B 740 -18.69 -11.97 10.17
N SER B 741 -17.62 -11.39 9.63
CA SER B 741 -16.25 -11.77 10.01
C SER B 741 -15.82 -11.27 11.40
N ARG B 742 -16.59 -10.34 11.98
CA ARG B 742 -16.30 -9.75 13.29
C ARG B 742 -17.10 -10.38 14.43
N ASP B 743 -18.40 -10.59 14.23
CA ASP B 743 -19.30 -11.03 15.29
C ASP B 743 -19.53 -12.54 15.14
N VAL B 744 -18.77 -13.31 15.90
CA VAL B 744 -18.75 -14.76 15.73
C VAL B 744 -18.82 -15.49 17.06
N LYS B 745 -19.37 -16.70 17.01
CA LYS B 745 -19.17 -17.70 18.07
C LYS B 745 -17.91 -18.50 17.78
N SER B 746 -17.35 -19.06 18.84
CA SER B 746 -16.04 -19.68 18.79
C SER B 746 -15.97 -21.06 19.47
N ALA B 747 -15.20 -21.98 18.88
CA ALA B 747 -14.81 -23.24 19.53
C ALA B 747 -13.47 -23.73 18.99
N ARG B 748 -12.77 -24.59 19.73
CA ARG B 748 -11.46 -25.10 19.27
C ARG B 748 -11.39 -26.63 19.19
N PHE B 749 -10.58 -27.11 18.26
CA PHE B 749 -10.23 -28.52 18.17
C PHE B 749 -8.76 -28.63 17.83
N THR B 750 -8.25 -29.86 17.92
CA THR B 750 -6.85 -30.16 17.66
C THR B 750 -6.68 -31.13 16.48
N LEU B 751 -5.76 -30.82 15.58
CA LEU B 751 -5.33 -31.74 14.53
C LEU B 751 -4.08 -32.50 15.00
N LYS B 752 -4.15 -33.83 15.09
CA LYS B 752 -3.00 -34.67 15.51
C LYS B 752 -2.28 -35.38 14.36
C2 BGC C . -13.11 -2.28 -25.15
C3 BGC C . -13.83 -3.54 -24.68
C4 BGC C . -15.33 -3.37 -24.75
C5 BGC C . -15.65 -3.05 -26.22
C6 BGC C . -17.16 -2.97 -26.51
C1 BGC C . -13.52 -2.01 -26.61
O1 BGC C . -12.89 -0.87 -27.21
O2 BGC C . -11.75 -2.65 -24.93
O3 BGC C . -13.39 -3.91 -23.37
O4 BGC C . -15.92 -4.60 -24.30
O5 BGC C . -14.96 -1.85 -26.62
O6 BGC C . -17.75 -1.81 -25.93
C2 BGC C . -9.92 -2.54 -23.42
C3 BGC C . -8.87 -1.60 -22.90
C4 BGC C . -8.36 -0.73 -24.03
C5 BGC C . -9.50 -0.01 -24.74
C6 BGC C . -9.11 0.47 -26.11
C1 BGC C . -11.04 -1.75 -24.10
O2 BGC C . -10.45 -3.30 -22.35
O3 BGC C . -7.83 -2.40 -22.34
O4 BGC C . -7.44 0.24 -23.53
O5 BGC C . -10.60 -0.84 -25.04
O6 BGC C . -9.78 1.69 -26.25
C2 BGC C . -10.40 -5.21 -20.93
C3 BGC C . -10.61 -6.72 -20.82
C4 BGC C . -11.53 -7.19 -21.92
C5 BGC C . -10.91 -6.80 -23.26
C6 BGC C . -11.59 -7.37 -24.51
C1 BGC C . -10.16 -4.70 -22.36
O2 BGC C . -9.30 -4.84 -20.10
O3 BGC C . -11.12 -7.10 -19.54
O4 BGC C . -11.70 -8.58 -21.76
O5 BGC C . -10.95 -5.38 -23.34
O6 BGC C . -12.95 -6.96 -24.57
MG MG D . 19.21 -2.61 -20.75
C2 BGC E . 12.99 0.93 19.35
C3 BGC E . 14.32 0.54 18.72
C4 BGC E . 15.42 0.88 19.72
C5 BGC E . 15.15 0.04 20.98
C6 BGC E . 16.17 -0.03 22.09
C1 BGC E . 12.82 0.41 20.76
O1 BGC E . 11.70 1.01 21.41
O2 BGC E . 12.00 0.39 18.49
O3 BGC E . 14.39 1.12 17.41
O4 BGC E . 16.65 0.65 19.10
O5 BGC E . 14.00 0.67 21.56
O6 BGC E . 16.20 1.23 22.78
C1 PEG F . 43.17 13.80 29.47
O1 PEG F . 42.11 12.85 29.63
C2 PEG F . 43.44 14.03 28.00
O2 PEG F . 42.35 14.74 27.41
C3 PEG F . 42.53 14.97 26.01
C4 PEG F . 41.48 14.19 25.21
O4 PEG F . 40.62 15.04 24.44
O1 PG4 G . 43.79 -15.56 35.37
C1 PG4 G . 43.33 -16.65 34.57
C2 PG4 G . 44.00 -16.68 33.20
O2 PG4 G . 43.02 -16.88 32.18
C3 PG4 G . 43.55 -16.82 30.84
C4 PG4 G . 42.53 -16.23 29.85
O3 PG4 G . 41.19 -16.24 30.37
C5 PG4 G . 40.52 -14.98 30.25
C6 PG4 G . 39.19 -15.00 30.97
O4 PG4 G . 39.29 -14.34 32.23
C7 PG4 G . 38.37 -14.74 33.25
C8 PG4 G . 39.11 -14.81 34.59
O5 PG4 G . 38.73 -15.95 35.41
MG MG H . -1.11 -24.82 13.45
#